data_4YPI
#
_entry.id   4YPI
#
_cell.length_a   149.752
_cell.length_b   194.818
_cell.length_c   347.684
_cell.angle_alpha   90.000
_cell.angle_beta   90.000
_cell.angle_gamma   90.000
#
_symmetry.space_group_name_H-M   'F 2 2 2'
#
loop_
_entity.id
_entity.type
_entity.pdbx_description
1 polymer Nucleoprotein
2 polymer 'Polymerase cofactor VP35'
#
loop_
_entity_poly.entity_id
_entity_poly.type
_entity_poly.pdbx_seq_one_letter_code
_entity_poly.pdbx_strand_id
1 'polypeptide(L)'
;QRVIPVYQVNNLEEICQLIIQAFEAGVDFQESADSFLLMLCLHHAYQGDYKLFLESGAVKYLEGHGFRFEVKKRDGVKRL
EELLPAVSSGKNIKRTLAAMPEEETTEANAGQFLSFASLFLPKLVVGEKACLEKVQRQIQVHAEQGLIQYPTAWQSVGHM
MVIFRLMRTNFLIKFLLIHQGMHMVAGHDANDAVISNSVAQARFSGLLIVKTVLDHILQKTERGVRLHPLARTAKVKNEV
NSFKAALSSLAKHGEYAPFARLLNLSGVNNLEHGLFPQLSAIALGVATAHGSTLAGVNVGEQYQQLREAATEAEKQLQQY
AESRELDHLGLDDQEKKILMNFHQKKNE
;
C,A,B,D
2 'polypeptide(L)' MPGPELSGWISEQLMTGRIPVSDIFCDI G,E,F,H
#
# COMPACT_ATOMS: atom_id res chain seq x y z
N GLN A 1 -60.07 -13.20 25.71
CA GLN A 1 -58.91 -12.35 26.16
C GLN A 1 -58.50 -12.71 27.58
N ARG A 2 -57.54 -13.64 27.69
CA ARG A 2 -57.21 -14.26 28.98
C ARG A 2 -56.47 -13.30 29.91
N VAL A 3 -56.81 -13.37 31.19
CA VAL A 3 -56.18 -12.55 32.20
C VAL A 3 -55.32 -13.42 33.10
N ILE A 4 -54.06 -13.03 33.25
CA ILE A 4 -53.07 -13.83 33.95
C ILE A 4 -52.74 -13.23 35.31
N PRO A 5 -53.14 -13.90 36.41
CA PRO A 5 -52.84 -13.36 37.72
C PRO A 5 -51.36 -13.52 38.08
N VAL A 6 -50.73 -12.44 38.52
CA VAL A 6 -49.35 -12.51 38.98
C VAL A 6 -49.31 -12.28 40.50
N TYR A 7 -48.56 -13.12 41.19
CA TYR A 7 -48.57 -13.12 42.65
C TYR A 7 -47.34 -12.38 43.20
N GLN A 8 -47.41 -12.02 44.48
CA GLN A 8 -46.33 -11.30 45.15
C GLN A 8 -46.03 -11.95 46.50
N VAL A 9 -44.78 -12.33 46.70
CA VAL A 9 -44.36 -13.07 47.90
C VAL A 9 -43.02 -12.52 48.41
N ASN A 10 -42.80 -12.69 49.71
CA ASN A 10 -41.53 -12.29 50.32
C ASN A 10 -40.39 -13.18 49.84
N ASN A 11 -40.54 -14.48 50.07
CA ASN A 11 -39.57 -15.46 49.60
C ASN A 11 -39.98 -16.01 48.24
N LEU A 12 -39.27 -15.58 47.20
CA LEU A 12 -39.48 -16.07 45.84
C LEU A 12 -38.74 -17.39 45.61
N GLU A 13 -37.44 -17.39 45.94
CA GLU A 13 -36.56 -18.53 45.69
C GLU A 13 -37.19 -19.88 46.06
N GLU A 14 -37.84 -19.92 47.22
CA GLU A 14 -38.53 -21.13 47.69
C GLU A 14 -39.64 -21.53 46.73
N ILE A 15 -40.51 -20.57 46.42
CA ILE A 15 -41.61 -20.79 45.47
C ILE A 15 -41.04 -21.32 44.16
N CYS A 16 -40.00 -20.64 43.67
CA CYS A 16 -39.33 -21.05 42.44
C CYS A 16 -38.83 -22.49 42.52
N GLN A 17 -37.99 -22.80 43.51
CA GLN A 17 -37.44 -24.16 43.60
C GLN A 17 -38.57 -25.19 43.72
N LEU A 18 -39.61 -24.83 44.49
CA LEU A 18 -40.78 -25.70 44.59
C LEU A 18 -41.53 -25.86 43.26
N ILE A 19 -41.49 -24.83 42.40
CA ILE A 19 -42.02 -24.96 41.03
C ILE A 19 -41.13 -25.89 40.21
N ILE A 20 -39.83 -25.61 40.22
CA ILE A 20 -38.84 -26.46 39.54
C ILE A 20 -39.06 -27.93 39.90
N GLN A 21 -39.20 -28.20 41.21
CA GLN A 21 -39.51 -29.56 41.66
C GLN A 21 -40.81 -30.09 41.07
N ALA A 22 -41.85 -29.26 41.03
CA ALA A 22 -43.14 -29.65 40.47
C ALA A 22 -43.02 -30.03 38.99
N PHE A 23 -42.26 -29.23 38.24
CA PHE A 23 -41.98 -29.56 36.85
C PHE A 23 -41.14 -30.82 36.74
N GLU A 24 -40.13 -30.96 37.58
CA GLU A 24 -39.37 -32.22 37.66
C GLU A 24 -40.27 -33.42 37.87
N ALA A 25 -41.24 -33.28 38.77
CA ALA A 25 -42.27 -34.31 38.97
C ALA A 25 -43.15 -34.47 37.75
N GLY A 26 -43.36 -33.37 37.03
CA GLY A 26 -44.05 -33.39 35.74
C GLY A 26 -45.53 -33.11 35.88
N VAL A 27 -45.85 -32.14 36.73
CA VAL A 27 -47.24 -31.77 36.98
C VAL A 27 -47.78 -31.04 35.76
N ASP A 28 -49.06 -31.21 35.50
CA ASP A 28 -49.68 -30.56 34.36
C ASP A 28 -50.43 -29.32 34.82
N PHE A 29 -49.70 -28.24 35.03
CA PHE A 29 -50.31 -26.93 35.26
C PHE A 29 -51.06 -26.56 33.99
N GLN A 30 -52.07 -25.69 34.13
CA GLN A 30 -52.86 -25.27 32.98
C GLN A 30 -53.04 -23.76 32.99
N GLU A 31 -53.69 -23.25 34.01
CA GLU A 31 -53.92 -21.81 34.13
C GLU A 31 -52.71 -21.13 34.76
N SER A 32 -52.23 -21.69 35.86
CA SER A 32 -51.21 -21.03 36.70
C SER A 32 -49.79 -21.15 36.17
N ALA A 33 -49.59 -22.05 35.20
CA ALA A 33 -48.31 -22.18 34.52
C ALA A 33 -47.75 -20.80 34.19
N ASP A 34 -48.60 -19.97 33.59
CA ASP A 34 -48.25 -18.61 33.23
C ASP A 34 -47.71 -17.84 34.43
N SER A 35 -48.44 -17.91 35.55
CA SER A 35 -48.04 -17.23 36.80
C SER A 35 -46.72 -17.74 37.36
N PHE A 36 -46.55 -19.06 37.37
CA PHE A 36 -45.31 -19.64 37.89
C PHE A 36 -44.11 -19.30 37.01
N LEU A 37 -44.29 -19.46 35.71
CA LEU A 37 -43.25 -19.09 34.76
C LEU A 37 -42.94 -17.59 34.89
N LEU A 38 -44.00 -16.79 35.08
CA LEU A 38 -43.86 -15.39 35.43
C LEU A 38 -42.97 -15.20 36.64
N MET A 39 -43.21 -15.99 37.69
CA MET A 39 -42.35 -15.93 38.88
C MET A 39 -40.90 -16.29 38.57
N LEU A 40 -40.70 -17.41 37.88
CA LEU A 40 -39.34 -17.84 37.52
C LEU A 40 -38.62 -16.73 36.75
N CYS A 41 -39.29 -16.24 35.72
CA CYS A 41 -38.76 -15.17 34.88
C CYS A 41 -38.47 -13.92 35.70
N LEU A 42 -39.40 -13.56 36.58
CA LEU A 42 -39.19 -12.44 37.50
C LEU A 42 -37.90 -12.65 38.27
N HIS A 43 -37.88 -13.72 39.05
CA HIS A 43 -36.74 -14.04 39.90
C HIS A 43 -35.43 -14.02 39.13
N HIS A 44 -35.37 -14.70 37.98
CA HIS A 44 -34.12 -14.78 37.24
C HIS A 44 -33.77 -13.48 36.54
N ALA A 45 -34.65 -13.04 35.64
CA ALA A 45 -34.38 -11.89 34.78
C ALA A 45 -34.52 -10.56 35.51
N TYR A 46 -35.66 -10.35 36.16
CA TYR A 46 -35.97 -9.05 36.74
C TYR A 46 -35.74 -8.96 38.25
N GLN A 47 -35.02 -9.94 38.80
CA GLN A 47 -34.51 -9.87 40.16
C GLN A 47 -35.60 -9.71 41.23
N GLY A 48 -36.84 -10.05 40.89
CA GLY A 48 -37.98 -9.87 41.79
C GLY A 48 -38.60 -8.48 41.75
N ASP A 49 -37.99 -7.54 41.02
CA ASP A 49 -38.50 -6.17 40.95
C ASP A 49 -39.80 -6.13 40.17
N TYR A 50 -40.93 -6.12 40.88
CA TYR A 50 -42.24 -6.18 40.23
C TYR A 50 -42.52 -4.92 39.43
N LYS A 51 -42.14 -3.77 39.97
CA LYS A 51 -42.28 -2.49 39.28
C LYS A 51 -41.45 -2.49 37.99
N LEU A 52 -40.16 -2.80 38.13
CA LEU A 52 -39.24 -2.86 36.99
C LEU A 52 -39.78 -3.82 35.94
N PHE A 53 -40.17 -5.01 36.39
CA PHE A 53 -40.75 -6.03 35.52
C PHE A 53 -41.98 -5.51 34.78
N LEU A 54 -42.93 -4.96 35.52
CA LEU A 54 -44.19 -4.50 34.93
C LEU A 54 -43.98 -3.27 34.03
N GLU A 55 -42.92 -2.50 34.30
CA GLU A 55 -42.56 -1.37 33.44
C GLU A 55 -41.76 -1.78 32.19
N SER A 56 -41.03 -2.90 32.28
CA SER A 56 -40.22 -3.38 31.15
C SER A 56 -41.01 -3.64 29.87
N GLY A 57 -40.31 -3.63 28.73
CA GLY A 57 -40.95 -3.70 27.42
C GLY A 57 -41.85 -4.89 27.21
N ALA A 58 -41.32 -6.08 27.46
CA ALA A 58 -42.04 -7.35 27.26
C ALA A 58 -43.49 -7.27 27.76
N VAL A 59 -43.63 -6.86 29.01
CA VAL A 59 -44.93 -6.74 29.65
C VAL A 59 -45.83 -5.79 28.86
N LYS A 60 -45.29 -4.63 28.49
CA LYS A 60 -46.06 -3.64 27.74
C LYS A 60 -46.49 -4.21 26.39
N TYR A 61 -45.58 -4.88 25.70
CA TYR A 61 -45.89 -5.51 24.43
C TYR A 61 -46.97 -6.58 24.59
N LEU A 62 -46.87 -7.38 25.64
CA LEU A 62 -47.85 -8.46 25.85
C LEU A 62 -49.23 -7.90 26.23
N GLU A 63 -49.23 -6.91 27.12
CA GLU A 63 -50.46 -6.17 27.44
C GLU A 63 -51.05 -5.56 26.17
N GLY A 64 -50.20 -5.01 25.32
CA GLY A 64 -50.62 -4.48 24.01
C GLY A 64 -51.17 -5.57 23.09
N HIS A 65 -50.61 -6.77 23.20
CA HIS A 65 -51.05 -7.92 22.40
C HIS A 65 -52.41 -8.42 22.87
N GLY A 66 -52.58 -8.63 24.17
CA GLY A 66 -53.89 -9.03 24.69
C GLY A 66 -53.93 -9.67 26.06
N PHE A 67 -52.93 -10.48 26.37
CA PHE A 67 -52.88 -11.20 27.65
C PHE A 67 -52.46 -10.24 28.77
N ARG A 68 -53.44 -9.79 29.56
CA ARG A 68 -53.22 -8.78 30.59
C ARG A 68 -53.02 -9.37 31.99
N PHE A 69 -52.37 -8.63 32.87
CA PHE A 69 -52.00 -9.11 34.20
C PHE A 69 -52.78 -8.43 35.33
N GLU A 70 -52.57 -8.94 36.54
CA GLU A 70 -53.05 -8.29 37.77
C GLU A 70 -52.28 -8.82 38.99
N VAL A 71 -51.92 -7.90 39.89
CA VAL A 71 -51.13 -8.25 41.08
C VAL A 71 -52.00 -8.92 42.14
N LYS A 72 -51.42 -9.86 42.87
CA LYS A 72 -52.07 -10.51 44.00
C LYS A 72 -51.07 -10.73 45.12
N LYS A 73 -51.28 -10.06 46.25
CA LYS A 73 -50.30 -10.03 47.33
C LYS A 73 -50.50 -11.21 48.30
N ARG A 74 -49.57 -12.15 48.28
CA ARG A 74 -49.62 -13.34 49.14
C ARG A 74 -48.27 -13.56 49.80
N ASP A 75 -48.07 -12.88 50.94
CA ASP A 75 -46.79 -12.91 51.65
C ASP A 75 -46.54 -14.21 52.42
N GLY A 76 -47.55 -14.69 53.13
CA GLY A 76 -47.42 -15.87 53.98
C GLY A 76 -47.72 -17.16 53.24
N VAL A 77 -46.70 -17.71 52.60
CA VAL A 77 -46.83 -18.97 51.84
C VAL A 77 -45.56 -19.82 51.96
N LYS A 78 -45.75 -21.11 52.22
CA LYS A 78 -44.64 -22.06 52.30
C LYS A 78 -44.78 -23.15 51.23
N ARG A 79 -45.90 -23.85 51.24
CA ARG A 79 -46.20 -24.87 50.23
C ARG A 79 -46.81 -24.22 48.98
N LEU A 80 -46.83 -24.98 47.87
CA LEU A 80 -47.31 -24.47 46.57
C LEU A 80 -48.82 -24.64 46.44
N GLU A 81 -49.32 -25.77 46.93
CA GLU A 81 -50.75 -26.13 46.81
C GLU A 81 -51.72 -25.00 47.18
N GLU A 82 -51.29 -24.10 48.07
CA GLU A 82 -52.13 -22.99 48.53
C GLU A 82 -52.24 -21.83 47.55
N LEU A 83 -51.37 -21.78 46.55
CA LEU A 83 -51.43 -20.69 45.55
C LEU A 83 -52.25 -20.98 44.33
N LEU A 84 -53.01 -22.07 44.33
CA LEU A 84 -53.66 -22.58 43.13
C LEU A 84 -55.20 -22.55 43.13
N PRO A 85 -55.82 -21.87 44.13
CA PRO A 85 -57.27 -22.06 44.21
C PRO A 85 -58.02 -21.49 43.00
N ALA A 86 -58.38 -22.39 42.10
CA ALA A 86 -59.16 -22.11 40.90
C ALA A 86 -59.48 -23.48 40.37
N VAL A 87 -60.76 -23.85 40.46
CA VAL A 87 -61.14 -25.25 40.72
C VAL A 87 -60.78 -26.30 39.64
N SER A 88 -61.22 -26.09 38.40
CA SER A 88 -60.70 -26.80 37.21
C SER A 88 -60.23 -28.26 37.48
N SER A 89 -58.94 -28.59 37.29
CA SER A 89 -58.38 -29.91 37.67
C SER A 89 -57.56 -29.88 38.98
N GLY A 90 -57.84 -28.86 39.79
CA GLY A 90 -57.04 -28.56 40.97
C GLY A 90 -56.86 -29.69 41.93
N LYS A 91 -57.90 -30.49 42.19
CA LYS A 91 -57.74 -31.64 43.08
C LYS A 91 -56.83 -32.69 42.45
N ASN A 92 -56.92 -32.86 41.12
CA ASN A 92 -56.03 -33.80 40.42
C ASN A 92 -54.60 -33.32 40.53
N ILE A 93 -54.38 -32.07 40.12
CA ILE A 93 -53.03 -31.51 40.17
C ILE A 93 -52.51 -31.58 41.61
N LYS A 94 -53.36 -31.24 42.57
CA LYS A 94 -53.01 -31.33 43.99
C LYS A 94 -52.61 -32.73 44.36
N ARG A 95 -53.39 -33.72 43.96
CA ARG A 95 -53.00 -35.10 44.20
C ARG A 95 -51.57 -35.25 43.73
N THR A 96 -51.29 -34.75 42.53
CA THR A 96 -49.94 -34.90 41.99
C THR A 96 -48.89 -34.16 42.84
N LEU A 97 -49.25 -33.04 43.44
CA LEU A 97 -48.30 -32.32 44.32
C LEU A 97 -48.05 -33.08 45.62
N ALA A 98 -49.15 -33.38 46.31
CA ALA A 98 -49.10 -34.19 47.53
C ALA A 98 -48.38 -35.50 47.31
N ALA A 99 -48.50 -36.07 46.12
CA ALA A 99 -47.74 -37.28 45.76
C ALA A 99 -46.22 -37.10 45.80
N MET A 100 -45.74 -35.87 45.57
CA MET A 100 -44.29 -35.63 45.50
C MET A 100 -43.60 -35.90 46.83
N PRO A 101 -42.37 -36.47 46.79
CA PRO A 101 -41.57 -36.56 48.00
C PRO A 101 -40.99 -35.21 48.40
N GLU A 102 -41.20 -34.81 49.66
CA GLU A 102 -40.63 -33.54 50.17
C GLU A 102 -39.15 -33.68 50.54
N GLU A 103 -38.66 -34.91 50.64
CA GLU A 103 -37.27 -35.17 51.08
C GLU A 103 -36.22 -34.57 50.14
N GLU A 104 -36.16 -35.09 48.92
CA GLU A 104 -35.07 -34.76 48.01
C GLU A 104 -35.24 -33.40 47.35
N THR A 105 -34.11 -32.79 46.98
CA THR A 105 -34.09 -31.52 46.26
C THR A 105 -32.93 -31.52 45.28
N THR A 106 -33.17 -30.96 44.09
CA THR A 106 -32.13 -30.87 43.06
C THR A 106 -31.53 -29.48 43.04
N GLU A 107 -30.20 -29.42 42.93
CA GLU A 107 -29.50 -28.14 42.88
C GLU A 107 -29.69 -27.46 41.52
N ALA A 108 -30.76 -26.68 41.38
CA ALA A 108 -31.07 -26.02 40.12
C ALA A 108 -32.03 -24.86 40.32
N ASN A 109 -31.59 -23.67 39.91
CA ASN A 109 -32.38 -22.44 40.07
C ASN A 109 -33.03 -22.01 38.76
N ALA A 110 -33.97 -21.07 38.85
CA ALA A 110 -34.74 -20.59 37.69
C ALA A 110 -33.91 -20.54 36.42
N GLY A 111 -32.84 -19.73 36.44
CA GLY A 111 -31.96 -19.57 35.28
C GLY A 111 -31.63 -20.84 34.55
N GLN A 112 -31.31 -21.89 35.32
CA GLN A 112 -30.96 -23.18 34.75
C GLN A 112 -32.16 -23.80 34.02
N PHE A 113 -33.31 -23.75 34.68
CA PHE A 113 -34.56 -24.25 34.08
C PHE A 113 -34.93 -23.48 32.81
N LEU A 114 -34.74 -22.16 32.85
CA LEU A 114 -35.07 -21.29 31.74
C LEU A 114 -34.09 -21.45 30.58
N SER A 115 -32.82 -21.65 30.87
CA SER A 115 -31.84 -21.96 29.83
C SER A 115 -32.14 -23.33 29.23
N PHE A 116 -32.40 -24.30 30.11
CA PHE A 116 -32.78 -25.63 29.65
C PHE A 116 -34.01 -25.57 28.75
N ALA A 117 -34.98 -24.74 29.12
CA ALA A 117 -36.13 -24.49 28.24
C ALA A 117 -35.66 -23.87 26.93
N SER A 118 -34.86 -22.81 27.02
CA SER A 118 -34.34 -22.12 25.83
C SER A 118 -33.73 -23.10 24.83
N LEU A 119 -32.94 -24.04 25.35
CA LEU A 119 -32.37 -25.10 24.50
C LEU A 119 -33.36 -25.69 23.49
N PHE A 120 -34.63 -25.80 23.88
CA PHE A 120 -35.67 -26.37 23.01
C PHE A 120 -36.01 -25.51 21.81
N LEU A 121 -35.96 -24.19 21.99
CA LEU A 121 -36.48 -23.24 20.99
C LEU A 121 -36.13 -23.55 19.52
N PRO A 122 -34.85 -23.47 19.14
CA PRO A 122 -34.48 -23.51 17.73
C PRO A 122 -35.27 -24.52 16.89
N LYS A 123 -35.15 -25.80 17.19
CA LYS A 123 -35.82 -26.83 16.40
C LYS A 123 -37.24 -27.15 16.89
N LEU A 124 -37.67 -26.50 17.97
CA LEU A 124 -38.97 -26.80 18.58
C LEU A 124 -40.05 -27.04 17.54
N VAL A 125 -40.28 -26.05 16.69
CA VAL A 125 -41.40 -26.09 15.76
C VAL A 125 -41.27 -27.16 14.67
N VAL A 126 -40.09 -27.75 14.50
CA VAL A 126 -39.89 -28.78 13.50
C VAL A 126 -40.59 -30.08 13.88
N GLY A 127 -40.09 -30.76 14.89
CA GLY A 127 -40.62 -32.07 15.27
C GLY A 127 -40.03 -32.59 16.57
N GLU A 128 -40.91 -33.10 17.43
CA GLU A 128 -40.53 -33.55 18.78
C GLU A 128 -39.14 -34.19 18.77
N LYS A 129 -38.99 -35.27 18.01
CA LYS A 129 -37.72 -36.01 17.93
C LYS A 129 -36.55 -35.10 17.56
N ALA A 130 -36.71 -34.35 16.48
CA ALA A 130 -35.67 -33.44 16.01
C ALA A 130 -35.27 -32.45 17.10
N CYS A 131 -36.28 -31.83 17.71
CA CYS A 131 -36.07 -30.87 18.78
C CYS A 131 -35.34 -31.50 19.96
N LEU A 132 -35.78 -32.69 20.38
CA LEU A 132 -35.11 -33.37 21.48
C LEU A 132 -33.66 -33.70 21.13
N GLU A 133 -33.45 -34.29 19.96
CA GLU A 133 -32.09 -34.60 19.51
C GLU A 133 -31.23 -33.34 19.55
N LYS A 134 -31.75 -32.28 18.94
CA LYS A 134 -31.10 -30.97 18.97
C LYS A 134 -30.73 -30.59 20.40
N VAL A 135 -31.72 -30.62 21.30
CA VAL A 135 -31.48 -30.29 22.70
C VAL A 135 -30.31 -31.11 23.24
N GLN A 136 -30.40 -32.43 23.07
CA GLN A 136 -29.35 -33.33 23.55
C GLN A 136 -27.98 -32.92 23.02
N ARG A 137 -27.87 -32.82 21.70
CA ARG A 137 -26.59 -32.46 21.08
C ARG A 137 -26.08 -31.10 21.58
N GLN A 138 -26.98 -30.14 21.74
CA GLN A 138 -26.60 -28.82 22.25
C GLN A 138 -26.14 -28.88 23.70
N ILE A 139 -26.77 -29.74 24.51
CA ILE A 139 -26.31 -29.97 25.89
C ILE A 139 -24.93 -30.61 25.88
N GLN A 140 -24.75 -31.63 25.04
CA GLN A 140 -23.44 -32.26 24.90
C GLN A 140 -22.38 -31.24 24.46
N VAL A 141 -22.75 -30.35 23.54
CA VAL A 141 -21.86 -29.29 23.08
C VAL A 141 -21.56 -28.25 24.19
N HIS A 142 -22.57 -27.89 24.97
CA HIS A 142 -22.39 -26.96 26.09
C HIS A 142 -21.53 -27.55 27.22
N ALA A 143 -21.72 -28.85 27.47
CA ALA A 143 -20.89 -29.59 28.42
C ALA A 143 -19.47 -29.77 27.89
N GLU A 144 -19.35 -30.03 26.59
CA GLU A 144 -18.04 -30.05 25.91
C GLU A 144 -17.32 -28.71 26.05
N GLN A 145 -18.06 -27.64 25.79
CA GLN A 145 -17.57 -26.27 26.02
C GLN A 145 -17.18 -26.07 27.48
N GLY A 146 -17.99 -26.62 28.36
CA GLY A 146 -17.86 -26.36 29.79
C GLY A 146 -18.58 -25.07 30.14
N LEU A 147 -19.64 -24.78 29.38
CA LEU A 147 -20.41 -23.55 29.58
C LEU A 147 -21.42 -23.74 30.72
N ILE A 148 -21.95 -24.95 30.83
CA ILE A 148 -22.91 -25.27 31.88
C ILE A 148 -23.03 -26.79 32.08
N GLN A 149 -23.35 -27.18 33.31
CA GLN A 149 -23.64 -28.57 33.65
C GLN A 149 -25.09 -28.65 34.09
N TYR A 150 -25.90 -29.40 33.35
CA TYR A 150 -27.31 -29.58 33.68
C TYR A 150 -27.51 -30.84 34.53
N PRO A 151 -28.58 -30.88 35.34
CA PRO A 151 -28.83 -32.06 36.16
C PRO A 151 -29.17 -33.28 35.31
N THR A 152 -28.46 -34.38 35.54
CA THR A 152 -28.68 -35.63 34.80
C THR A 152 -30.10 -36.18 34.95
N ALA A 153 -30.82 -35.70 35.98
CA ALA A 153 -32.24 -35.98 36.11
C ALA A 153 -33.04 -35.41 34.94
N TRP A 154 -32.70 -34.19 34.52
CA TRP A 154 -33.43 -33.49 33.46
C TRP A 154 -33.23 -34.13 32.09
N GLN A 155 -32.04 -34.67 31.85
CA GLN A 155 -31.71 -35.29 30.57
C GLN A 155 -32.50 -36.57 30.27
N SER A 156 -33.35 -37.00 31.20
CA SER A 156 -34.34 -38.04 30.92
C SER A 156 -35.24 -37.66 29.76
N VAL A 157 -35.70 -38.67 29.02
CA VAL A 157 -36.53 -38.44 27.84
C VAL A 157 -37.86 -37.83 28.26
N GLY A 158 -38.59 -38.56 29.11
CA GLY A 158 -39.90 -38.12 29.59
C GLY A 158 -39.92 -36.67 30.00
N HIS A 159 -38.93 -36.27 30.78
CA HIS A 159 -38.78 -34.88 31.22
C HIS A 159 -38.72 -33.93 30.03
N MET A 160 -37.82 -34.25 29.10
CA MET A 160 -37.66 -33.44 27.90
C MET A 160 -38.95 -33.38 27.12
N MET A 161 -39.70 -34.48 27.08
CA MET A 161 -40.98 -34.51 26.38
C MET A 161 -42.03 -33.64 27.11
N VAL A 162 -42.01 -33.67 28.43
CA VAL A 162 -42.90 -32.81 29.23
C VAL A 162 -42.58 -31.34 28.99
N ILE A 163 -41.31 -30.97 29.21
CA ILE A 163 -40.89 -29.59 28.96
C ILE A 163 -41.21 -29.18 27.52
N PHE A 164 -40.91 -30.06 26.57
CA PHE A 164 -41.25 -29.81 25.17
C PHE A 164 -42.72 -29.52 25.03
N ARG A 165 -43.56 -30.38 25.59
CA ARG A 165 -45.01 -30.17 25.52
C ARG A 165 -45.38 -28.82 26.10
N LEU A 166 -44.76 -28.49 27.24
CA LEU A 166 -44.97 -27.18 27.88
C LEU A 166 -44.61 -26.02 26.96
N MET A 167 -43.42 -26.10 26.35
CA MET A 167 -42.95 -25.05 25.44
C MET A 167 -43.87 -24.95 24.22
N ARG A 168 -44.27 -26.09 23.66
CA ARG A 168 -45.18 -26.08 22.52
C ARG A 168 -46.53 -25.49 22.90
N THR A 169 -47.09 -25.89 24.04
CA THR A 169 -48.43 -25.45 24.43
C THR A 169 -48.48 -24.01 24.93
N ASN A 170 -47.44 -23.57 25.63
CA ASN A 170 -47.41 -22.22 26.21
C ASN A 170 -46.67 -21.20 25.33
N PHE A 171 -47.17 -19.96 25.36
CA PHE A 171 -46.65 -18.87 24.54
C PHE A 171 -45.73 -17.96 25.37
N LEU A 172 -46.30 -17.46 26.46
CA LEU A 172 -45.63 -16.56 27.37
C LEU A 172 -44.16 -16.92 27.56
N ILE A 173 -43.92 -18.11 28.11
CA ILE A 173 -42.56 -18.59 28.36
C ILE A 173 -41.63 -18.35 27.16
N LYS A 174 -42.11 -18.69 25.97
CA LYS A 174 -41.31 -18.55 24.78
C LYS A 174 -41.07 -17.07 24.55
N PHE A 175 -42.14 -16.28 24.65
CA PHE A 175 -42.03 -14.83 24.39
C PHE A 175 -41.01 -14.19 25.33
N LEU A 176 -41.04 -14.57 26.59
CA LEU A 176 -40.12 -14.03 27.59
C LEU A 176 -38.70 -14.53 27.36
N LEU A 177 -38.57 -15.84 27.15
CA LEU A 177 -37.27 -16.43 26.83
C LEU A 177 -36.63 -15.67 25.68
N ILE A 178 -37.34 -15.61 24.56
CA ILE A 178 -36.77 -14.94 23.39
C ILE A 178 -36.55 -13.46 23.69
N HIS A 179 -37.51 -12.80 24.34
CA HIS A 179 -37.36 -11.37 24.65
C HIS A 179 -36.07 -11.11 25.43
N GLN A 180 -35.80 -11.98 26.41
CA GLN A 180 -34.56 -11.91 27.16
C GLN A 180 -33.36 -12.19 26.24
N GLY A 181 -33.49 -13.24 25.43
CA GLY A 181 -32.44 -13.62 24.49
C GLY A 181 -31.99 -12.49 23.59
N MET A 182 -32.95 -11.78 23.00
CA MET A 182 -32.65 -10.71 22.04
C MET A 182 -32.60 -9.32 22.69
N HIS A 183 -33.70 -8.87 23.28
CA HIS A 183 -33.86 -7.47 23.63
C HIS A 183 -32.94 -7.07 24.78
N MET A 184 -33.24 -7.53 25.99
CA MET A 184 -32.43 -7.18 27.16
C MET A 184 -31.36 -8.25 27.36
N VAL A 185 -30.21 -8.05 26.70
CA VAL A 185 -29.12 -9.02 26.70
C VAL A 185 -27.90 -8.46 27.44
N ALA A 186 -28.14 -8.03 28.68
CA ALA A 186 -27.08 -7.55 29.57
C ALA A 186 -26.76 -8.62 30.61
N GLY A 187 -25.76 -8.35 31.45
CA GLY A 187 -25.37 -9.29 32.51
C GLY A 187 -24.20 -10.18 32.12
N HIS A 188 -23.58 -10.79 33.12
CA HIS A 188 -22.39 -11.64 32.93
C HIS A 188 -22.68 -13.10 33.28
N ASP A 189 -23.96 -13.47 33.31
CA ASP A 189 -24.38 -14.82 33.72
C ASP A 189 -24.27 -15.82 32.57
N ALA A 190 -24.03 -17.09 32.90
CA ALA A 190 -23.92 -18.16 31.90
C ALA A 190 -25.29 -18.49 31.30
N ASN A 191 -26.26 -18.75 32.16
CA ASN A 191 -27.63 -19.04 31.74
C ASN A 191 -28.14 -18.02 30.70
N ASP A 192 -27.93 -16.74 30.99
CA ASP A 192 -28.29 -15.68 30.06
C ASP A 192 -27.61 -15.87 28.71
N ALA A 193 -26.33 -16.23 28.74
CA ALA A 193 -25.57 -16.48 27.50
C ALA A 193 -26.12 -17.69 26.74
N VAL A 194 -26.48 -18.75 27.47
CA VAL A 194 -27.08 -19.93 26.85
C VAL A 194 -28.42 -19.60 26.21
N ILE A 195 -29.23 -18.84 26.95
CA ILE A 195 -30.52 -18.37 26.45
C ILE A 195 -30.30 -17.54 25.18
N SER A 196 -29.47 -16.51 25.29
CA SER A 196 -29.17 -15.64 24.15
C SER A 196 -28.67 -16.43 22.94
N ASN A 197 -27.77 -17.39 23.19
CA ASN A 197 -27.29 -18.29 22.14
C ASN A 197 -28.41 -19.09 21.50
N SER A 198 -29.20 -19.78 22.32
CA SER A 198 -30.32 -20.58 21.81
C SER A 198 -31.31 -19.73 21.00
N VAL A 199 -31.66 -18.58 21.55
CA VAL A 199 -32.58 -17.64 20.89
C VAL A 199 -31.98 -17.12 19.59
N ALA A 200 -30.70 -16.81 19.61
CA ALA A 200 -30.00 -16.41 18.39
C ALA A 200 -30.01 -17.55 17.36
N GLN A 201 -29.89 -18.79 17.83
CA GLN A 201 -30.00 -19.96 16.96
C GLN A 201 -31.41 -20.15 16.41
N ALA A 202 -32.42 -19.77 17.19
CA ALA A 202 -33.81 -19.94 16.77
C ALA A 202 -34.29 -19.05 15.62
N ARG A 203 -33.59 -17.94 15.36
CA ARG A 203 -34.01 -16.96 14.34
C ARG A 203 -34.43 -17.61 13.01
N PHE A 204 -35.65 -17.28 12.58
CA PHE A 204 -36.24 -17.76 11.33
C PHE A 204 -36.55 -19.26 11.31
N SER A 205 -36.55 -19.88 12.50
CA SER A 205 -36.95 -21.28 12.61
C SER A 205 -38.29 -21.46 11.93
N GLY A 206 -38.33 -22.33 10.92
CA GLY A 206 -39.56 -22.63 10.20
C GLY A 206 -39.79 -21.80 8.93
N LEU A 207 -38.96 -20.79 8.69
CA LEU A 207 -39.10 -19.93 7.51
C LEU A 207 -37.95 -20.02 6.51
N LEU A 208 -36.88 -20.73 6.89
CA LEU A 208 -35.62 -20.72 6.11
C LEU A 208 -35.82 -20.96 4.61
N ILE A 209 -36.73 -21.89 4.29
CA ILE A 209 -37.10 -22.16 2.91
C ILE A 209 -37.61 -20.89 2.22
N VAL A 210 -38.67 -20.32 2.79
CA VAL A 210 -39.28 -19.13 2.23
C VAL A 210 -38.20 -18.08 2.06
N LYS A 211 -37.48 -17.84 3.17
CA LYS A 211 -36.38 -16.89 3.16
C LYS A 211 -35.45 -17.10 1.97
N THR A 212 -34.95 -18.33 1.78
CA THR A 212 -34.04 -18.60 0.66
C THR A 212 -34.71 -18.39 -0.70
N VAL A 213 -35.94 -18.85 -0.84
CA VAL A 213 -36.68 -18.58 -2.07
C VAL A 213 -36.65 -17.10 -2.36
N LEU A 214 -36.96 -16.29 -1.34
CA LEU A 214 -36.88 -14.84 -1.48
C LEU A 214 -35.48 -14.39 -1.91
N ASP A 215 -34.47 -14.90 -1.21
CA ASP A 215 -33.08 -14.64 -1.59
C ASP A 215 -32.86 -14.87 -3.09
N HIS A 216 -33.44 -15.93 -3.63
CA HIS A 216 -33.30 -16.20 -5.07
C HIS A 216 -34.20 -15.35 -5.97
N ILE A 217 -35.36 -14.94 -5.47
CA ILE A 217 -36.23 -14.01 -6.19
C ILE A 217 -35.62 -12.60 -6.23
N LEU A 218 -34.73 -12.31 -5.28
CA LEU A 218 -33.96 -11.07 -5.36
C LEU A 218 -32.79 -11.23 -6.32
N GLN A 219 -32.20 -10.09 -6.70
CA GLN A 219 -31.07 -10.09 -7.62
C GLN A 219 -30.13 -8.92 -7.31
N LYS A 220 -28.86 -9.23 -7.09
CA LYS A 220 -27.84 -8.20 -6.94
C LYS A 220 -27.56 -7.57 -8.28
N THR A 221 -27.12 -6.32 -8.27
CA THR A 221 -26.66 -5.64 -9.49
C THR A 221 -25.92 -4.35 -9.16
N GLU A 222 -25.16 -3.87 -10.14
CA GLU A 222 -24.39 -2.63 -10.00
C GLU A 222 -25.21 -1.53 -9.32
N ARG A 223 -26.48 -1.42 -9.70
CA ARG A 223 -27.41 -0.47 -9.10
C ARG A 223 -28.13 -1.08 -7.89
N GLY A 224 -27.36 -1.61 -6.95
CA GLY A 224 -27.94 -2.20 -5.73
C GLY A 224 -28.66 -3.51 -5.98
N VAL A 225 -29.59 -3.85 -5.11
CA VAL A 225 -30.39 -5.06 -5.28
C VAL A 225 -31.73 -4.70 -5.92
N ARG A 226 -32.31 -5.67 -6.61
CA ARG A 226 -33.62 -5.47 -7.25
C ARG A 226 -34.39 -6.77 -7.26
N LEU A 227 -35.69 -6.67 -7.50
CA LEU A 227 -36.51 -7.86 -7.67
C LEU A 227 -36.19 -8.47 -9.03
N HIS A 228 -36.10 -9.80 -9.08
CA HIS A 228 -35.63 -10.47 -10.28
C HIS A 228 -36.64 -10.34 -11.43
N PRO A 229 -36.19 -9.92 -12.61
CA PRO A 229 -37.10 -9.61 -13.71
C PRO A 229 -38.12 -10.70 -13.99
N LEU A 230 -37.68 -11.95 -14.05
CA LEU A 230 -38.61 -13.08 -14.16
C LEU A 230 -39.84 -12.92 -13.28
N ALA A 231 -39.64 -12.64 -12.00
CA ALA A 231 -40.75 -12.46 -11.07
C ALA A 231 -41.70 -11.34 -11.48
N ARG A 232 -41.18 -10.29 -12.11
CA ARG A 232 -42.02 -9.22 -12.66
C ARG A 232 -42.89 -9.68 -13.85
N THR A 233 -42.65 -10.88 -14.37
CA THR A 233 -43.50 -11.45 -15.42
C THR A 233 -44.96 -11.31 -15.13
N ALA A 234 -45.78 -11.28 -16.18
CA ALA A 234 -47.22 -11.04 -16.04
C ALA A 234 -47.94 -12.15 -15.28
N LYS A 235 -47.82 -13.39 -15.76
CA LYS A 235 -48.60 -14.51 -15.21
C LYS A 235 -48.35 -14.85 -13.72
N VAL A 236 -47.30 -14.27 -13.12
CA VAL A 236 -46.99 -14.48 -11.71
C VAL A 236 -47.46 -13.30 -10.86
N LYS A 237 -47.89 -12.23 -11.54
CA LYS A 237 -48.16 -10.96 -10.87
C LYS A 237 -48.99 -11.11 -9.59
N ASN A 238 -50.13 -11.80 -9.69
CA ASN A 238 -51.01 -12.01 -8.53
C ASN A 238 -50.26 -12.71 -7.39
N GLU A 239 -49.51 -13.75 -7.73
CA GLU A 239 -48.72 -14.47 -6.75
C GLU A 239 -47.71 -13.54 -6.10
N VAL A 240 -47.01 -12.75 -6.92
CA VAL A 240 -46.08 -11.76 -6.38
C VAL A 240 -46.79 -10.77 -5.45
N ASN A 241 -47.97 -10.32 -5.83
CA ASN A 241 -48.71 -9.38 -5.00
C ASN A 241 -49.08 -9.99 -3.66
N SER A 242 -49.75 -11.14 -3.71
CA SER A 242 -50.10 -11.85 -2.49
C SER A 242 -48.86 -12.08 -1.63
N PHE A 243 -47.77 -12.49 -2.27
CA PHE A 243 -46.50 -12.66 -1.56
C PHE A 243 -46.07 -11.37 -0.88
N LYS A 244 -46.06 -10.27 -1.64
CA LYS A 244 -45.67 -8.97 -1.10
C LYS A 244 -46.52 -8.68 0.12
N ALA A 245 -47.84 -8.80 -0.03
CA ALA A 245 -48.75 -8.55 1.08
C ALA A 245 -48.37 -9.40 2.28
N ALA A 246 -48.23 -10.70 2.06
CA ALA A 246 -47.86 -11.63 3.13
C ALA A 246 -46.59 -11.16 3.84
N LEU A 247 -45.58 -10.85 3.04
CA LEU A 247 -44.30 -10.41 3.54
C LEU A 247 -44.41 -9.11 4.32
N SER A 248 -45.29 -8.21 3.89
CA SER A 248 -45.57 -7.01 4.68
C SER A 248 -46.20 -7.40 6.00
N SER A 249 -47.30 -8.16 5.93
CA SER A 249 -48.02 -8.58 7.13
C SER A 249 -47.10 -9.29 8.12
N LEU A 250 -46.06 -9.96 7.60
CA LEU A 250 -44.99 -10.47 8.48
C LEU A 250 -44.13 -9.32 9.00
N ALA A 251 -43.57 -8.56 8.07
CA ALA A 251 -42.62 -7.51 8.41
C ALA A 251 -43.13 -6.59 9.50
N LYS A 252 -44.40 -6.20 9.41
CA LYS A 252 -45.03 -5.39 10.44
C LYS A 252 -44.70 -5.84 11.89
N HIS A 253 -44.45 -7.14 12.08
CA HIS A 253 -44.11 -7.65 13.42
C HIS A 253 -42.73 -7.23 13.95
N GLY A 254 -41.92 -6.56 13.14
CA GLY A 254 -40.68 -5.95 13.61
C GLY A 254 -39.62 -6.97 14.03
N GLU A 255 -38.90 -6.63 15.10
CA GLU A 255 -37.75 -7.44 15.55
C GLU A 255 -38.11 -8.88 15.88
N TYR A 256 -39.37 -9.13 16.20
CA TYR A 256 -39.84 -10.48 16.51
C TYR A 256 -40.18 -11.31 15.26
N ALA A 257 -40.17 -10.68 14.08
CA ALA A 257 -40.46 -11.38 12.83
C ALA A 257 -39.75 -12.74 12.69
N PRO A 258 -38.43 -12.80 12.90
CA PRO A 258 -37.74 -14.09 12.77
C PRO A 258 -38.33 -15.19 13.65
N PHE A 259 -38.97 -14.81 14.75
CA PHE A 259 -39.62 -15.76 15.62
C PHE A 259 -41.13 -15.76 15.41
N ALA A 260 -41.58 -15.56 14.18
CA ALA A 260 -43.00 -15.46 13.90
C ALA A 260 -43.67 -16.82 13.87
N ARG A 261 -42.91 -17.83 13.47
CA ARG A 261 -43.43 -19.19 13.34
C ARG A 261 -43.42 -19.91 14.68
N LEU A 262 -42.40 -19.66 15.49
CA LEU A 262 -42.38 -20.19 16.86
C LEU A 262 -43.54 -19.64 17.67
N LEU A 263 -43.65 -18.32 17.68
CA LEU A 263 -44.71 -17.64 18.40
C LEU A 263 -46.06 -17.79 17.72
N ASN A 264 -46.04 -18.13 16.44
CA ASN A 264 -47.24 -18.26 15.63
C ASN A 264 -47.98 -16.93 15.64
N LEU A 265 -47.34 -15.93 15.03
CA LEU A 265 -47.93 -14.59 14.96
C LEU A 265 -49.04 -14.56 13.92
N SER A 266 -49.59 -13.37 13.65
CA SER A 266 -50.76 -13.25 12.77
C SER A 266 -50.50 -13.74 11.33
N GLY A 267 -49.72 -12.97 10.58
CA GLY A 267 -49.54 -13.24 9.15
C GLY A 267 -48.75 -14.48 8.79
N VAL A 268 -47.97 -15.00 9.74
CA VAL A 268 -47.01 -16.07 9.49
C VAL A 268 -47.58 -17.28 8.74
N ASN A 269 -48.85 -17.60 8.99
CA ASN A 269 -49.51 -18.72 8.32
C ASN A 269 -49.59 -18.57 6.80
N ASN A 270 -49.55 -17.34 6.31
CA ASN A 270 -49.65 -17.08 4.88
C ASN A 270 -48.30 -17.09 4.15
N LEU A 271 -47.24 -17.59 4.79
CA LEU A 271 -45.92 -17.71 4.14
C LEU A 271 -45.38 -19.14 4.20
N GLU A 272 -45.79 -19.95 3.23
CA GLU A 272 -45.21 -21.27 3.02
C GLU A 272 -44.91 -21.42 1.54
N HIS A 273 -43.78 -22.04 1.20
CA HIS A 273 -43.37 -22.17 -0.20
C HIS A 273 -44.46 -22.76 -1.09
N GLY A 274 -45.20 -23.73 -0.55
CA GLY A 274 -46.31 -24.35 -1.26
C GLY A 274 -47.40 -23.38 -1.70
N LEU A 275 -47.56 -22.29 -0.95
CA LEU A 275 -48.50 -21.24 -1.32
C LEU A 275 -48.01 -20.42 -2.50
N PHE A 276 -46.72 -20.53 -2.82
CA PHE A 276 -46.13 -19.74 -3.89
C PHE A 276 -45.35 -20.62 -4.87
N PRO A 277 -46.08 -21.48 -5.60
CA PRO A 277 -45.46 -22.46 -6.48
C PRO A 277 -44.68 -21.86 -7.63
N GLN A 278 -45.25 -20.89 -8.34
CA GLN A 278 -44.56 -20.29 -9.47
C GLN A 278 -43.25 -19.67 -9.00
N LEU A 279 -43.33 -18.84 -7.96
CA LEU A 279 -42.16 -18.19 -7.40
C LEU A 279 -41.13 -19.20 -6.94
N SER A 280 -41.58 -20.17 -6.15
CA SER A 280 -40.71 -21.24 -5.71
C SER A 280 -39.97 -21.86 -6.91
N ALA A 281 -40.75 -22.25 -7.92
CA ALA A 281 -40.22 -22.84 -9.13
C ALA A 281 -39.17 -21.94 -9.77
N ILE A 282 -39.52 -20.66 -9.96
CA ILE A 282 -38.58 -19.72 -10.55
C ILE A 282 -37.30 -19.73 -9.74
N ALA A 283 -37.43 -19.48 -8.44
CA ALA A 283 -36.27 -19.44 -7.54
C ALA A 283 -35.40 -20.67 -7.75
N LEU A 284 -36.02 -21.85 -7.66
CA LEU A 284 -35.30 -23.10 -7.88
C LEU A 284 -34.60 -23.09 -9.24
N GLY A 285 -35.30 -22.61 -10.26
CA GLY A 285 -34.73 -22.50 -11.60
C GLY A 285 -33.46 -21.65 -11.60
N VAL A 286 -33.56 -20.47 -11.01
CA VAL A 286 -32.43 -19.58 -10.90
C VAL A 286 -31.29 -20.30 -10.20
N ALA A 287 -31.60 -20.84 -9.02
CA ALA A 287 -30.59 -21.57 -8.25
C ALA A 287 -29.89 -22.59 -9.15
N THR A 288 -30.68 -23.47 -9.73
CA THR A 288 -30.17 -24.54 -10.58
C THR A 288 -29.32 -23.98 -11.73
N ALA A 289 -29.75 -22.87 -12.32
CA ALA A 289 -28.99 -22.20 -13.36
C ALA A 289 -27.64 -21.71 -12.84
N HIS A 290 -27.64 -21.14 -11.64
CA HIS A 290 -26.38 -20.71 -11.04
C HIS A 290 -25.50 -21.87 -10.60
N GLY A 291 -26.10 -23.02 -10.34
CA GLY A 291 -25.34 -24.22 -10.01
C GLY A 291 -25.79 -24.85 -8.72
N SER A 292 -26.01 -24.01 -7.70
CA SER A 292 -26.51 -24.48 -6.41
C SER A 292 -27.95 -25.01 -6.55
N THR A 293 -28.35 -25.85 -5.61
CA THR A 293 -29.73 -26.32 -5.53
C THR A 293 -30.38 -25.81 -4.25
N LEU A 294 -31.71 -25.71 -4.29
CA LEU A 294 -32.47 -25.10 -3.23
C LEU A 294 -33.13 -26.18 -2.38
N ALA A 295 -32.95 -26.10 -1.06
CA ALA A 295 -33.42 -27.12 -0.14
C ALA A 295 -34.90 -26.98 0.18
N GLY A 296 -35.57 -28.12 0.41
CA GLY A 296 -36.95 -28.15 0.88
C GLY A 296 -37.96 -27.49 -0.04
N VAL A 297 -37.76 -27.64 -1.34
CA VAL A 297 -38.67 -27.06 -2.33
C VAL A 297 -39.00 -28.09 -3.41
N ASN A 298 -39.90 -29.01 -3.08
CA ASN A 298 -40.45 -29.93 -4.07
C ASN A 298 -41.35 -29.14 -5.02
N VAL A 299 -41.09 -29.30 -6.32
CA VAL A 299 -41.76 -28.49 -7.34
C VAL A 299 -42.84 -29.30 -8.05
N GLY A 300 -43.94 -28.64 -8.40
CA GLY A 300 -45.05 -29.30 -9.08
C GLY A 300 -44.73 -29.66 -10.51
N GLU A 301 -45.33 -30.76 -10.96
CA GLU A 301 -45.02 -31.31 -12.27
C GLU A 301 -45.46 -30.34 -13.39
N GLN A 302 -46.52 -29.57 -13.14
CA GLN A 302 -46.94 -28.50 -14.07
C GLN A 302 -45.91 -27.37 -14.09
N TYR A 303 -45.24 -27.16 -12.96
CA TYR A 303 -44.28 -26.08 -12.82
C TYR A 303 -42.87 -26.49 -13.26
N GLN A 304 -42.64 -27.79 -13.37
CA GLN A 304 -41.36 -28.31 -13.88
C GLN A 304 -40.96 -27.58 -15.15
N GLN A 305 -41.91 -27.47 -16.08
CA GLN A 305 -41.76 -26.66 -17.29
C GLN A 305 -41.24 -25.26 -16.94
N LEU A 306 -42.00 -24.56 -16.10
CA LEU A 306 -41.65 -23.20 -15.69
C LEU A 306 -40.22 -23.12 -15.19
N ARG A 307 -39.91 -23.89 -14.15
CA ARG A 307 -38.56 -23.93 -13.59
C ARG A 307 -37.52 -24.16 -14.70
N GLU A 308 -37.77 -25.22 -15.47
CA GLU A 308 -36.89 -25.62 -16.56
C GLU A 308 -36.67 -24.49 -17.57
N ALA A 309 -37.66 -23.64 -17.77
CA ALA A 309 -37.48 -22.43 -18.58
C ALA A 309 -36.64 -21.41 -17.82
N ALA A 310 -37.06 -21.11 -16.59
CA ALA A 310 -36.41 -20.13 -15.75
C ALA A 310 -34.91 -20.36 -15.67
N THR A 311 -34.50 -21.62 -15.57
CA THR A 311 -33.07 -21.93 -15.62
C THR A 311 -32.43 -21.31 -16.86
N GLU A 312 -32.96 -21.69 -18.03
CA GLU A 312 -32.46 -21.20 -19.31
C GLU A 312 -32.44 -19.69 -19.33
N ALA A 313 -33.59 -19.10 -19.00
CA ALA A 313 -33.69 -17.65 -18.91
C ALA A 313 -32.52 -17.10 -18.10
N GLU A 314 -32.41 -17.50 -16.84
CA GLU A 314 -31.35 -16.99 -15.98
C GLU A 314 -29.99 -17.18 -16.62
N LYS A 315 -29.73 -18.35 -17.20
CA LYS A 315 -28.46 -18.55 -17.90
C LYS A 315 -28.24 -17.50 -19.00
N GLN A 316 -29.28 -17.25 -19.79
CA GLN A 316 -29.18 -16.27 -20.89
C GLN A 316 -28.94 -14.86 -20.35
N LEU A 317 -29.66 -14.52 -19.28
CA LEU A 317 -29.39 -13.29 -18.53
C LEU A 317 -27.92 -13.20 -18.17
N GLN A 318 -27.44 -14.25 -17.49
CA GLN A 318 -26.05 -14.30 -17.07
C GLN A 318 -25.11 -14.06 -18.25
N GLN A 319 -25.30 -14.82 -19.31
CA GLN A 319 -24.48 -14.63 -20.50
C GLN A 319 -24.51 -13.17 -20.96
N TYR A 320 -25.73 -12.68 -21.23
CA TYR A 320 -25.89 -11.29 -21.69
C TYR A 320 -25.11 -10.34 -20.81
N ALA A 321 -25.24 -10.48 -19.50
CA ALA A 321 -24.42 -9.58 -18.65
C ALA A 321 -22.96 -9.41 -19.14
N GLU A 322 -22.29 -10.52 -19.42
CA GLU A 322 -20.88 -10.48 -19.82
C GLU A 322 -20.58 -9.39 -20.87
N SER A 323 -21.30 -9.44 -21.98
CA SER A 323 -21.07 -8.50 -23.07
C SER A 323 -21.33 -7.06 -22.66
N ARG A 324 -22.23 -6.86 -21.70
CA ARG A 324 -22.45 -5.52 -21.16
C ARG A 324 -21.29 -5.11 -20.25
N GLU A 325 -20.71 -6.10 -19.57
CA GLU A 325 -19.54 -5.88 -18.74
C GLU A 325 -18.40 -5.43 -19.61
N LEU A 326 -18.10 -6.21 -20.65
CA LEU A 326 -17.00 -5.87 -21.56
C LEU A 326 -17.02 -4.38 -21.89
N ASP A 327 -18.15 -3.95 -22.45
CA ASP A 327 -18.38 -2.56 -22.80
C ASP A 327 -17.72 -1.62 -21.80
N HIS A 328 -17.97 -1.84 -20.52
CA HIS A 328 -17.53 -0.91 -19.49
C HIS A 328 -16.00 -0.76 -19.38
N LEU A 329 -15.24 -1.81 -19.65
CA LEU A 329 -13.79 -1.79 -19.36
C LEU A 329 -12.81 -0.88 -20.09
N GLY A 330 -12.60 -1.06 -21.39
CA GLY A 330 -11.51 -0.27 -22.01
C GLY A 330 -10.77 -1.05 -23.05
N LEU A 331 -11.04 -0.73 -24.30
CA LEU A 331 -10.76 -1.75 -25.31
C LEU A 331 -11.06 -1.27 -26.73
N ASP A 332 -10.73 -2.12 -27.70
CA ASP A 332 -11.03 -1.86 -29.10
C ASP A 332 -12.24 -2.68 -29.53
N ASP A 333 -13.04 -2.10 -30.42
CA ASP A 333 -14.28 -2.74 -30.88
C ASP A 333 -14.03 -4.19 -31.31
N GLN A 334 -13.01 -4.40 -32.13
CA GLN A 334 -12.63 -5.74 -32.56
C GLN A 334 -12.28 -6.64 -31.38
N GLU A 335 -11.53 -6.09 -30.42
CA GLU A 335 -11.18 -6.84 -29.23
C GLU A 335 -12.46 -7.28 -28.50
N LYS A 336 -13.39 -6.34 -28.34
CA LYS A 336 -14.69 -6.67 -27.74
C LYS A 336 -15.34 -7.79 -28.53
N LYS A 337 -15.40 -7.61 -29.85
CA LYS A 337 -16.01 -8.61 -30.72
C LYS A 337 -15.40 -9.99 -30.47
N ILE A 338 -14.07 -10.07 -30.51
CA ILE A 338 -13.36 -11.33 -30.27
C ILE A 338 -13.66 -11.89 -28.89
N LEU A 339 -13.69 -11.01 -27.89
CA LEU A 339 -14.01 -11.47 -26.53
C LEU A 339 -15.41 -12.07 -26.49
N MET A 340 -16.41 -11.34 -27.00
CA MET A 340 -17.77 -11.87 -27.06
C MET A 340 -17.79 -13.20 -27.80
N ASN A 341 -17.10 -13.24 -28.94
CA ASN A 341 -16.92 -14.47 -29.69
C ASN A 341 -16.41 -15.57 -28.77
N PHE A 342 -15.43 -15.23 -27.94
CA PHE A 342 -14.88 -16.17 -26.95
C PHE A 342 -15.93 -16.59 -25.91
N HIS A 343 -16.80 -15.67 -25.51
CA HIS A 343 -17.90 -16.01 -24.61
C HIS A 343 -18.81 -17.02 -25.29
N GLN A 344 -19.24 -16.72 -26.50
CA GLN A 344 -20.10 -17.62 -27.25
C GLN A 344 -19.42 -18.98 -27.46
N LYS A 345 -18.11 -18.96 -27.68
CA LYS A 345 -17.33 -20.18 -27.83
C LYS A 345 -17.28 -21.01 -26.55
N LYS A 346 -16.95 -20.36 -25.44
CA LYS A 346 -16.86 -21.08 -24.16
C LYS A 346 -18.24 -21.56 -23.71
N ASN A 347 -19.27 -20.74 -23.95
CA ASN A 347 -20.65 -21.10 -23.59
C ASN A 347 -21.21 -22.17 -24.51
N GLU A 348 -20.80 -22.16 -25.77
CA GLU A 348 -21.01 -23.27 -26.70
C GLU A 348 -20.24 -23.06 -28.01
N MET B 1 -20.86 -8.96 -11.24
CA MET B 1 -21.86 -9.55 -12.17
C MET B 1 -23.14 -9.94 -11.42
N PRO B 2 -24.31 -9.61 -11.99
CA PRO B 2 -25.60 -9.95 -11.38
C PRO B 2 -25.73 -11.40 -10.93
N GLY B 3 -26.41 -11.59 -9.80
CA GLY B 3 -26.65 -12.90 -9.21
C GLY B 3 -27.58 -12.80 -8.02
N PRO B 4 -28.14 -13.93 -7.57
CA PRO B 4 -29.08 -13.90 -6.46
C PRO B 4 -28.36 -13.58 -5.16
N GLU B 5 -28.99 -12.79 -4.29
CA GLU B 5 -28.37 -12.40 -3.04
C GLU B 5 -28.40 -13.55 -2.03
N LEU B 6 -27.35 -14.35 -2.08
CA LEU B 6 -27.26 -15.57 -1.27
C LEU B 6 -26.95 -15.27 0.20
N SER B 7 -26.44 -14.08 0.49
CA SER B 7 -26.07 -13.70 1.86
C SER B 7 -27.25 -13.68 2.83
N GLY B 8 -28.47 -13.50 2.32
CA GLY B 8 -29.66 -13.44 3.18
C GLY B 8 -29.92 -12.07 3.76
N TRP B 9 -28.84 -11.31 4.00
CA TRP B 9 -28.93 -9.96 4.56
C TRP B 9 -30.23 -9.27 4.19
N ILE B 10 -30.46 -9.05 2.90
CA ILE B 10 -31.63 -8.30 2.45
C ILE B 10 -32.92 -9.01 2.81
N SER B 11 -33.02 -10.31 2.54
CA SER B 11 -34.20 -11.06 2.96
C SER B 11 -34.49 -10.76 4.42
N GLU B 12 -33.47 -10.93 5.25
CA GLU B 12 -33.55 -10.65 6.68
C GLU B 12 -34.05 -9.22 6.93
N GLN B 13 -33.49 -8.25 6.22
CA GLN B 13 -33.91 -6.85 6.38
C GLN B 13 -35.41 -6.70 6.09
N LEU B 14 -35.84 -7.27 4.97
CA LEU B 14 -37.24 -7.19 4.55
C LEU B 14 -38.17 -7.87 5.52
N MET B 15 -37.80 -9.07 5.96
CA MET B 15 -38.63 -9.85 6.87
C MET B 15 -38.68 -9.20 8.25
N THR B 16 -37.56 -8.64 8.69
CA THR B 16 -37.52 -7.83 9.91
C THR B 16 -38.39 -6.59 9.77
N GLY B 17 -38.35 -5.98 8.58
CA GLY B 17 -39.02 -4.72 8.33
C GLY B 17 -38.06 -3.56 8.46
N ARG B 18 -36.76 -3.85 8.45
CA ARG B 18 -35.72 -2.83 8.45
C ARG B 18 -35.69 -2.15 7.08
N ILE B 19 -36.09 -2.89 6.06
CA ILE B 19 -36.32 -2.34 4.72
C ILE B 19 -37.77 -2.62 4.34
N PRO B 20 -38.50 -1.57 3.91
CA PRO B 20 -39.91 -1.78 3.53
C PRO B 20 -39.99 -2.56 2.24
N VAL B 21 -40.80 -3.62 2.22
CA VAL B 21 -40.87 -4.50 1.05
C VAL B 21 -41.05 -3.71 -0.24
N SER B 22 -41.90 -2.69 -0.18
CA SER B 22 -42.20 -1.87 -1.34
C SER B 22 -40.96 -1.23 -1.97
N ASP B 23 -39.92 -0.98 -1.18
CA ASP B 23 -38.64 -0.49 -1.72
C ASP B 23 -38.01 -1.44 -2.74
N ILE B 24 -38.39 -2.71 -2.71
CA ILE B 24 -37.98 -3.69 -3.70
C ILE B 24 -39.12 -4.06 -4.62
N PHE B 25 -40.32 -4.22 -4.04
CA PHE B 25 -41.49 -4.61 -4.82
C PHE B 25 -42.19 -3.37 -5.39
N CYS B 26 -41.85 -3.02 -6.62
CA CYS B 26 -42.31 -1.78 -7.25
C CYS B 26 -42.91 -2.04 -8.62
N ASP B 27 -44.23 -1.98 -8.73
CA ASP B 27 -44.90 -2.27 -9.99
C ASP B 27 -44.83 -1.11 -10.99
N ILE B 28 -44.54 0.12 -10.51
CA ILE B 28 -44.33 1.29 -11.39
C ILE B 28 -43.15 2.11 -10.88
N ARG C 2 6.06 -22.81 22.98
CA ARG C 2 6.39 -21.71 22.03
C ARG C 2 7.51 -20.77 22.52
N VAL C 3 8.08 -21.06 23.70
CA VAL C 3 9.24 -20.32 24.19
C VAL C 3 10.47 -21.23 24.08
N ILE C 4 11.51 -20.72 23.43
CA ILE C 4 12.70 -21.51 23.11
C ILE C 4 13.87 -21.08 23.99
N PRO C 5 14.31 -21.98 24.90
CA PRO C 5 15.44 -21.63 25.76
C PRO C 5 16.76 -21.66 24.99
N VAL C 6 17.54 -20.60 25.12
CA VAL C 6 18.87 -20.56 24.51
C VAL C 6 19.92 -20.58 25.61
N TYR C 7 20.93 -21.43 25.44
CA TYR C 7 21.93 -21.67 26.49
C TYR C 7 23.21 -20.89 26.21
N GLN C 8 24.03 -20.75 27.25
CA GLN C 8 25.29 -20.01 27.17
C GLN C 8 26.43 -20.83 27.81
N VAL C 9 27.48 -21.09 27.03
CA VAL C 9 28.58 -21.95 27.45
C VAL C 9 29.92 -21.33 27.05
N ASN C 10 30.97 -21.68 27.78
CA ASN C 10 32.33 -21.22 27.46
C ASN C 10 32.83 -21.89 26.18
N ASN C 11 32.84 -23.22 26.19
CA ASN C 11 33.21 -23.99 25.01
C ASN C 11 31.96 -24.37 24.19
N LEU C 12 31.79 -23.69 23.06
CA LEU C 12 30.69 -23.98 22.13
C LEU C 12 31.05 -25.14 21.21
N GLU C 13 32.21 -25.03 20.59
CA GLU C 13 32.69 -26.01 19.58
C GLU C 13 32.45 -27.47 20.00
N GLU C 14 32.76 -27.78 21.26
CA GLU C 14 32.54 -29.13 21.80
C GLU C 14 31.05 -29.50 21.79
N ILE C 15 30.23 -28.60 22.34
CA ILE C 15 28.78 -28.78 22.35
C ILE C 15 28.29 -29.03 20.92
N CYS C 16 28.74 -28.16 20.00
CA CYS C 16 28.39 -28.29 18.59
C CYS C 16 28.79 -29.65 18.02
N GLN C 17 30.06 -30.02 18.11
CA GLN C 17 30.50 -31.31 17.56
C GLN C 17 29.71 -32.46 18.19
N LEU C 18 29.47 -32.37 19.50
CA LEU C 18 28.64 -33.36 20.21
C LEU C 18 27.20 -33.39 19.71
N ILE C 19 26.68 -32.25 19.26
CA ILE C 19 25.36 -32.22 18.60
C ILE C 19 25.45 -32.89 17.23
N ILE C 20 26.42 -32.46 16.42
CA ILE C 20 26.67 -33.06 15.11
C ILE C 20 26.72 -34.59 15.22
N GLN C 21 27.48 -35.09 16.20
CA GLN C 21 27.53 -36.53 16.46
C GLN C 21 26.15 -37.11 16.80
N ALA C 22 25.38 -36.40 17.62
CA ALA C 22 24.04 -36.84 17.99
C ALA C 22 23.14 -36.96 16.78
N PHE C 23 23.22 -35.97 15.89
CA PHE C 23 22.47 -36.03 14.63
C PHE C 23 22.98 -37.15 13.73
N GLU C 24 24.30 -37.31 13.65
CA GLU C 24 24.89 -38.45 12.94
C GLU C 24 24.33 -39.77 13.45
N ALA C 25 24.22 -39.90 14.78
CA ALA C 25 23.59 -41.06 15.41
C ALA C 25 22.10 -41.12 15.06
N GLY C 26 21.49 -39.94 14.91
CA GLY C 26 20.11 -39.85 14.46
C GLY C 26 19.12 -39.78 15.59
N VAL C 27 19.47 -39.00 16.62
CA VAL C 27 18.61 -38.85 17.80
C VAL C 27 17.40 -38.00 17.44
N ASP C 28 16.27 -38.28 18.08
CA ASP C 28 15.04 -37.54 17.85
C ASP C 28 14.84 -36.49 18.94
N PHE C 29 15.55 -35.37 18.80
CA PHE C 29 15.30 -34.19 19.63
C PHE C 29 13.88 -33.71 19.31
N GLN C 30 13.27 -32.99 20.24
CA GLN C 30 11.93 -32.47 20.03
C GLN C 30 11.83 -31.01 20.45
N GLU C 31 12.06 -30.74 21.73
CA GLU C 31 12.00 -29.37 22.24
C GLU C 31 13.35 -28.68 22.00
N SER C 32 14.43 -29.36 22.36
CA SER C 32 15.77 -28.74 22.41
C SER C 32 16.46 -28.62 21.05
N ALA C 33 15.92 -29.31 20.05
CA ALA C 33 16.40 -29.18 18.67
C ALA C 33 16.62 -27.71 18.34
N ASP C 34 15.61 -26.91 18.64
CA ASP C 34 15.66 -25.47 18.42
C ASP C 34 16.89 -24.85 19.08
N SER C 35 17.11 -25.18 20.35
CA SER C 35 18.25 -24.67 21.11
C SER C 35 19.59 -25.10 20.53
N PHE C 36 19.70 -26.38 20.17
CA PHE C 36 20.96 -26.89 19.60
C PHE C 36 21.25 -26.27 18.25
N LEU C 37 20.22 -26.22 17.40
CA LEU C 37 20.37 -25.59 16.09
C LEU C 37 20.71 -24.10 16.29
N LEU C 38 20.08 -23.49 17.29
CA LEU C 38 20.44 -22.14 17.73
C LEU C 38 21.93 -22.05 18.05
N MET C 39 22.44 -23.02 18.80
CA MET C 39 23.88 -23.05 19.09
C MET C 39 24.74 -23.19 17.83
N LEU C 40 24.39 -24.15 16.98
CA LEU C 40 25.13 -24.34 15.72
C LEU C 40 25.17 -23.04 14.93
N CYS C 41 23.98 -22.47 14.72
CA CYS C 41 23.83 -21.22 13.98
C CYS C 41 24.62 -20.09 14.63
N LEU C 42 24.54 -19.99 15.95
CA LEU C 42 25.35 -19.03 16.70
C LEU C 42 26.81 -19.19 16.35
N HIS C 43 27.33 -20.38 16.66
CA HIS C 43 28.74 -20.70 16.46
C HIS C 43 29.19 -20.39 15.04
N HIS C 44 28.43 -20.86 14.06
CA HIS C 44 28.85 -20.66 12.67
C HIS C 44 28.66 -19.22 12.19
N ALA C 45 27.42 -18.76 12.21
CA ALA C 45 27.06 -17.47 11.65
C ALA C 45 27.48 -16.30 12.53
N TYR C 46 27.08 -16.34 13.81
CA TYR C 46 27.26 -15.18 14.69
C TYR C 46 28.46 -15.32 15.64
N GLN C 47 29.33 -16.28 15.36
CA GLN C 47 30.64 -16.39 16.01
C GLN C 47 30.57 -16.53 17.54
N GLY C 48 29.41 -16.97 18.05
CA GLY C 48 29.19 -17.05 19.49
C GLY C 48 28.73 -15.76 20.15
N ASP C 49 28.71 -14.65 19.41
CA ASP C 49 28.32 -13.35 19.98
C ASP C 49 26.83 -13.35 20.28
N TYR C 50 26.48 -13.59 21.53
CA TYR C 50 25.08 -13.71 21.95
C TYR C 50 24.35 -12.37 21.81
N LYS C 51 25.03 -11.29 22.19
CA LYS C 51 24.50 -9.93 22.03
C LYS C 51 24.23 -9.62 20.56
N LEU C 52 25.26 -9.79 19.74
CA LEU C 52 25.16 -9.56 18.29
C LEU C 52 24.03 -10.40 17.69
N PHE C 53 24.03 -11.68 18.04
CA PHE C 53 22.99 -12.61 17.60
C PHE C 53 21.59 -12.13 17.99
N LEU C 54 21.40 -11.83 19.28
CA LEU C 54 20.08 -11.43 19.78
C LEU C 54 19.65 -10.05 19.26
N GLU C 55 20.63 -9.22 18.89
CA GLU C 55 20.34 -7.93 18.27
C GLU C 55 20.08 -8.03 16.75
N SER C 56 20.64 -9.05 16.10
CA SER C 56 20.47 -9.23 14.64
C SER C 56 19.01 -9.37 14.21
N GLY C 57 18.75 -9.09 12.94
CA GLY C 57 17.39 -9.03 12.40
C GLY C 57 16.56 -10.28 12.61
N ALA C 58 17.10 -11.42 12.20
CA ALA C 58 16.40 -12.71 12.28
C ALA C 58 15.68 -12.89 13.61
N VAL C 59 16.44 -12.72 14.68
CA VAL C 59 15.92 -12.85 16.04
C VAL C 59 14.74 -11.90 16.26
N LYS C 60 14.91 -10.64 15.87
CA LYS C 60 13.86 -9.64 16.03
C LYS C 60 12.61 -10.02 15.25
N TYR C 61 12.81 -10.45 14.00
CA TYR C 61 11.69 -10.91 13.17
C TYR C 61 10.99 -12.11 13.80
N LEU C 62 11.75 -13.07 14.32
CA LEU C 62 11.16 -14.27 14.91
C LEU C 62 10.42 -13.96 16.22
N GLU C 63 11.04 -13.13 17.05
CA GLU C 63 10.37 -12.60 18.25
C GLU C 63 9.08 -11.87 17.86
N GLY C 64 9.14 -11.08 16.79
CA GLY C 64 7.97 -10.41 16.25
C GLY C 64 6.91 -11.39 15.74
N HIS C 65 7.37 -12.51 15.19
CA HIS C 65 6.48 -13.56 14.68
C HIS C 65 5.79 -14.29 15.82
N GLY C 66 6.54 -14.73 16.83
CA GLY C 66 5.92 -15.38 17.99
C GLY C 66 6.81 -16.23 18.88
N PHE C 67 7.73 -16.96 18.26
CA PHE C 67 8.62 -17.85 19.00
C PHE C 67 9.72 -17.06 19.72
N ARG C 68 9.55 -16.86 21.02
CA ARG C 68 10.43 -16.00 21.83
C ARG C 68 11.49 -16.81 22.58
N PHE C 69 12.59 -16.13 22.93
CA PHE C 69 13.75 -16.78 23.54
C PHE C 69 13.96 -16.40 25.00
N GLU C 70 14.93 -17.06 25.63
CA GLU C 70 15.41 -16.69 26.96
C GLU C 70 16.80 -17.31 27.22
N VAL C 71 17.69 -16.52 27.80
CA VAL C 71 19.07 -16.95 28.07
C VAL C 71 19.13 -17.88 29.26
N LYS C 72 20.04 -18.86 29.20
CA LYS C 72 20.31 -19.76 30.32
C LYS C 72 21.80 -20.03 30.42
N LYS C 73 22.42 -19.58 31.50
CA LYS C 73 23.88 -19.60 31.63
C LYS C 73 24.35 -20.93 32.22
N ARG C 74 25.01 -21.74 31.39
CA ARG C 74 25.54 -23.04 31.80
C ARG C 74 26.99 -23.19 31.33
N ASP C 75 27.91 -22.69 32.15
CA ASP C 75 29.34 -22.67 31.80
C ASP C 75 30.02 -24.03 31.93
N GLY C 76 29.76 -24.74 33.03
CA GLY C 76 30.42 -26.01 33.31
C GLY C 76 29.68 -27.19 32.73
N VAL C 77 29.97 -27.51 31.46
CA VAL C 77 29.34 -28.64 30.77
C VAL C 77 30.33 -29.35 29.84
N LYS C 78 30.32 -30.69 29.89
CA LYS C 78 31.17 -31.51 29.01
C LYS C 78 30.31 -32.40 28.13
N ARG C 79 29.46 -33.24 28.75
CA ARG C 79 28.54 -34.10 28.02
C ARG C 79 27.26 -33.34 27.66
N LEU C 80 26.48 -33.90 26.75
CA LEU C 80 25.28 -33.25 26.24
C LEU C 80 24.05 -33.54 27.11
N GLU C 81 23.98 -34.79 27.60
CA GLU C 81 22.85 -35.25 28.41
C GLU C 81 22.42 -34.31 29.53
N GLU C 82 23.37 -33.53 30.06
CA GLU C 82 23.10 -32.60 31.15
C GLU C 82 22.39 -31.29 30.73
N LEU C 83 22.40 -30.98 29.43
CA LEU C 83 21.73 -29.76 28.92
C LEU C 83 20.26 -30.02 28.50
N LEU C 84 19.71 -31.16 28.93
CA LEU C 84 18.38 -31.65 28.47
C LEU C 84 17.24 -31.57 29.51
N PRO C 85 17.47 -30.97 30.70
CA PRO C 85 16.41 -31.14 31.70
C PRO C 85 15.09 -30.49 31.27
N ALA C 86 14.24 -31.32 30.69
CA ALA C 86 12.88 -30.96 30.32
C ALA C 86 12.23 -32.29 29.98
N VAL C 87 11.35 -32.74 30.87
CA VAL C 87 11.21 -34.17 31.14
C VAL C 87 10.68 -35.08 30.00
N SER C 88 9.52 -34.74 29.44
CA SER C 88 9.03 -35.26 28.14
C SER C 88 9.50 -36.71 27.80
N SER C 89 10.28 -36.92 26.74
CA SER C 89 10.87 -38.23 26.40
C SER C 89 12.37 -38.35 26.79
N GLY C 90 12.76 -37.51 27.75
CA GLY C 90 14.16 -37.35 28.12
C GLY C 90 14.89 -38.62 28.49
N LYS C 91 14.26 -39.54 29.22
CA LYS C 91 14.94 -40.82 29.52
C LYS C 91 15.14 -41.64 28.23
N ASN C 92 14.18 -41.57 27.31
CA ASN C 92 14.30 -42.31 26.04
C ASN C 92 15.45 -41.70 25.22
N ILE C 93 15.37 -40.38 25.04
CA ILE C 93 16.40 -39.68 24.28
C ILE C 93 17.77 -39.93 24.94
N LYS C 94 17.82 -39.85 26.27
CA LYS C 94 19.04 -40.13 27.02
C LYS C 94 19.53 -41.52 26.73
N ARG C 95 18.64 -42.52 26.79
CA ARG C 95 19.01 -43.89 26.43
C ARG C 95 19.70 -43.81 25.07
N THR C 96 19.07 -43.09 24.14
CA THR C 96 19.70 -42.96 22.80
C THR C 96 21.08 -42.27 22.82
N LEU C 97 21.29 -41.28 23.69
CA LEU C 97 22.61 -40.63 23.80
C LEU C 97 23.65 -41.56 24.41
N ALA C 98 23.34 -42.10 25.59
CA ALA C 98 24.19 -43.08 26.25
C ALA C 98 24.51 -44.26 25.33
N ALA C 99 23.56 -44.63 24.47
CA ALA C 99 23.82 -45.68 23.48
C ALA C 99 24.95 -45.33 22.49
N MET C 100 25.19 -44.04 22.25
CA MET C 100 26.29 -43.62 21.36
C MET C 100 27.64 -44.02 21.93
N PRO C 101 28.59 -44.41 21.06
CA PRO C 101 29.96 -44.60 21.53
C PRO C 101 30.63 -43.24 21.76
N GLU C 102 31.19 -43.06 22.95
CA GLU C 102 31.86 -41.81 23.30
C GLU C 102 33.25 -41.73 22.66
N GLU C 103 33.70 -42.84 22.09
CA GLU C 103 34.91 -42.87 21.26
C GLU C 103 34.85 -42.02 19.99
N GLU C 104 33.67 -41.78 19.43
CA GLU C 104 33.56 -41.22 18.07
C GLU C 104 33.79 -39.71 18.02
N THR C 105 34.27 -39.25 16.86
CA THR C 105 34.48 -37.83 16.60
C THR C 105 34.23 -37.55 15.11
N THR C 106 33.61 -36.41 14.83
CA THR C 106 33.33 -36.00 13.46
C THR C 106 34.33 -34.95 12.99
N GLU C 107 34.79 -35.11 11.75
CA GLU C 107 35.63 -34.14 11.06
C GLU C 107 34.70 -33.24 10.23
N ALA C 108 33.85 -32.56 10.98
CA ALA C 108 32.78 -31.76 10.42
C ALA C 108 32.25 -30.78 11.44
N ASN C 109 32.32 -29.49 11.10
CA ASN C 109 31.87 -28.41 11.99
C ASN C 109 30.52 -27.85 11.57
N ALA C 110 29.91 -27.06 12.45
CA ALA C 110 28.58 -26.50 12.23
C ALA C 110 28.33 -26.13 10.77
N GLY C 111 29.14 -25.21 10.25
CA GLY C 111 29.01 -24.75 8.86
C GLY C 111 28.73 -25.84 7.86
N GLN C 112 29.46 -26.95 7.98
CA GLN C 112 29.32 -28.08 7.07
C GLN C 112 27.93 -28.71 7.22
N PHE C 113 27.52 -28.93 8.47
CA PHE C 113 26.20 -29.47 8.77
C PHE C 113 25.09 -28.56 8.26
N LEU C 114 25.28 -27.25 8.43
CA LEU C 114 24.29 -26.25 8.03
C LEU C 114 24.22 -26.09 6.52
N SER C 115 25.36 -26.18 5.84
CA SER C 115 25.36 -26.19 4.37
C SER C 115 24.72 -27.47 3.87
N PHE C 116 25.10 -28.59 4.47
CA PHE C 116 24.48 -29.87 4.13
C PHE C 116 22.98 -29.83 4.31
N ALA C 117 22.52 -29.19 5.39
CA ALA C 117 21.09 -28.95 5.58
C ALA C 117 20.55 -28.06 4.46
N SER C 118 21.23 -26.95 4.21
CA SER C 118 20.81 -26.01 3.15
C SER C 118 20.58 -26.75 1.84
N LEU C 119 21.48 -27.65 1.48
CA LEU C 119 21.32 -28.48 0.28
C LEU C 119 19.89 -29.01 0.09
N PHE C 120 19.22 -29.34 1.19
CA PHE C 120 17.87 -29.90 1.13
C PHE C 120 16.81 -28.90 0.67
N LEU C 121 16.99 -27.63 1.04
CA LEU C 121 15.95 -26.61 0.88
C LEU C 121 15.20 -26.64 -0.46
N PRO C 122 15.90 -26.34 -1.58
CA PRO C 122 15.20 -26.09 -2.85
C PRO C 122 14.04 -27.04 -3.12
N LYS C 123 14.32 -28.33 -3.26
CA LYS C 123 13.27 -29.31 -3.58
C LYS C 123 12.57 -29.88 -2.35
N LEU C 124 12.98 -29.47 -1.15
CA LEU C 124 12.44 -30.03 0.10
C LEU C 124 10.94 -30.24 0.02
N VAL C 125 10.20 -29.16 -0.23
CA VAL C 125 8.74 -29.19 -0.15
C VAL C 125 8.09 -30.05 -1.24
N VAL C 126 8.84 -30.43 -2.27
CA VAL C 126 8.28 -31.25 -3.36
C VAL C 126 7.99 -32.68 -2.90
N GLY C 127 9.04 -33.44 -2.65
CA GLY C 127 8.89 -34.85 -2.29
C GLY C 127 10.19 -35.48 -1.87
N GLU C 128 10.13 -36.23 -0.78
CA GLU C 128 11.27 -36.89 -0.20
C GLU C 128 12.31 -37.30 -1.25
N LYS C 129 11.89 -38.22 -2.12
CA LYS C 129 12.76 -38.77 -3.17
C LYS C 129 13.39 -37.67 -4.01
N ALA C 130 12.56 -36.77 -4.51
CA ALA C 130 13.02 -35.67 -5.36
C ALA C 130 14.06 -34.83 -4.64
N CYS C 131 13.74 -34.46 -3.40
CA CYS C 131 14.64 -33.67 -2.56
C CYS C 131 15.96 -34.38 -2.33
N LEU C 132 15.90 -35.65 -1.98
CA LEU C 132 17.12 -36.44 -1.78
C LEU C 132 17.96 -36.52 -3.06
N GLU C 133 17.32 -36.88 -4.17
CA GLU C 133 17.99 -36.92 -5.46
C GLU C 133 18.68 -35.59 -5.74
N LYS C 134 17.89 -34.52 -5.61
CA LYS C 134 18.42 -33.15 -5.75
C LYS C 134 19.66 -32.97 -4.90
N VAL C 135 19.54 -33.26 -3.60
CA VAL C 135 20.67 -33.13 -2.68
C VAL C 135 21.89 -33.88 -3.24
N GLN C 136 21.69 -35.15 -3.57
CA GLN C 136 22.77 -35.97 -4.10
C GLN C 136 23.42 -35.31 -5.32
N ARG C 137 22.62 -35.00 -6.32
CA ARG C 137 23.13 -34.38 -7.54
C ARG C 137 23.87 -33.08 -7.25
N GLN C 138 23.34 -32.28 -6.33
CA GLN C 138 23.99 -31.02 -5.95
C GLN C 138 25.31 -31.25 -5.22
N ILE C 139 25.37 -32.30 -4.39
CA ILE C 139 26.63 -32.70 -3.76
C ILE C 139 27.64 -33.14 -4.82
N GLN C 140 27.19 -33.98 -5.75
CA GLN C 140 28.04 -34.42 -6.86
C GLN C 140 28.55 -33.22 -7.66
N VAL C 141 27.67 -32.24 -7.89
CA VAL C 141 28.04 -31.01 -8.61
C VAL C 141 29.02 -30.15 -7.79
N HIS C 142 28.81 -30.05 -6.48
CA HIS C 142 29.72 -29.29 -5.60
C HIS C 142 31.10 -29.96 -5.49
N ALA C 143 31.11 -31.29 -5.45
CA ALA C 143 32.35 -32.06 -5.46
C ALA C 143 33.04 -31.97 -6.82
N GLU C 144 32.25 -32.00 -7.90
CA GLU C 144 32.75 -31.76 -9.25
C GLU C 144 33.40 -30.38 -9.36
N GLN C 145 32.70 -29.37 -8.85
CA GLN C 145 33.21 -28.00 -8.74
C GLN C 145 34.48 -27.97 -7.89
N GLY C 146 34.50 -28.77 -6.83
CA GLY C 146 35.57 -28.73 -5.84
C GLY C 146 35.30 -27.63 -4.85
N LEU C 147 34.02 -27.35 -4.62
CA LEU C 147 33.60 -26.28 -3.72
C LEU C 147 33.62 -26.77 -2.28
N ILE C 148 33.28 -28.04 -2.08
CA ILE C 148 33.27 -28.65 -0.75
C ILE C 148 33.30 -30.17 -0.84
N GLN C 149 33.89 -30.80 0.18
CA GLN C 149 33.88 -32.25 0.33
C GLN C 149 33.11 -32.59 1.60
N TYR C 150 31.99 -33.30 1.44
CA TYR C 150 31.17 -33.72 2.58
C TYR C 150 31.56 -35.11 3.06
N PRO C 151 31.30 -35.42 4.34
CA PRO C 151 31.66 -36.74 4.85
C PRO C 151 30.81 -37.84 4.22
N THR C 152 31.47 -38.87 3.69
CA THR C 152 30.78 -40.00 3.05
C THR C 152 29.84 -40.73 3.99
N ALA C 153 30.02 -40.54 5.29
CA ALA C 153 29.06 -41.01 6.30
C ALA C 153 27.69 -40.36 6.12
N TRP C 154 27.68 -39.05 5.83
CA TRP C 154 26.44 -38.29 5.70
C TRP C 154 25.65 -38.66 4.45
N GLN C 155 26.34 -38.99 3.36
CA GLN C 155 25.70 -39.34 2.10
C GLN C 155 24.89 -40.65 2.15
N SER C 156 24.88 -41.32 3.30
CA SER C 156 23.97 -42.43 3.55
C SER C 156 22.52 -41.98 3.39
N VAL C 157 21.67 -42.91 2.96
CA VAL C 157 20.27 -42.59 2.70
C VAL C 157 19.58 -42.23 4.02
N GLY C 158 19.59 -43.17 4.95
CA GLY C 158 18.96 -42.99 6.27
C GLY C 158 19.25 -41.64 6.87
N HIS C 159 20.52 -41.25 6.86
CA HIS C 159 20.96 -39.94 7.36
C HIS C 159 20.22 -38.81 6.65
N MET C 160 20.25 -38.85 5.33
CA MET C 160 19.57 -37.84 4.51
C MET C 160 18.09 -37.81 4.82
N MET C 161 17.49 -38.98 5.05
CA MET C 161 16.06 -39.03 5.43
C MET C 161 15.81 -38.44 6.82
N VAL C 162 16.72 -38.70 7.76
CA VAL C 162 16.61 -38.11 9.09
C VAL C 162 16.72 -36.58 8.99
N ILE C 163 17.80 -36.10 8.39
CA ILE C 163 17.99 -34.66 8.23
C ILE C 163 16.79 -34.06 7.48
N PHE C 164 16.35 -34.73 6.42
CA PHE C 164 15.16 -34.31 5.69
C PHE C 164 13.97 -34.17 6.64
N ARG C 165 13.72 -35.21 7.43
CA ARG C 165 12.61 -35.18 8.39
C ARG C 165 12.76 -33.99 9.33
N LEU C 166 13.99 -33.77 9.80
CA LEU C 166 14.29 -32.62 10.66
C LEU C 166 13.95 -31.30 9.98
N MET C 167 14.40 -31.12 8.75
CA MET C 167 14.16 -29.90 8.00
C MET C 167 12.66 -29.72 7.74
N ARG C 168 11.96 -30.80 7.39
CA ARG C 168 10.51 -30.76 7.17
C ARG C 168 9.77 -30.39 8.46
N THR C 169 10.14 -31.02 9.57
CA THR C 169 9.44 -30.81 10.84
C THR C 169 9.77 -29.48 11.53
N ASN C 170 11.03 -29.02 11.44
CA ASN C 170 11.46 -27.79 12.11
C ASN C 170 11.43 -26.56 11.20
N PHE C 171 11.10 -25.42 11.79
CA PHE C 171 10.96 -24.15 11.09
C PHE C 171 12.21 -23.26 11.24
N LEU C 172 12.53 -23.02 12.51
CA LEU C 172 13.66 -22.19 12.90
C LEU C 172 14.87 -22.41 11.99
N ILE C 173 15.38 -23.63 11.97
CA ILE C 173 16.54 -23.98 11.15
C ILE C 173 16.42 -23.43 9.72
N LYS C 174 15.26 -23.64 9.11
CA LYS C 174 15.05 -23.20 7.75
C LYS C 174 15.07 -21.68 7.73
N PHE C 175 14.35 -21.07 8.66
CA PHE C 175 14.32 -19.60 8.71
C PHE C 175 15.72 -18.98 8.83
N LEU C 176 16.54 -19.56 9.69
CA LEU C 176 17.90 -19.07 9.89
C LEU C 176 18.77 -19.37 8.68
N LEU C 177 18.73 -20.60 8.19
CA LEU C 177 19.44 -20.96 6.97
C LEU C 177 19.15 -19.94 5.87
N ILE C 178 17.86 -19.80 5.55
CA ILE C 178 17.50 -18.88 4.47
C ILE C 178 17.89 -17.45 4.82
N HIS C 179 17.65 -17.03 6.06
CA HIS C 179 18.00 -15.66 6.47
C HIS C 179 19.47 -15.38 6.22
N GLN C 180 20.32 -16.34 6.57
CA GLN C 180 21.75 -16.25 6.30
C GLN C 180 22.00 -16.24 4.80
N GLY C 181 21.32 -17.15 4.09
CA GLY C 181 21.46 -17.24 2.64
C GLY C 181 21.20 -15.93 1.91
N MET C 182 20.10 -15.26 2.27
CA MET C 182 19.70 -14.01 1.60
C MET C 182 20.20 -12.76 2.30
N HIS C 183 19.78 -12.54 3.55
CA HIS C 183 19.93 -11.24 4.20
C HIS C 183 21.40 -10.92 4.48
N MET C 184 22.00 -11.60 5.45
CA MET C 184 23.39 -11.36 5.82
C MET C 184 24.29 -12.31 5.04
N VAL C 185 24.69 -11.85 3.85
CA VAL C 185 25.47 -12.67 2.91
C VAL C 185 26.89 -12.09 2.75
N ALA C 186 27.55 -11.89 3.88
CA ALA C 186 28.94 -11.44 3.92
C ALA C 186 29.86 -12.62 4.25
N GLY C 187 31.17 -12.37 4.24
CA GLY C 187 32.17 -13.40 4.54
C GLY C 187 32.71 -14.08 3.30
N HIS C 188 33.85 -14.75 3.47
CA HIS C 188 34.56 -15.41 2.36
C HIS C 188 34.58 -16.94 2.52
N ASP C 189 33.66 -17.46 3.35
CA ASP C 189 33.61 -18.89 3.65
C ASP C 189 32.89 -19.67 2.56
N ALA C 190 33.27 -20.93 2.39
CA ALA C 190 32.65 -21.82 1.39
C ALA C 190 31.24 -22.21 1.78
N ASN C 191 31.10 -22.72 3.01
CA ASN C 191 29.80 -23.11 3.55
C ASN C 191 28.75 -22.02 3.36
N ASP C 192 29.12 -20.79 3.67
CA ASP C 192 28.25 -19.63 3.46
C ASP C 192 27.82 -19.51 2.00
N ALA C 193 28.78 -19.71 1.09
CA ALA C 193 28.49 -19.67 -0.35
C ALA C 193 27.56 -20.80 -0.77
N VAL C 194 27.77 -21.99 -0.22
CA VAL C 194 26.90 -23.13 -0.51
C VAL C 194 25.48 -22.86 -0.01
N ILE C 195 25.40 -22.35 1.22
CA ILE C 195 24.12 -21.97 1.80
C ILE C 195 23.43 -20.93 0.91
N SER C 196 24.13 -19.83 0.65
CA SER C 196 23.61 -18.76 -0.19
C SER C 196 23.14 -19.27 -1.56
N ASN C 197 23.94 -20.15 -2.16
CA ASN C 197 23.58 -20.79 -3.41
C ASN C 197 22.30 -21.62 -3.30
N SER C 198 22.26 -22.52 -2.31
CA SER C 198 21.08 -23.36 -2.11
C SER C 198 19.81 -22.52 -1.85
N VAL C 199 19.95 -21.52 -0.99
CA VAL C 199 18.85 -20.62 -0.66
C VAL C 199 18.40 -19.81 -1.89
N ALA C 200 19.37 -19.34 -2.67
CA ALA C 200 19.06 -18.68 -3.94
C ALA C 200 18.33 -19.64 -4.89
N GLN C 201 18.72 -20.91 -4.88
CA GLN C 201 18.03 -21.93 -5.66
C GLN C 201 16.60 -22.22 -5.15
N ALA C 202 16.41 -22.10 -3.84
CA ALA C 202 15.09 -22.38 -3.23
C ALA C 202 13.97 -21.39 -3.58
N ARG C 203 14.33 -20.18 -4.00
CA ARG C 203 13.35 -19.13 -4.27
C ARG C 203 12.12 -19.62 -5.04
N PHE C 204 10.93 -19.38 -4.48
CA PHE C 204 9.64 -19.75 -5.06
C PHE C 204 9.37 -21.25 -5.13
N SER C 205 10.17 -22.05 -4.41
CA SER C 205 9.92 -23.47 -4.34
C SER C 205 8.47 -23.73 -3.93
N GLY C 206 7.73 -24.45 -4.78
CA GLY C 206 6.32 -24.78 -4.54
C GLY C 206 5.32 -23.81 -5.13
N LEU C 207 5.80 -22.67 -5.64
CA LEU C 207 4.91 -21.68 -6.22
C LEU C 207 5.07 -21.54 -7.72
N LEU C 208 6.11 -22.17 -8.28
CA LEU C 208 6.49 -21.96 -9.67
C LEU C 208 5.30 -22.04 -10.64
N ILE C 209 4.43 -23.02 -10.38
CA ILE C 209 3.20 -23.18 -11.13
C ILE C 209 2.37 -21.89 -11.10
N VAL C 210 1.97 -21.50 -9.89
CA VAL C 210 1.16 -20.31 -9.70
C VAL C 210 1.85 -19.14 -10.39
N LYS C 211 3.13 -18.96 -10.05
CA LYS C 211 3.94 -17.91 -10.65
C LYS C 211 3.80 -17.89 -12.18
N THR C 212 4.02 -19.03 -12.83
CA THR C 212 3.92 -19.10 -14.29
C THR C 212 2.51 -18.79 -14.77
N VAL C 213 1.51 -19.35 -14.09
CA VAL C 213 0.13 -19.03 -14.44
C VAL C 213 -0.03 -17.52 -14.44
N LEU C 214 0.46 -16.86 -13.39
CA LEU C 214 0.43 -15.40 -13.31
C LEU C 214 1.16 -14.78 -14.50
N ASP C 215 2.37 -15.27 -14.76
CA ASP C 215 3.13 -14.83 -15.93
C ASP C 215 2.27 -14.86 -17.19
N HIS C 216 1.47 -15.91 -17.35
CA HIS C 216 0.59 -16.04 -18.52
C HIS C 216 -0.67 -15.17 -18.44
N ILE C 217 -1.17 -14.93 -17.23
CA ILE C 217 -2.29 -13.99 -17.03
C ILE C 217 -1.85 -12.55 -17.27
N LEU C 218 -0.56 -12.28 -17.14
CA LEU C 218 -0.03 -10.97 -17.52
C LEU C 218 0.18 -10.92 -19.03
N GLN C 219 0.35 -9.70 -19.53
CA GLN C 219 0.56 -9.48 -20.97
C GLN C 219 1.46 -8.27 -21.19
N LYS C 220 2.55 -8.47 -21.94
CA LYS C 220 3.41 -7.38 -22.37
C LYS C 220 2.69 -6.57 -23.43
N THR C 221 3.04 -5.30 -23.54
CA THR C 221 2.56 -4.46 -24.63
C THR C 221 3.34 -3.15 -24.70
N GLU C 222 3.26 -2.48 -25.85
CA GLU C 222 3.96 -1.21 -26.08
C GLU C 222 3.82 -0.28 -24.88
N ARG C 223 2.62 -0.22 -24.30
CA ARG C 223 2.35 0.56 -23.11
C ARG C 223 2.60 -0.26 -21.83
N GLY C 224 3.80 -0.83 -21.71
CA GLY C 224 4.20 -1.59 -20.53
C GLY C 224 3.47 -2.92 -20.43
N VAL C 225 3.38 -3.44 -19.21
CA VAL C 225 2.67 -4.70 -18.98
C VAL C 225 1.27 -4.40 -18.51
N ARG C 226 0.35 -5.33 -18.75
CA ARG C 226 -1.03 -5.19 -18.31
C ARG C 226 -1.61 -6.55 -17.99
N LEU C 227 -2.73 -6.55 -17.27
CA LEU C 227 -3.45 -7.78 -17.01
C LEU C 227 -4.13 -8.20 -18.30
N HIS C 228 -4.12 -9.50 -18.58
CA HIS C 228 -4.60 -9.99 -19.88
C HIS C 228 -6.11 -9.83 -20.01
N PRO C 229 -6.58 -9.24 -21.13
CA PRO C 229 -8.00 -8.89 -21.26
C PRO C 229 -8.95 -10.03 -20.93
N LEU C 230 -8.68 -11.22 -21.45
CA LEU C 230 -9.44 -12.41 -21.06
C LEU C 230 -9.75 -12.45 -19.56
N ALA C 231 -8.73 -12.30 -18.73
CA ALA C 231 -8.90 -12.32 -17.27
C ALA C 231 -9.87 -11.25 -16.77
N ARG C 232 -9.90 -10.10 -17.43
CA ARG C 232 -10.87 -9.05 -17.12
C ARG C 232 -12.31 -9.43 -17.45
N THR C 233 -12.52 -10.55 -18.17
CA THR C 233 -13.88 -11.03 -18.45
C THR C 233 -14.74 -11.08 -17.18
N ALA C 234 -16.05 -10.99 -17.36
CA ALA C 234 -16.98 -10.90 -16.24
C ALA C 234 -16.99 -12.16 -15.37
N LYS C 235 -17.25 -13.31 -15.98
CA LYS C 235 -17.47 -14.55 -15.21
C LYS C 235 -16.28 -15.03 -14.37
N VAL C 236 -15.10 -14.44 -14.56
CA VAL C 236 -13.92 -14.79 -13.78
C VAL C 236 -13.66 -13.76 -12.68
N LYS C 237 -14.42 -12.66 -12.71
CA LYS C 237 -14.14 -11.52 -11.85
C LYS C 237 -13.87 -11.90 -10.39
N ASN C 238 -14.78 -12.67 -9.79
CA ASN C 238 -14.59 -13.10 -8.40
C ASN C 238 -13.29 -13.83 -8.20
N GLU C 239 -13.00 -14.76 -9.11
CA GLU C 239 -11.78 -15.54 -9.05
C GLU C 239 -10.59 -14.59 -9.13
N VAL C 240 -10.63 -13.65 -10.06
CA VAL C 240 -9.56 -12.64 -10.15
C VAL C 240 -9.43 -11.85 -8.85
N ASN C 241 -10.54 -11.47 -8.25
CA ASN C 241 -10.50 -10.70 -7.00
C ASN C 241 -9.86 -11.51 -5.88
N SER C 242 -10.41 -12.71 -5.65
CA SER C 242 -9.86 -13.59 -4.62
C SER C 242 -8.36 -13.81 -4.88
N PHE C 243 -8.01 -14.02 -6.14
CA PHE C 243 -6.60 -14.17 -6.49
C PHE C 243 -5.80 -12.93 -6.10
N LYS C 244 -6.28 -11.77 -6.48
CA LYS C 244 -5.63 -10.51 -6.13
C LYS C 244 -5.40 -10.45 -4.63
N ALA C 245 -6.47 -10.68 -3.88
CA ALA C 245 -6.38 -10.68 -2.42
C ALA C 245 -5.31 -11.64 -1.93
N ALA C 246 -5.38 -12.89 -2.40
CA ALA C 246 -4.38 -13.89 -2.03
C ALA C 246 -2.96 -13.38 -2.30
N LEU C 247 -2.77 -12.87 -3.51
CA LEU C 247 -1.47 -12.37 -3.93
C LEU C 247 -0.99 -11.21 -3.07
N SER C 248 -1.92 -10.37 -2.63
CA SER C 248 -1.58 -9.33 -1.66
C SER C 248 -1.14 -9.95 -0.33
N SER C 249 -2.01 -10.81 0.21
CA SER C 249 -1.73 -11.47 1.49
C SER C 249 -0.39 -12.23 1.46
N LEU C 250 0.02 -12.69 0.29
CA LEU C 250 1.38 -13.20 0.11
C LEU C 250 2.38 -12.05 0.12
N ALA C 251 2.18 -11.10 -0.80
CA ALA C 251 3.12 -10.01 -1.01
C ALA C 251 3.51 -9.31 0.28
N LYS C 252 2.51 -9.06 1.15
CA LYS C 252 2.81 -8.49 2.49
C LYS C 252 4.02 -9.10 3.18
N HIS C 253 4.31 -10.38 2.93
CA HIS C 253 5.45 -11.05 3.58
C HIS C 253 6.82 -10.56 3.11
N GLY C 254 6.86 -9.69 2.12
CA GLY C 254 8.12 -9.02 1.75
C GLY C 254 9.17 -9.95 1.18
N GLU C 255 10.43 -9.70 1.52
CA GLU C 255 11.57 -10.42 0.94
C GLU C 255 11.49 -11.93 1.13
N TYR C 256 10.78 -12.37 2.16
CA TYR C 256 10.64 -13.80 2.44
C TYR C 256 9.53 -14.46 1.61
N ALA C 257 8.74 -13.67 0.88
CA ALA C 257 7.66 -14.20 0.04
C ALA C 257 8.06 -15.43 -0.78
N PRO C 258 9.18 -15.36 -1.53
CA PRO C 258 9.57 -16.53 -2.33
C PRO C 258 9.73 -17.82 -1.51
N PHE C 259 10.01 -17.68 -0.22
CA PHE C 259 10.11 -18.83 0.66
C PHE C 259 8.87 -18.98 1.53
N ALA C 260 7.70 -18.64 0.98
CA ALA C 260 6.47 -18.66 1.75
C ALA C 260 5.93 -20.07 1.93
N ARG C 261 6.19 -20.92 0.93
CA ARG C 261 5.70 -22.30 0.94
C ARG C 261 6.61 -23.21 1.75
N LEU C 262 7.92 -22.96 1.68
CA LEU C 262 8.87 -23.69 2.52
C LEU C 262 8.57 -23.42 3.98
N LEU C 263 8.53 -22.13 4.33
CA LEU C 263 8.25 -21.70 5.69
C LEU C 263 6.80 -21.92 6.09
N ASN C 264 5.93 -22.04 5.09
CA ASN C 264 4.50 -22.17 5.31
C ASN C 264 4.00 -20.94 6.07
N LEU C 265 4.06 -19.79 5.40
CA LEU C 265 3.61 -18.53 6.00
C LEU C 265 2.09 -18.47 6.03
N SER C 266 1.52 -17.32 6.41
CA SER C 266 0.08 -17.20 6.59
C SER C 266 -0.73 -17.43 5.30
N GLY C 267 -0.67 -16.48 4.38
CA GLY C 267 -1.51 -16.51 3.19
C GLY C 267 -1.20 -17.60 2.17
N VAL C 268 0.01 -18.14 2.23
CA VAL C 268 0.51 -19.07 1.21
C VAL C 268 -0.44 -20.22 0.86
N ASN C 269 -1.19 -20.72 1.83
CA ASN C 269 -2.16 -21.78 1.61
C ASN C 269 -3.24 -21.43 0.61
N ASN C 270 -3.53 -20.14 0.45
CA ASN C 270 -4.57 -19.69 -0.46
C ASN C 270 -4.09 -19.45 -1.89
N LEU C 271 -2.89 -19.92 -2.24
CA LEU C 271 -2.38 -19.81 -3.60
C LEU C 271 -1.97 -21.18 -4.16
N GLU C 272 -2.94 -21.91 -4.68
CA GLU C 272 -2.65 -23.12 -5.44
C GLU C 272 -3.47 -23.07 -6.72
N HIS C 273 -2.87 -23.51 -7.82
CA HIS C 273 -3.53 -23.43 -9.13
C HIS C 273 -4.95 -24.01 -9.12
N GLY C 274 -5.14 -25.10 -8.38
CA GLY C 274 -6.46 -25.73 -8.25
C GLY C 274 -7.53 -24.82 -7.68
N LEU C 275 -7.12 -23.87 -6.86
CA LEU C 275 -8.05 -22.86 -6.31
C LEU C 275 -8.47 -21.85 -7.36
N PHE C 276 -7.75 -21.81 -8.49
CA PHE C 276 -8.03 -20.83 -9.53
C PHE C 276 -8.17 -21.50 -10.89
N PRO C 277 -9.21 -22.33 -11.04
CA PRO C 277 -9.37 -23.15 -12.24
C PRO C 277 -9.55 -22.35 -13.50
N GLN C 278 -10.45 -21.36 -13.50
CA GLN C 278 -10.70 -20.57 -14.69
C GLN C 278 -9.42 -19.90 -15.14
N LEU C 279 -8.76 -19.22 -14.21
CA LEU C 279 -7.51 -18.53 -14.51
C LEU C 279 -6.46 -19.50 -15.02
N SER C 280 -6.26 -20.59 -14.29
CA SER C 280 -5.34 -21.63 -14.72
C SER C 280 -5.62 -22.03 -16.17
N ALA C 281 -6.88 -22.36 -16.43
CA ALA C 281 -7.34 -22.77 -17.75
C ALA C 281 -7.00 -21.71 -18.79
N ILE C 282 -7.36 -20.47 -18.52
CA ILE C 282 -7.05 -19.37 -19.43
C ILE C 282 -5.55 -19.35 -19.71
N ALA C 283 -4.76 -19.26 -18.65
CA ALA C 283 -3.31 -19.24 -18.77
C ALA C 283 -2.81 -20.36 -19.68
N LEU C 284 -3.22 -21.58 -19.37
CA LEU C 284 -2.86 -22.74 -20.19
C LEU C 284 -3.28 -22.54 -21.64
N GLY C 285 -4.48 -22.00 -21.85
CA GLY C 285 -4.96 -21.68 -23.19
C GLY C 285 -4.03 -20.73 -23.91
N VAL C 286 -3.68 -19.64 -23.25
CA VAL C 286 -2.75 -18.66 -23.80
C VAL C 286 -1.43 -19.36 -24.16
N ALA C 287 -0.87 -20.05 -23.18
CA ALA C 287 0.37 -20.79 -23.40
C ALA C 287 0.26 -21.63 -24.66
N THR C 288 -0.74 -22.50 -24.68
CA THR C 288 -0.94 -23.42 -25.79
C THR C 288 -1.09 -22.66 -27.12
N ALA C 289 -1.78 -21.53 -27.08
CA ALA C 289 -1.92 -20.69 -28.27
C ALA C 289 -0.57 -20.16 -28.72
N HIS C 290 0.25 -19.73 -27.77
CA HIS C 290 1.59 -19.26 -28.11
C HIS C 290 2.52 -20.37 -28.56
N GLY C 291 2.24 -21.60 -28.13
CA GLY C 291 2.98 -22.76 -28.60
C GLY C 291 3.52 -23.58 -27.44
N SER C 292 4.06 -22.89 -26.44
CA SER C 292 4.55 -23.54 -25.24
C SER C 292 3.41 -24.18 -24.45
N THR C 293 3.73 -25.16 -23.63
CA THR C 293 2.76 -25.75 -22.71
C THR C 293 3.16 -25.46 -21.27
N LEU C 294 2.17 -25.45 -20.40
CA LEU C 294 2.34 -25.02 -19.03
C LEU C 294 2.42 -26.24 -18.13
N ALA C 295 3.46 -26.29 -17.29
CA ALA C 295 3.73 -27.47 -16.47
C ALA C 295 2.86 -27.49 -15.21
N GLY C 296 2.52 -28.69 -14.77
CA GLY C 296 1.83 -28.90 -13.50
C GLY C 296 0.47 -28.22 -13.38
N VAL C 297 -0.27 -28.19 -14.47
CA VAL C 297 -1.60 -27.59 -14.48
C VAL C 297 -2.61 -28.50 -15.18
N ASN C 298 -3.05 -29.51 -14.45
CA ASN C 298 -4.14 -30.35 -14.91
C ASN C 298 -5.44 -29.55 -14.89
N VAL C 299 -6.14 -29.54 -16.01
CA VAL C 299 -7.32 -28.69 -16.19
C VAL C 299 -8.61 -29.52 -16.09
N GLY C 300 -9.65 -28.91 -15.52
CA GLY C 300 -10.93 -29.57 -15.35
C GLY C 300 -11.67 -29.75 -16.67
N GLU C 301 -12.43 -30.84 -16.74
CA GLU C 301 -13.11 -31.22 -17.98
C GLU C 301 -14.13 -30.17 -18.38
N GLN C 302 -14.75 -29.53 -17.40
CA GLN C 302 -15.69 -28.46 -17.66
C GLN C 302 -14.95 -27.18 -18.12
N TYR C 303 -13.68 -27.05 -17.73
CA TYR C 303 -12.87 -25.91 -18.14
C TYR C 303 -12.13 -26.14 -19.48
N GLN C 304 -12.04 -27.40 -19.89
CA GLN C 304 -11.46 -27.76 -21.19
C GLN C 304 -12.02 -26.84 -22.28
N GLN C 305 -13.34 -26.72 -22.30
CA GLN C 305 -14.04 -25.78 -23.16
C GLN C 305 -13.40 -24.39 -23.07
N LEU C 306 -13.38 -23.85 -21.85
CA LEU C 306 -12.84 -22.51 -21.59
C LEU C 306 -11.44 -22.37 -22.18
N ARG C 307 -10.53 -23.22 -21.74
CA ARG C 307 -9.15 -23.21 -22.25
C ARG C 307 -9.14 -23.22 -23.78
N GLU C 308 -9.86 -24.20 -24.33
CA GLU C 308 -9.95 -24.40 -25.77
C GLU C 308 -10.45 -23.15 -26.50
N ALA C 309 -11.32 -22.37 -25.84
CA ALA C 309 -11.71 -21.07 -26.38
C ALA C 309 -10.57 -20.06 -26.25
N ALA C 310 -10.04 -19.95 -25.04
CA ALA C 310 -8.98 -19.02 -24.71
C ALA C 310 -7.82 -19.12 -25.70
N THR C 311 -7.46 -20.35 -26.08
CA THR C 311 -6.45 -20.52 -27.12
C THR C 311 -6.81 -19.70 -28.37
N GLU C 312 -8.00 -19.99 -28.91
CA GLU C 312 -8.49 -19.32 -30.11
C GLU C 312 -8.46 -17.82 -29.92
N ALA C 313 -9.08 -17.37 -28.83
CA ALA C 313 -9.07 -15.97 -28.48
C ALA C 313 -7.66 -15.41 -28.61
N GLU C 314 -6.74 -15.95 -27.82
CA GLU C 314 -5.36 -15.45 -27.83
C GLU C 314 -4.79 -15.45 -29.24
N LYS C 315 -5.00 -16.52 -30.00
CA LYS C 315 -4.53 -16.51 -31.39
C LYS C 315 -5.10 -15.32 -32.18
N GLN C 316 -6.40 -15.08 -32.01
CA GLN C 316 -7.04 -13.99 -32.74
C GLN C 316 -6.48 -12.63 -32.30
N LEU C 317 -6.29 -12.49 -31.00
CA LEU C 317 -5.59 -11.35 -30.44
C LEU C 317 -4.25 -11.17 -31.13
N GLN C 318 -3.44 -12.22 -31.13
CA GLN C 318 -2.12 -12.21 -31.75
C GLN C 318 -2.21 -11.74 -33.19
N GLN C 319 -3.07 -12.38 -33.96
CA GLN C 319 -3.25 -11.96 -35.35
C GLN C 319 -3.57 -10.47 -35.41
N TYR C 320 -4.64 -10.07 -34.73
CA TYR C 320 -5.02 -8.66 -34.72
C TYR C 320 -3.80 -7.77 -34.42
N ALA C 321 -3.01 -8.15 -33.42
CA ALA C 321 -1.76 -7.47 -33.10
C ALA C 321 -0.88 -7.40 -34.33
N GLU C 322 -0.49 -8.54 -34.90
CA GLU C 322 0.33 -8.54 -36.14
C GLU C 322 -0.21 -7.53 -37.15
N SER C 323 -1.49 -7.68 -37.46
CA SER C 323 -2.14 -6.81 -38.44
C SER C 323 -2.11 -5.32 -38.03
N ARG C 324 -2.13 -5.04 -36.74
CA ARG C 324 -1.97 -3.67 -36.27
C ARG C 324 -0.52 -3.22 -36.43
N GLU C 325 0.42 -4.16 -36.28
CA GLU C 325 1.84 -3.91 -36.48
C GLU C 325 2.04 -3.51 -37.96
N LEU C 326 1.58 -4.36 -38.87
CA LEU C 326 1.71 -4.07 -40.31
C LEU C 326 1.37 -2.61 -40.60
N ASP C 327 0.15 -2.22 -40.24
CA ASP C 327 -0.33 -0.86 -40.41
C ASP C 327 0.77 0.17 -40.19
N HIS C 328 1.50 0.03 -39.09
CA HIS C 328 2.49 1.04 -38.68
C HIS C 328 3.63 1.21 -39.69
N LEU C 329 4.03 0.13 -40.36
CA LEU C 329 5.15 0.19 -41.29
C LEU C 329 4.64 0.74 -42.63
N GLY C 330 5.54 1.10 -43.54
CA GLY C 330 5.19 1.64 -44.85
C GLY C 330 4.73 0.59 -45.84
N LEU C 331 3.45 0.61 -46.18
CA LEU C 331 2.81 -0.43 -46.97
C LEU C 331 1.91 0.16 -48.03
N ASP C 332 1.58 -0.68 -49.02
CA ASP C 332 0.41 -0.48 -49.86
C ASP C 332 -0.72 -1.35 -49.31
N ASP C 333 -1.94 -0.86 -49.41
CA ASP C 333 -3.11 -1.56 -48.86
C ASP C 333 -3.13 -3.03 -49.30
N GLN C 334 -2.96 -3.26 -50.61
CA GLN C 334 -2.90 -4.62 -51.14
C GLN C 334 -1.76 -5.44 -50.51
N GLU C 335 -0.59 -4.81 -50.37
CA GLU C 335 0.56 -5.47 -49.74
C GLU C 335 0.18 -5.89 -48.32
N LYS C 336 -0.43 -4.97 -47.58
CA LYS C 336 -0.93 -5.29 -46.25
C LYS C 336 -1.88 -6.48 -46.33
N LYS C 337 -2.86 -6.40 -47.22
CA LYS C 337 -3.84 -7.47 -47.37
C LYS C 337 -3.15 -8.81 -47.58
N ILE C 338 -2.24 -8.87 -48.55
CA ILE C 338 -1.51 -10.11 -48.80
C ILE C 338 -0.68 -10.55 -47.60
N LEU C 339 -0.05 -9.61 -46.90
CA LEU C 339 0.69 -9.97 -45.69
C LEU C 339 -0.23 -10.59 -44.63
N MET C 340 -1.35 -9.92 -44.33
CA MET C 340 -2.34 -10.48 -43.41
C MET C 340 -2.79 -11.86 -43.87
N ASN C 341 -3.08 -11.97 -45.16
CA ASN C 341 -3.40 -13.26 -45.76
C ASN C 341 -2.32 -14.29 -45.43
N PHE C 342 -1.05 -13.87 -45.53
CA PHE C 342 0.08 -14.71 -45.18
C PHE C 342 0.10 -15.07 -43.68
N HIS C 343 -0.32 -14.14 -42.83
CA HIS C 343 -0.46 -14.43 -41.40
C HIS C 343 -1.51 -15.50 -41.19
N GLN C 344 -2.68 -15.30 -41.79
CA GLN C 344 -3.75 -16.29 -41.69
C GLN C 344 -3.33 -17.64 -42.26
N LYS C 345 -2.53 -17.61 -43.32
CA LYS C 345 -2.00 -18.83 -43.93
C LYS C 345 -1.01 -19.55 -43.01
N LYS C 346 -0.03 -18.82 -42.48
CA LYS C 346 0.96 -19.42 -41.59
C LYS C 346 0.29 -19.91 -40.31
N ASN C 347 -0.73 -19.18 -39.85
CA ASN C 347 -1.51 -19.59 -38.69
C ASN C 347 -2.81 -20.30 -39.10
N MET D 1 5.87 -6.99 -29.84
CA MET D 1 4.49 -7.53 -30.02
C MET D 1 3.95 -8.11 -28.71
N PRO D 2 2.68 -7.80 -28.37
CA PRO D 2 2.05 -8.32 -27.17
C PRO D 2 2.18 -9.83 -26.97
N GLY D 3 2.36 -10.23 -25.71
CA GLY D 3 2.51 -11.63 -25.34
C GLY D 3 2.61 -11.78 -23.83
N PRO D 4 2.49 -13.01 -23.32
CA PRO D 4 2.58 -13.21 -21.88
C PRO D 4 4.00 -12.98 -21.41
N GLU D 5 4.17 -12.37 -20.24
CA GLU D 5 5.49 -12.07 -19.72
C GLU D 5 6.14 -13.32 -19.14
N LEU D 6 6.87 -14.04 -20.00
CA LEU D 6 7.49 -15.31 -19.61
C LEU D 6 8.73 -15.12 -18.74
N SER D 7 9.31 -13.92 -18.75
CA SER D 7 10.52 -13.66 -17.97
C SER D 7 10.36 -13.82 -16.47
N GLY D 8 9.13 -13.70 -15.96
CA GLY D 8 8.85 -13.83 -14.53
C GLY D 8 9.08 -12.55 -13.76
N TRP D 9 10.01 -11.73 -14.23
CA TRP D 9 10.36 -10.46 -13.59
C TRP D 9 9.18 -9.86 -12.86
N ILE D 10 8.12 -9.54 -13.59
CA ILE D 10 6.96 -8.85 -13.02
C ILE D 10 6.28 -9.70 -11.95
N SER D 11 6.02 -10.97 -12.26
CA SER D 11 5.45 -11.87 -11.25
C SER D 11 6.26 -11.74 -9.96
N GLU D 12 7.57 -11.90 -10.10
CA GLU D 12 8.50 -11.76 -8.98
C GLU D 12 8.33 -10.42 -8.26
N GLN D 13 8.24 -9.34 -9.03
CA GLN D 13 8.05 -8.00 -8.44
C GLN D 13 6.78 -7.96 -7.60
N LEU D 14 5.69 -8.46 -8.17
CA LEU D 14 4.38 -8.45 -7.50
C LEU D 14 4.36 -9.30 -6.26
N MET D 15 4.92 -10.51 -6.37
CA MET D 15 4.96 -11.44 -5.24
C MET D 15 5.89 -10.96 -4.14
N THR D 16 7.02 -10.35 -4.52
CA THR D 16 7.89 -9.68 -3.54
C THR D 16 7.17 -8.48 -2.90
N GLY D 17 6.38 -7.77 -3.70
CA GLY D 17 5.73 -6.54 -3.25
C GLY D 17 6.52 -5.31 -3.66
N ARG D 18 7.45 -5.49 -4.61
CA ARG D 18 8.20 -4.38 -5.18
C ARG D 18 7.27 -3.57 -6.08
N ILE D 19 6.27 -4.24 -6.66
CA ILE D 19 5.19 -3.58 -7.38
C ILE D 19 3.88 -3.92 -6.70
N PRO D 20 3.05 -2.90 -6.36
CA PRO D 20 1.78 -3.20 -5.73
C PRO D 20 0.82 -3.85 -6.70
N VAL D 21 0.22 -4.96 -6.31
CA VAL D 21 -0.65 -5.73 -7.21
C VAL D 21 -1.66 -4.84 -7.92
N SER D 22 -2.24 -3.90 -7.18
CA SER D 22 -3.24 -2.99 -7.72
C SER D 22 -2.77 -2.19 -8.93
N ASP D 23 -1.46 -1.95 -9.03
CA ASP D 23 -0.90 -1.28 -10.22
C ASP D 23 -1.15 -2.07 -11.50
N ILE D 24 -1.43 -3.37 -11.40
CA ILE D 24 -1.81 -4.16 -12.57
C ILE D 24 -3.25 -4.70 -12.47
N PHE D 25 -3.72 -4.96 -11.25
CA PHE D 25 -5.12 -5.38 -11.04
C PHE D 25 -6.01 -4.14 -10.85
N CYS D 26 -6.62 -3.70 -11.95
CA CYS D 26 -7.35 -2.44 -12.00
C CYS D 26 -8.74 -2.62 -12.57
N ASP D 27 -9.75 -2.59 -11.71
CA ASP D 27 -11.11 -2.84 -12.15
C ASP D 27 -11.74 -1.65 -12.88
N ILE D 28 -11.19 -0.45 -12.70
CA ILE D 28 -11.63 0.74 -13.46
C ILE D 28 -10.43 1.56 -13.92
N ARG E 2 19.48 16.23 19.83
CA ARG E 2 18.43 15.27 19.38
C ARG E 2 18.19 14.13 20.38
N VAL E 3 18.89 14.15 21.52
CA VAL E 3 18.64 13.19 22.60
C VAL E 3 17.94 13.92 23.75
N ILE E 4 16.80 13.38 24.18
CA ILE E 4 15.94 14.03 25.16
C ILE E 4 16.03 13.32 26.51
N PRO E 5 16.62 13.98 27.53
CA PRO E 5 16.71 13.35 28.83
C PRO E 5 15.36 13.32 29.54
N VAL E 6 14.98 12.15 30.05
CA VAL E 6 13.75 12.04 30.84
C VAL E 6 14.12 11.73 32.28
N TYR E 7 13.49 12.46 33.21
CA TYR E 7 13.85 12.38 34.62
C TYR E 7 12.88 11.48 35.39
N GLN E 8 13.31 11.07 36.59
CA GLN E 8 12.50 10.20 37.44
C GLN E 8 12.50 10.73 38.87
N VAL E 9 11.29 10.96 39.40
CA VAL E 9 11.11 11.58 40.71
C VAL E 9 10.01 10.86 41.48
N ASN E 10 10.08 10.92 42.81
CA ASN E 10 9.05 10.34 43.68
C ASN E 10 7.75 11.13 43.57
N ASN E 11 7.83 12.42 43.85
CA ASN E 11 6.69 13.32 43.71
C ASN E 11 6.70 13.99 42.35
N LEU E 12 5.80 13.55 41.47
CA LEU E 12 5.66 14.17 40.18
C LEU E 12 4.72 15.37 40.20
N GLU E 13 3.56 15.19 40.81
CA GLU E 13 2.51 16.23 40.87
C GLU E 13 3.09 17.63 41.20
N GLU E 14 3.99 17.68 42.17
CA GLU E 14 4.65 18.94 42.55
C GLU E 14 5.46 19.51 41.37
N ILE E 15 6.31 18.66 40.79
CA ILE E 15 7.12 19.05 39.63
C ILE E 15 6.19 19.57 38.53
N CYS E 16 5.13 18.83 38.26
CA CYS E 16 4.13 19.22 37.27
C CYS E 16 3.53 20.60 37.58
N GLN E 17 2.93 20.76 38.77
CA GLN E 17 2.31 22.05 39.09
C GLN E 17 3.34 23.19 39.01
N LEU E 18 4.56 22.91 39.48
CA LEU E 18 5.64 23.90 39.36
C LEU E 18 6.02 24.20 37.91
N ILE E 19 5.86 23.23 37.00
CA ILE E 19 6.02 23.49 35.57
C ILE E 19 4.87 24.36 35.06
N ILE E 20 3.64 23.93 35.36
CA ILE E 20 2.44 24.70 35.00
C ILE E 20 2.60 26.16 35.42
N GLN E 21 3.03 26.38 36.67
CA GLN E 21 3.31 27.74 37.14
C GLN E 21 4.37 28.44 36.29
N ALA E 22 5.44 27.72 35.94
CA ALA E 22 6.51 28.28 35.11
C ALA E 22 5.98 28.71 33.74
N PHE E 23 5.14 27.88 33.13
CA PHE E 23 4.50 28.24 31.87
C PHE E 23 3.54 29.41 32.05
N GLU E 24 2.76 29.40 33.12
CA GLU E 24 1.93 30.54 33.46
C GLU E 24 2.72 31.83 33.56
N ALA E 25 3.90 31.76 34.19
CA ALA E 25 4.82 32.89 34.22
C ALA E 25 5.34 33.20 32.83
N GLY E 26 5.50 32.17 32.00
CA GLY E 26 5.85 32.33 30.59
C GLY E 26 7.35 32.22 30.36
N VAL E 27 7.96 31.25 31.04
CA VAL E 27 9.40 31.03 30.91
C VAL E 27 9.70 30.43 29.55
N ASP E 28 10.86 30.76 29.01
CA ASP E 28 11.28 30.24 27.70
C ASP E 28 12.23 29.05 27.89
N PHE E 29 11.66 27.89 28.18
CA PHE E 29 12.41 26.63 28.14
C PHE E 29 12.87 26.42 26.71
N GLN E 30 13.94 25.65 26.53
CA GLN E 30 14.48 25.37 25.20
C GLN E 30 14.79 23.89 25.04
N GLU E 31 15.72 23.39 25.85
CA GLU E 31 16.10 21.98 25.79
C GLU E 31 15.15 21.14 26.63
N SER E 32 14.91 21.59 27.86
CA SER E 32 14.18 20.81 28.87
C SER E 32 12.65 20.81 28.70
N ALA E 33 12.14 21.72 27.88
CA ALA E 33 10.72 21.74 27.53
C ALA E 33 10.23 20.33 27.23
N ASP E 34 10.98 19.63 26.37
CA ASP E 34 10.68 18.25 26.01
C ASP E 34 10.53 17.37 27.24
N SER E 35 11.49 17.47 28.16
CA SER E 35 11.50 16.68 29.40
C SER E 35 10.30 17.02 30.30
N PHE E 36 10.02 18.30 30.46
CA PHE E 36 8.90 18.72 31.32
C PHE E 36 7.56 18.30 30.73
N LEU E 37 7.39 18.54 29.43
CA LEU E 37 6.18 18.11 28.75
C LEU E 37 6.07 16.58 28.83
N LEU E 38 7.21 15.89 28.70
CA LEU E 38 7.30 14.45 28.96
C LEU E 38 6.76 14.12 30.33
N MET E 39 7.19 14.87 31.36
CA MET E 39 6.66 14.65 32.72
C MET E 39 5.15 14.89 32.80
N LEU E 40 4.68 16.01 32.27
CA LEU E 40 3.23 16.30 32.26
C LEU E 40 2.45 15.15 31.62
N CYS E 41 2.88 14.79 30.41
CA CYS E 41 2.27 13.71 29.65
C CYS E 41 2.32 12.39 30.41
N LEU E 42 3.46 12.08 31.01
CA LEU E 42 3.61 10.91 31.87
C LEU E 42 2.54 10.94 32.94
N HIS E 43 2.59 11.97 33.78
CA HIS E 43 1.68 12.12 34.91
C HIS E 43 0.23 11.99 34.49
N HIS E 44 -0.17 12.72 33.45
CA HIS E 44 -1.57 12.70 33.04
C HIS E 44 -1.96 11.39 32.34
N ALA E 45 -1.31 11.11 31.22
CA ALA E 45 -1.67 9.98 30.37
C ALA E 45 -1.22 8.64 30.95
N TYR E 46 0.07 8.52 31.29
CA TYR E 46 0.64 7.23 31.66
C TYR E 46 0.80 7.03 33.18
N GLN E 47 0.15 7.91 33.95
CA GLN E 47 0.00 7.72 35.40
C GLN E 47 1.33 7.62 36.15
N GLY E 48 2.41 8.12 35.54
CA GLY E 48 3.75 8.01 36.11
C GLY E 48 4.47 6.70 35.83
N ASP E 49 3.79 5.75 35.20
CA ASP E 49 4.40 4.44 34.91
C ASP E 49 5.46 4.59 33.81
N TYR E 50 6.72 4.67 34.23
CA TYR E 50 7.82 4.90 33.30
C TYR E 50 8.01 3.72 32.34
N LYS E 51 7.90 2.51 32.89
CA LYS E 51 7.97 1.28 32.09
C LYS E 51 6.85 1.25 31.04
N LEU E 52 5.61 1.41 31.52
CA LEU E 52 4.44 1.43 30.65
C LEU E 52 4.60 2.50 29.56
N PHE E 53 4.97 3.70 30.00
CA PHE E 53 5.22 4.82 29.09
C PHE E 53 6.27 4.48 28.04
N LEU E 54 7.43 4.00 28.48
CA LEU E 54 8.53 3.71 27.56
C LEU E 54 8.23 2.51 26.65
N GLU E 55 7.36 1.62 27.11
CA GLU E 55 6.89 0.49 26.29
C GLU E 55 5.77 0.89 25.31
N SER E 56 4.98 1.91 25.65
CA SER E 56 3.86 2.34 24.80
C SER E 56 4.30 2.75 23.38
N GLY E 57 3.34 2.72 22.46
CA GLY E 57 3.61 2.93 21.04
C GLY E 57 4.31 4.23 20.70
N ALA E 58 3.75 5.34 21.17
CA ALA E 58 4.28 6.68 20.88
C ALA E 58 5.79 6.75 21.01
N VAL E 59 6.28 6.29 22.17
CA VAL E 59 7.71 6.28 22.45
C VAL E 59 8.47 5.47 21.39
N LYS E 60 7.97 4.27 21.08
CA LYS E 60 8.61 3.41 20.09
C LYS E 60 8.64 4.08 18.72
N TYR E 61 7.52 4.68 18.33
CA TYR E 61 7.44 5.41 17.06
C TYR E 61 8.42 6.58 17.04
N LEU E 62 8.52 7.33 18.14
CA LEU E 62 9.40 8.49 18.19
C LEU E 62 10.88 8.07 18.18
N GLU E 63 11.21 7.04 18.96
CA GLU E 63 12.53 6.43 18.92
C GLU E 63 12.85 5.94 17.50
N GLY E 64 11.87 5.33 16.85
CA GLY E 64 12.00 4.93 15.44
C GLY E 64 12.20 6.12 14.49
N HIS E 65 11.56 7.24 14.82
CA HIS E 65 11.68 8.46 14.04
C HIS E 65 13.06 9.10 14.19
N GLY E 66 13.53 9.26 15.42
CA GLY E 66 14.89 9.79 15.64
C GLY E 66 15.21 10.36 17.00
N PHE E 67 14.23 11.05 17.61
CA PHE E 67 14.44 11.69 18.91
C PHE E 67 14.41 10.64 20.02
N ARG E 68 15.58 10.26 20.52
CA ARG E 68 15.73 9.17 21.49
C ARG E 68 15.84 9.69 22.93
N PHE E 69 15.51 8.83 23.89
CA PHE E 69 15.44 9.21 25.31
C PHE E 69 16.54 8.57 26.16
N GLU E 70 16.60 8.99 27.42
CA GLU E 70 17.42 8.34 28.43
C GLU E 70 16.94 8.71 29.84
N VAL E 71 16.91 7.72 30.73
CA VAL E 71 16.42 7.91 32.10
C VAL E 71 17.46 8.63 32.96
N LYS E 72 16.97 9.46 33.88
CA LYS E 72 17.83 10.14 34.87
C LYS E 72 17.11 10.17 36.22
N LYS E 73 17.67 9.46 37.21
CA LYS E 73 17.00 9.27 38.49
C LYS E 73 17.32 10.41 39.46
N ARG E 74 16.32 11.24 39.75
CA ARG E 74 16.47 12.38 40.65
C ARG E 74 15.31 12.39 41.65
N ASP E 75 15.47 11.65 42.73
CA ASP E 75 14.40 11.48 43.73
C ASP E 75 14.22 12.69 44.65
N GLY E 76 15.33 13.24 45.13
CA GLY E 76 15.29 14.34 46.10
C GLY E 76 15.27 15.70 45.41
N VAL E 77 14.07 16.17 45.08
CA VAL E 77 13.89 17.47 44.43
C VAL E 77 12.62 18.17 44.92
N LYS E 78 12.73 19.46 45.22
CA LYS E 78 11.59 20.28 45.63
C LYS E 78 11.36 21.43 44.64
N ARG E 79 12.38 22.26 44.45
CA ARG E 79 12.32 23.35 43.47
C ARG E 79 12.67 22.85 42.07
N LEU E 80 12.35 23.65 41.04
CA LEU E 80 12.54 23.27 39.64
C LEU E 80 13.95 23.61 39.16
N GLU E 81 14.47 24.74 39.61
CA GLU E 81 15.79 25.25 39.20
C GLU E 81 16.92 24.22 39.24
N GLU E 82 16.79 23.24 40.13
CA GLU E 82 17.81 22.19 40.28
C GLU E 82 17.76 21.07 39.22
N LEU E 83 16.66 20.95 38.47
CA LEU E 83 16.54 19.91 37.42
C LEU E 83 17.00 20.45 36.03
N LEU E 84 17.75 21.56 36.04
CA LEU E 84 18.20 22.25 34.84
C LEU E 84 19.72 22.38 34.79
N PRO E 85 20.51 21.49 35.44
CA PRO E 85 21.95 21.77 35.42
C PRO E 85 22.54 21.83 34.00
N ALA E 86 22.61 23.07 33.50
CA ALA E 86 23.25 23.43 32.25
C ALA E 86 23.28 24.96 32.28
N VAL E 87 24.47 25.52 32.45
CA VAL E 87 24.65 26.78 33.22
C VAL E 87 24.03 28.09 32.67
N SER E 88 24.35 28.51 31.45
CA SER E 88 23.65 29.72 30.88
C SER E 88 22.12 29.62 31.04
N SER E 89 21.61 28.65 30.30
CA SER E 89 20.16 28.46 30.15
C SER E 89 19.62 28.41 31.57
N GLY E 90 20.10 27.41 32.33
CA GLY E 90 19.65 27.18 33.70
C GLY E 90 19.72 28.39 34.61
N LYS E 91 20.79 29.19 34.54
CA LYS E 91 20.84 30.39 35.35
C LYS E 91 19.81 31.41 34.90
N ASN E 92 19.57 31.48 33.58
CA ASN E 92 18.51 32.38 33.08
C ASN E 92 17.14 31.94 33.60
N ILE E 93 16.82 30.66 33.33
CA ILE E 93 15.54 30.11 33.76
C ILE E 93 15.42 30.27 35.29
N LYS E 94 16.50 29.99 36.02
CA LYS E 94 16.56 30.16 37.48
C LYS E 94 16.23 31.61 37.84
N ARG E 95 16.87 32.57 37.18
CA ARG E 95 16.54 33.97 37.41
C ARG E 95 15.04 34.12 37.27
N THR E 96 14.51 33.54 36.18
CA THR E 96 13.05 33.64 35.99
C THR E 96 12.23 32.98 37.12
N LEU E 97 12.72 31.88 37.70
CA LEU E 97 12.02 31.24 38.83
C LEU E 97 12.10 32.04 40.11
N ALA E 98 13.31 32.42 40.50
CA ALA E 98 13.53 33.31 41.63
C ALA E 98 12.71 34.58 41.48
N ALA E 99 12.52 35.04 40.23
CA ALA E 99 11.61 36.15 39.94
C ALA E 99 10.11 35.82 40.16
N MET E 100 9.67 34.59 39.88
CA MET E 100 8.29 34.16 40.17
C MET E 100 7.97 34.25 41.66
N PRO E 101 6.72 34.65 42.00
CA PRO E 101 6.28 34.56 43.40
C PRO E 101 5.97 33.11 43.78
N GLU E 102 6.56 32.64 44.88
CA GLU E 102 6.30 31.28 45.38
C GLU E 102 4.96 31.19 46.12
N GLU E 103 4.39 32.33 46.49
CA GLU E 103 3.17 32.37 47.30
C GLU E 103 1.95 31.74 46.62
N GLU E 104 1.50 32.35 45.52
CA GLU E 104 0.23 31.98 44.90
C GLU E 104 0.32 30.71 44.06
N THR E 105 -0.81 30.02 43.92
CA THR E 105 -0.91 28.81 43.09
C THR E 105 -2.27 28.75 42.42
N THR E 106 -2.30 28.28 41.17
CA THR E 106 -3.54 28.14 40.42
C THR E 106 -4.01 26.70 40.43
N GLU E 107 -5.31 26.49 40.65
CA GLU E 107 -5.89 25.15 40.67
C GLU E 107 -5.99 24.58 39.25
N ALA E 108 -4.92 23.93 38.78
CA ALA E 108 -4.86 23.38 37.42
C ALA E 108 -3.78 22.31 37.31
N ASN E 109 -4.17 21.10 36.92
CA ASN E 109 -3.25 19.97 36.79
C ASN E 109 -2.93 19.68 35.32
N ALA E 110 -1.91 18.84 35.11
CA ALA E 110 -1.41 18.50 33.76
C ALA E 110 -2.53 18.42 32.73
N GLY E 111 -3.47 17.50 32.95
CA GLY E 111 -4.59 17.30 32.04
C GLY E 111 -5.22 18.58 31.51
N GLN E 112 -5.43 19.54 32.41
CA GLN E 112 -6.05 20.81 32.04
C GLN E 112 -5.13 21.59 31.10
N PHE E 113 -3.84 21.64 31.44
CA PHE E 113 -2.83 22.30 30.60
C PHE E 113 -2.73 21.64 29.23
N LEU E 114 -2.78 20.31 29.22
CA LEU E 114 -2.66 19.53 27.99
C LEU E 114 -3.89 19.64 27.11
N SER E 115 -5.08 19.68 27.73
CA SER E 115 -6.31 19.93 26.99
C SER E 115 -6.30 21.36 26.44
N PHE E 116 -5.92 22.31 27.30
CA PHE E 116 -5.79 23.71 26.87
C PHE E 116 -4.83 23.82 25.70
N ALA E 117 -3.72 23.08 25.74
CA ALA E 117 -2.81 23.00 24.60
C ALA E 117 -3.53 22.40 23.39
N SER E 118 -4.17 21.25 23.60
CA SER E 118 -4.92 20.57 22.53
C SER E 118 -5.83 21.54 21.80
N LEU E 119 -6.57 22.36 22.55
CA LEU E 119 -7.42 23.39 21.96
C LEU E 119 -6.78 24.14 20.79
N PHE E 120 -5.47 24.37 20.86
CA PHE E 120 -4.75 25.10 19.80
C PHE E 120 -4.64 24.32 18.49
N LEU E 121 -4.51 23.01 18.59
CA LEU E 121 -4.17 22.17 17.43
C LEU E 121 -4.89 22.51 16.12
N PRO E 122 -6.23 22.32 16.07
CA PRO E 122 -6.94 22.38 14.78
C PRO E 122 -6.48 23.51 13.85
N LYS E 123 -6.66 24.75 14.27
CA LYS E 123 -6.30 25.89 13.42
C LYS E 123 -4.83 26.34 13.58
N LEU E 124 -4.08 25.69 14.46
CA LEU E 124 -2.70 26.10 14.75
C LEU E 124 -1.94 26.51 13.51
N VAL E 125 -1.83 25.59 12.56
CA VAL E 125 -0.98 25.79 11.38
C VAL E 125 -1.49 26.91 10.43
N VAL E 126 -2.73 27.35 10.62
CA VAL E 126 -3.29 28.41 9.76
C VAL E 126 -2.65 29.77 10.05
N GLY E 127 -2.96 30.34 11.21
CA GLY E 127 -2.49 31.68 11.54
C GLY E 127 -2.77 32.06 12.97
N GLU E 128 -1.77 32.62 13.63
CA GLU E 128 -1.84 33.02 15.03
C GLU E 128 -3.25 33.45 15.44
N LYS E 129 -3.70 34.54 14.83
CA LYS E 129 -4.99 35.14 15.11
C LYS E 129 -6.12 34.12 14.98
N ALA E 130 -6.16 33.44 13.84
CA ALA E 130 -7.20 32.44 13.56
C ALA E 130 -7.21 31.37 14.65
N CYS E 131 -6.02 30.83 14.94
CA CYS E 131 -5.86 29.81 15.96
C CYS E 131 -6.33 30.29 17.33
N LEU E 132 -5.92 31.49 17.72
CA LEU E 132 -6.34 32.07 19.00
C LEU E 132 -7.86 32.24 19.05
N GLU E 133 -8.42 32.87 18.01
CA GLU E 133 -9.87 33.03 17.91
C GLU E 133 -10.57 31.69 18.06
N LYS E 134 -10.12 30.71 17.27
CA LYS E 134 -10.61 29.34 17.36
C LYS E 134 -10.56 28.85 18.81
N VAL E 135 -9.39 28.93 19.44
CA VAL E 135 -9.24 28.52 20.83
C VAL E 135 -10.31 29.18 21.69
N GLN E 136 -10.39 30.51 21.62
CA GLN E 136 -11.37 31.26 22.41
C GLN E 136 -12.78 30.73 22.19
N ARG E 137 -13.22 30.70 20.93
CA ARG E 137 -14.57 30.21 20.60
C ARG E 137 -14.81 28.79 21.11
N GLN E 138 -13.80 27.92 20.99
CA GLN E 138 -13.92 26.55 21.47
C GLN E 138 -14.00 26.48 23.00
N ILE E 139 -13.27 27.37 23.69
CA ILE E 139 -13.39 27.48 25.15
C ILE E 139 -14.78 27.96 25.53
N GLN E 140 -15.27 28.98 24.83
CA GLN E 140 -16.63 29.48 25.06
C GLN E 140 -17.67 28.38 24.82
N VAL E 141 -17.45 27.57 23.77
CA VAL E 141 -18.33 26.44 23.46
C VAL E 141 -18.23 25.34 24.52
N HIS E 142 -17.03 25.05 25.02
CA HIS E 142 -16.83 24.05 26.08
C HIS E 142 -17.43 24.49 27.42
N ALA E 143 -17.31 25.79 27.71
CA ALA E 143 -17.94 26.37 28.88
C ALA E 143 -19.46 26.43 28.73
N GLU E 144 -19.93 26.74 27.53
CA GLU E 144 -21.36 26.65 27.20
C GLU E 144 -21.88 25.23 27.41
N GLN E 145 -21.14 24.25 26.89
CA GLN E 145 -21.42 22.83 27.12
C GLN E 145 -21.42 22.51 28.61
N GLY E 146 -20.47 23.10 29.32
CA GLY E 146 -20.21 22.76 30.71
C GLY E 146 -19.30 21.55 30.77
N LEU E 147 -18.45 21.41 29.77
CA LEU E 147 -17.54 20.26 29.68
C LEU E 147 -16.30 20.51 30.54
N ILE E 148 -15.87 21.76 30.61
CA ILE E 148 -14.71 22.14 31.41
C ILE E 148 -14.70 23.64 31.70
N GLN E 149 -14.11 24.01 32.83
CA GLN E 149 -13.88 25.40 33.20
C GLN E 149 -12.38 25.62 33.27
N TYR E 150 -11.86 26.49 32.41
CA TYR E 150 -10.43 26.81 32.41
C TYR E 150 -10.15 28.05 33.27
N PRO E 151 -8.91 28.16 33.78
CA PRO E 151 -8.58 29.33 34.61
C PRO E 151 -8.58 30.62 33.79
N THR E 152 -9.31 31.62 34.28
CA THR E 152 -9.40 32.92 33.61
C THR E 152 -8.04 33.62 33.45
N ALA E 153 -7.05 33.18 34.24
CA ALA E 153 -5.66 33.60 34.05
C ALA E 153 -5.13 33.18 32.67
N TRP E 154 -5.45 31.95 32.26
CA TRP E 154 -4.95 31.39 31.00
C TRP E 154 -5.54 32.08 29.77
N GLN E 155 -6.81 32.49 29.87
CA GLN E 155 -7.50 33.13 28.74
C GLN E 155 -6.94 34.51 28.37
N SER E 156 -5.92 34.98 29.09
CA SER E 156 -5.14 36.13 28.66
C SER E 156 -4.52 35.92 27.29
N VAL E 157 -4.36 37.00 26.54
CA VAL E 157 -3.84 36.92 25.18
C VAL E 157 -2.40 36.45 25.21
N GLY E 158 -1.55 37.21 25.90
CA GLY E 158 -0.12 36.89 26.01
C GLY E 158 0.15 35.43 26.30
N HIS E 159 -0.57 34.88 27.27
CA HIS E 159 -0.49 33.47 27.63
C HIS E 159 -0.77 32.58 26.41
N MET E 160 -1.90 32.85 25.76
CA MET E 160 -2.28 32.08 24.57
C MET E 160 -1.23 32.20 23.48
N MET E 161 -0.63 33.38 23.34
CA MET E 161 0.46 33.57 22.37
C MET E 161 1.72 32.79 22.75
N VAL E 162 2.04 32.77 24.04
CA VAL E 162 3.18 31.96 24.54
C VAL E 162 2.94 30.48 24.26
N ILE E 163 1.81 29.96 24.75
CA ILE E 163 1.47 28.56 24.52
C ILE E 163 1.44 28.26 23.02
N PHE E 164 0.84 29.15 22.24
CA PHE E 164 0.83 29.01 20.78
C PHE E 164 2.26 28.89 20.26
N ARG E 165 3.12 29.80 20.66
CA ARG E 165 4.53 29.77 20.23
C ARG E 165 5.16 28.43 20.60
N LEU E 166 4.88 27.97 21.82
CA LEU E 166 5.35 26.67 22.29
C LEU E 166 4.89 25.52 21.39
N MET E 167 3.59 25.49 21.10
CA MET E 167 3.00 24.46 20.25
C MET E 167 3.58 24.51 18.84
N ARG E 168 3.73 25.72 18.30
CA ARG E 168 4.33 25.89 16.97
C ARG E 168 5.79 25.43 16.96
N THR E 169 6.57 25.83 17.94
CA THR E 169 8.01 25.51 17.97
C THR E 169 8.31 24.05 18.34
N ASN E 170 7.52 23.47 19.24
CA ASN E 170 7.77 22.09 19.69
C ASN E 170 6.93 21.04 18.95
N PHE E 171 7.53 19.87 18.75
CA PHE E 171 6.92 18.76 18.00
C PHE E 171 6.33 17.71 18.95
N LEU E 172 7.21 17.23 19.83
CA LEU E 172 6.88 16.21 20.81
C LEU E 172 5.49 16.41 21.40
N ILE E 173 5.27 17.54 22.06
CA ILE E 173 3.98 17.85 22.68
C ILE E 173 2.82 17.58 21.73
N LYS E 174 2.94 18.03 20.49
CA LYS E 174 1.88 17.84 19.52
C LYS E 174 1.73 16.36 19.22
N PHE E 175 2.86 15.70 18.98
CA PHE E 175 2.84 14.26 18.67
C PHE E 175 2.14 13.45 19.78
N LEU E 176 2.46 13.77 21.04
CA LEU E 176 1.87 13.09 22.18
C LEU E 176 0.40 13.44 22.35
N LEU E 177 0.09 14.74 22.30
CA LEU E 177 -1.30 15.19 22.34
C LEU E 177 -2.13 14.44 21.33
N ILE E 178 -1.72 14.50 20.06
CA ILE E 178 -2.49 13.83 19.02
C ILE E 178 -2.50 12.32 19.25
N HIS E 179 -1.35 11.73 19.59
CA HIS E 179 -1.28 10.29 19.83
C HIS E 179 -2.30 9.86 20.88
N GLN E 180 -2.40 10.63 21.96
CA GLN E 180 -3.40 10.38 22.99
C GLN E 180 -4.80 10.59 22.42
N GLY E 181 -4.99 11.69 21.68
CA GLY E 181 -6.27 11.99 21.06
C GLY E 181 -6.83 10.87 20.21
N MET E 182 -5.98 10.30 19.35
CA MET E 182 -6.41 9.25 18.42
C MET E 182 -6.17 7.83 18.94
N HIS E 183 -4.91 7.48 19.20
CA HIS E 183 -4.53 6.08 19.40
C HIS E 183 -5.09 5.52 20.72
N MET E 184 -4.55 5.95 21.85
CA MET E 184 -5.00 5.46 23.15
C MET E 184 -6.08 6.39 23.68
N VAL E 185 -7.33 6.10 23.31
CA VAL E 185 -8.48 6.94 23.64
C VAL E 185 -9.42 6.21 24.62
N ALA E 186 -8.84 5.75 25.72
CA ALA E 186 -9.59 5.12 26.81
C ALA E 186 -9.74 6.10 27.97
N GLY E 187 -10.49 5.69 28.99
CA GLY E 187 -10.69 6.52 30.18
C GLY E 187 -11.98 7.31 30.14
N HIS E 188 -12.42 7.79 31.30
CA HIS E 188 -13.67 8.52 31.45
C HIS E 188 -13.44 9.99 31.85
N ASP E 189 -12.23 10.48 31.63
CA ASP E 189 -11.85 11.83 32.03
C ASP E 189 -12.33 12.88 31.01
N ALA E 190 -12.60 14.08 31.50
CA ALA E 190 -13.05 15.19 30.64
C ALA E 190 -11.92 15.70 29.75
N ASN E 191 -10.78 16.02 30.37
CA ASN E 191 -9.60 16.47 29.64
C ASN E 191 -9.27 15.59 28.44
N ASP E 192 -9.29 14.28 28.68
CA ASP E 192 -9.07 13.29 27.62
C ASP E 192 -10.09 13.47 26.48
N ALA E 193 -11.36 13.69 26.85
CA ALA E 193 -12.41 13.93 25.87
C ALA E 193 -12.19 15.22 25.08
N VAL E 194 -11.76 16.28 25.78
CA VAL E 194 -11.45 17.56 25.13
C VAL E 194 -10.28 17.40 24.16
N ILE E 195 -9.24 16.70 24.62
CA ILE E 195 -8.08 16.40 23.77
C ILE E 195 -8.53 15.61 22.55
N SER E 196 -9.20 14.49 22.77
CA SER E 196 -9.71 13.65 21.69
C SER E 196 -10.57 14.45 20.71
N ASN E 197 -11.45 15.29 21.24
CA ASN E 197 -12.26 16.18 20.42
C ASN E 197 -11.42 17.14 19.57
N SER E 198 -10.51 17.87 20.22
CA SER E 198 -9.64 18.82 19.52
C SER E 198 -8.82 18.12 18.43
N VAL E 199 -8.23 16.99 18.79
CA VAL E 199 -7.42 16.19 17.87
C VAL E 199 -8.27 15.67 16.71
N ALA E 200 -9.49 15.21 17.02
CA ALA E 200 -10.44 14.82 15.98
C ALA E 200 -10.79 16.00 15.08
N GLN E 201 -10.90 17.20 15.65
CA GLN E 201 -11.11 18.41 14.85
C GLN E 201 -9.90 18.79 14.01
N ALA E 202 -8.70 18.48 14.49
CA ALA E 202 -7.46 18.83 13.78
C ALA E 202 -7.22 18.06 12.47
N ARG E 203 -7.85 16.90 12.33
CA ARG E 203 -7.63 16.03 11.18
C ARG E 203 -7.62 16.79 9.85
N PHE E 204 -6.52 16.62 9.11
CA PHE E 204 -6.31 17.24 7.80
C PHE E 204 -6.12 18.76 7.83
N SER E 205 -5.86 19.32 9.00
CA SER E 205 -5.57 20.74 9.11
C SER E 205 -4.45 21.11 8.14
N GLY E 206 -4.73 22.05 7.23
CA GLY E 206 -3.78 22.51 6.24
C GLY E 206 -3.84 21.77 4.91
N LEU E 207 -4.60 20.70 4.84
CA LEU E 207 -4.71 19.92 3.61
C LEU E 207 -6.10 20.00 2.98
N LEU E 208 -7.05 20.58 3.70
CA LEU E 208 -8.46 20.55 3.32
C LEU E 208 -8.67 20.94 1.86
N ILE E 209 -7.93 21.95 1.40
CA ILE E 209 -7.94 22.37 0.00
C ILE E 209 -7.60 21.19 -0.91
N VAL E 210 -6.39 20.66 -0.73
CA VAL E 210 -5.91 19.54 -1.54
C VAL E 210 -6.95 18.43 -1.50
N LYS E 211 -7.32 18.06 -0.27
CA LYS E 211 -8.33 17.04 -0.05
C LYS E 211 -9.57 17.28 -0.91
N THR E 212 -10.15 18.48 -0.84
CA THR E 212 -11.36 18.79 -1.60
C THR E 212 -11.10 18.73 -3.10
N VAL E 213 -9.96 19.27 -3.52
CA VAL E 213 -9.59 19.15 -4.93
C VAL E 213 -9.64 17.68 -5.32
N LEU E 214 -9.03 16.82 -4.51
CA LEU E 214 -9.06 15.38 -4.75
C LEU E 214 -10.51 14.88 -4.80
N ASP E 215 -11.31 15.27 -3.82
CA ASP E 215 -12.74 14.95 -3.79
C ASP E 215 -13.38 15.27 -5.13
N HIS E 216 -13.02 16.40 -5.71
CA HIS E 216 -13.58 16.80 -7.00
C HIS E 216 -12.96 16.07 -8.20
N ILE E 217 -11.69 15.68 -8.08
CA ILE E 217 -11.04 14.85 -9.10
C ILE E 217 -11.59 13.41 -9.08
N LEU E 218 -12.14 13.00 -7.94
CA LEU E 218 -12.85 11.73 -7.87
C LEU E 218 -14.26 11.89 -8.41
N GLN E 219 -14.89 10.75 -8.70
CA GLN E 219 -16.25 10.75 -9.23
C GLN E 219 -16.99 9.51 -8.75
N LYS E 220 -18.15 9.73 -8.13
CA LYS E 220 -19.05 8.64 -7.77
C LYS E 220 -19.70 8.09 -9.03
N THR E 221 -20.07 6.82 -8.98
CA THR E 221 -20.85 6.22 -10.05
C THR E 221 -21.42 4.87 -9.61
N GLU E 222 -22.45 4.42 -10.32
CA GLU E 222 -23.12 3.14 -10.03
C GLU E 222 -22.10 2.05 -9.71
N ARG E 223 -21.02 2.01 -10.49
CA ARG E 223 -19.93 1.07 -10.30
C ARG E 223 -18.86 1.64 -9.36
N GLY E 224 -19.29 2.06 -8.18
CA GLY E 224 -18.36 2.58 -7.17
C GLY E 224 -17.81 3.94 -7.53
N VAL E 225 -16.65 4.26 -6.96
CA VAL E 225 -15.99 5.53 -7.25
C VAL E 225 -14.92 5.30 -8.31
N ARG E 226 -14.60 6.35 -9.05
CA ARG E 226 -13.56 6.28 -10.07
C ARG E 226 -12.86 7.62 -10.19
N LEU E 227 -11.69 7.61 -10.81
CA LEU E 227 -11.01 8.86 -11.10
C LEU E 227 -11.74 9.54 -12.24
N HIS E 228 -11.88 10.86 -12.15
CA HIS E 228 -12.72 11.61 -13.10
C HIS E 228 -12.09 11.62 -14.50
N PRO E 229 -12.87 11.26 -15.52
CA PRO E 229 -12.32 11.09 -16.87
C PRO E 229 -11.46 12.25 -17.35
N LEU E 230 -11.93 13.48 -17.16
CA LEU E 230 -11.10 14.67 -17.43
C LEU E 230 -9.66 14.50 -16.98
N ALA E 231 -9.47 14.11 -15.72
CA ALA E 231 -8.11 13.93 -15.17
C ALA E 231 -7.29 12.91 -15.95
N ARG E 232 -7.96 11.87 -16.48
CA ARG E 232 -7.29 10.89 -17.35
C ARG E 232 -6.83 11.46 -18.68
N THR E 233 -7.24 12.70 -19.01
CA THR E 233 -6.77 13.36 -20.23
C THR E 233 -5.24 13.31 -20.36
N ALA E 234 -4.76 13.38 -21.59
CA ALA E 234 -3.35 13.20 -21.88
C ALA E 234 -2.48 14.31 -21.26
N LYS E 235 -2.78 15.57 -21.58
CA LYS E 235 -1.92 16.69 -21.20
C LYS E 235 -1.73 16.91 -19.69
N VAL E 236 -2.53 16.24 -18.86
CA VAL E 236 -2.41 16.34 -17.41
C VAL E 236 -1.66 15.13 -16.83
N LYS E 237 -1.41 14.14 -17.68
CA LYS E 237 -0.90 12.84 -17.23
C LYS E 237 0.27 12.97 -16.24
N ASN E 238 1.30 13.73 -16.60
CA ASN E 238 2.45 13.93 -15.72
C ASN E 238 2.04 14.48 -14.36
N GLU E 239 1.20 15.51 -14.39
CA GLU E 239 0.71 16.12 -13.18
C GLU E 239 -0.03 15.08 -12.33
N VAL E 240 -0.90 14.30 -12.98
CA VAL E 240 -1.59 13.22 -12.27
C VAL E 240 -0.59 12.22 -11.66
N ASN E 241 0.45 11.87 -12.41
CA ASN E 241 1.46 10.94 -11.89
C ASN E 241 2.19 11.49 -10.67
N SER E 242 2.75 12.69 -10.84
CA SER E 242 3.43 13.35 -9.71
C SER E 242 2.49 13.45 -8.50
N PHE E 243 1.24 13.82 -8.77
CA PHE E 243 0.24 13.85 -7.71
C PHE E 243 0.08 12.50 -7.03
N LYS E 244 -0.09 11.46 -7.84
CA LYS E 244 -0.21 10.10 -7.32
C LYS E 244 0.97 9.80 -6.40
N ALA E 245 2.18 10.02 -6.93
CA ALA E 245 3.41 9.79 -6.15
C ALA E 245 3.36 10.56 -4.82
N ALA E 246 3.09 11.86 -4.90
CA ALA E 246 2.97 12.67 -3.67
C ALA E 246 1.99 12.05 -2.68
N LEU E 247 0.81 11.71 -3.18
CA LEU E 247 -0.25 11.14 -2.37
C LEU E 247 0.17 9.81 -1.75
N SER E 248 0.97 9.03 -2.48
CA SER E 248 1.55 7.81 -1.90
C SER E 248 2.51 8.18 -0.78
N SER E 249 3.48 9.04 -1.10
CA SER E 249 4.48 9.46 -0.11
C SER E 249 3.84 10.04 1.15
N LEU E 250 2.65 10.63 1.01
CA LEU E 250 1.84 10.99 2.17
C LEU E 250 1.25 9.75 2.81
N ALA E 251 0.50 8.97 2.02
CA ALA E 251 -0.24 7.82 2.52
C ALA E 251 0.63 6.87 3.35
N LYS E 252 1.85 6.62 2.88
CA LYS E 252 2.82 5.83 3.66
C LYS E 252 2.85 6.17 5.17
N HIS E 253 2.58 7.43 5.53
CA HIS E 253 2.58 7.84 6.94
C HIS E 253 1.45 7.26 7.80
N GLY E 254 0.50 6.55 7.17
CA GLY E 254 -0.50 5.80 7.91
C GLY E 254 -1.47 6.69 8.68
N GLU E 255 -1.86 6.22 9.87
CA GLU E 255 -2.90 6.87 10.65
C GLU E 255 -2.60 8.34 10.99
N TYR E 256 -1.31 8.70 10.99
CA TYR E 256 -0.89 10.08 11.27
C TYR E 256 -0.97 10.99 10.05
N ALA E 257 -1.25 10.43 8.88
CA ALA E 257 -1.36 11.21 7.64
C ALA E 257 -2.18 12.50 7.79
N PRO E 258 -3.41 12.42 8.33
CA PRO E 258 -4.21 13.64 8.49
C PRO E 258 -3.50 14.75 9.27
N PHE E 259 -2.56 14.38 10.14
CA PHE E 259 -1.79 15.35 10.90
C PHE E 259 -0.39 15.51 10.31
N ALA E 260 -0.27 15.41 8.99
CA ALA E 260 1.03 15.46 8.34
C ALA E 260 1.57 16.88 8.25
N ARG E 261 0.66 17.85 8.13
CA ARG E 261 1.01 19.26 7.99
C ARG E 261 1.28 19.91 9.34
N LEU E 262 0.52 19.52 10.36
CA LEU E 262 0.79 19.97 11.72
C LEU E 262 2.17 19.50 12.16
N LEU E 263 2.39 18.20 12.05
CA LEU E 263 3.67 17.59 12.42
C LEU E 263 4.78 17.91 11.42
N ASN E 264 4.40 18.30 10.22
CA ASN E 264 5.34 18.56 9.13
C ASN E 264 6.16 17.31 8.84
N LEU E 265 5.47 16.29 8.33
CA LEU E 265 6.12 15.02 8.01
C LEU E 265 6.92 15.14 6.71
N SER E 266 7.45 14.03 6.21
CA SER E 266 8.34 14.06 5.02
C SER E 266 7.68 14.58 3.75
N GLY E 267 6.78 13.79 3.16
CA GLY E 267 6.20 14.10 1.86
C GLY E 267 5.25 15.29 1.82
N VAL E 268 4.72 15.68 2.98
CA VAL E 268 3.66 16.69 3.09
C VAL E 268 3.92 17.97 2.30
N ASN E 269 5.18 18.39 2.22
CA ASN E 269 5.55 19.59 1.48
C ASN E 269 5.22 19.53 -0.01
N ASN E 270 5.15 18.31 -0.58
CA ASN E 270 4.86 18.13 -2.00
C ASN E 270 3.37 18.07 -2.35
N LEU E 271 2.50 18.45 -1.40
CA LEU E 271 1.06 18.49 -1.66
C LEU E 271 0.49 19.87 -1.35
N GLU E 272 0.58 20.77 -2.32
CA GLU E 272 -0.11 22.05 -2.26
C GLU E 272 -0.80 22.27 -3.59
N HIS E 273 -2.01 22.82 -3.54
CA HIS E 273 -2.81 23.02 -4.74
C HIS E 273 -2.05 23.74 -5.86
N GLY E 274 -1.23 24.72 -5.49
CA GLY E 274 -0.39 25.46 -6.44
C GLY E 274 0.56 24.59 -7.24
N LEU E 275 0.98 23.47 -6.65
CA LEU E 275 1.82 22.50 -7.34
C LEU E 275 1.04 21.72 -8.40
N PHE E 276 -0.28 21.76 -8.34
CA PHE E 276 -1.12 21.01 -9.26
C PHE E 276 -2.19 21.89 -9.92
N PRO E 277 -1.72 22.84 -10.75
CA PRO E 277 -2.60 23.84 -11.34
C PRO E 277 -3.68 23.26 -12.24
N GLN E 278 -3.30 22.39 -13.18
CA GLN E 278 -4.28 21.82 -14.10
C GLN E 278 -5.38 21.10 -13.32
N LEU E 279 -4.96 20.23 -12.42
CA LEU E 279 -5.88 19.47 -11.61
C LEU E 279 -6.76 20.39 -10.79
N SER E 280 -6.14 21.32 -10.08
CA SER E 280 -6.89 22.31 -9.32
C SER E 280 -7.96 22.96 -10.20
N ALA E 281 -7.53 23.47 -11.34
CA ALA E 281 -8.41 24.11 -12.30
C ALA E 281 -9.56 23.20 -12.68
N ILE E 282 -9.26 21.97 -13.07
CA ILE E 282 -10.29 21.01 -13.44
C ILE E 282 -11.27 20.88 -12.29
N ALA E 283 -10.76 20.55 -11.11
CA ALA E 283 -11.60 20.40 -9.92
C ALA E 283 -12.53 21.59 -9.74
N LEU E 284 -11.95 22.79 -9.75
CA LEU E 284 -12.74 24.01 -9.64
C LEU E 284 -13.80 24.08 -10.73
N GLY E 285 -13.43 23.71 -11.96
CA GLY E 285 -14.37 23.66 -13.07
C GLY E 285 -15.54 22.74 -12.76
N VAL E 286 -15.23 21.53 -12.32
CA VAL E 286 -16.25 20.56 -11.94
C VAL E 286 -17.15 21.16 -10.87
N ALA E 287 -16.55 21.65 -9.79
CA ALA E 287 -17.29 22.27 -8.72
C ALA E 287 -18.25 23.32 -9.27
N THR E 288 -17.69 24.28 -9.99
CA THR E 288 -18.47 25.37 -10.56
C THR E 288 -19.61 24.85 -11.44
N ALA E 289 -19.32 23.81 -12.21
CA ALA E 289 -20.36 23.17 -13.04
C ALA E 289 -21.47 22.59 -12.18
N HIS E 290 -21.09 21.93 -11.08
CA HIS E 290 -22.10 21.39 -10.16
C HIS E 290 -22.86 22.47 -9.40
N GLY E 291 -22.24 23.63 -9.24
CA GLY E 291 -22.90 24.78 -8.63
C GLY E 291 -22.11 25.35 -7.47
N SER E 292 -21.57 24.45 -6.64
CA SER E 292 -20.73 24.86 -5.52
C SER E 292 -19.42 25.46 -6.03
N THR E 293 -18.78 26.27 -5.19
CA THR E 293 -17.46 26.80 -5.50
C THR E 293 -16.45 26.24 -4.52
N LEU E 294 -15.20 26.19 -4.96
CA LEU E 294 -14.14 25.52 -4.22
C LEU E 294 -13.31 26.58 -3.51
N ALA E 295 -13.10 26.38 -2.21
CA ALA E 295 -12.43 27.37 -1.37
C ALA E 295 -10.91 27.29 -1.50
N GLY E 296 -10.25 28.44 -1.38
CA GLY E 296 -8.78 28.51 -1.33
C GLY E 296 -8.06 27.98 -2.56
N VAL E 297 -8.63 28.20 -3.74
CA VAL E 297 -8.02 27.76 -4.99
C VAL E 297 -8.06 28.86 -6.04
N ASN E 298 -7.12 29.79 -5.91
CA ASN E 298 -6.90 30.79 -6.94
C ASN E 298 -6.31 30.13 -8.18
N VAL E 299 -6.93 30.37 -9.33
CA VAL E 299 -6.57 29.70 -10.57
C VAL E 299 -5.77 30.61 -11.50
N GLY E 300 -4.82 30.03 -12.22
CA GLY E 300 -3.97 30.78 -13.13
C GLY E 300 -4.71 31.23 -14.38
N GLU E 301 -4.29 32.38 -14.91
CA GLU E 301 -4.98 33.01 -16.02
C GLU E 301 -4.91 32.14 -17.28
N GLN E 302 -3.80 31.41 -17.43
CA GLN E 302 -3.66 30.45 -18.53
C GLN E 302 -4.60 29.26 -18.33
N TYR E 303 -4.89 28.94 -17.08
CA TYR E 303 -5.73 27.80 -16.75
C TYR E 303 -7.21 28.17 -16.72
N GLN E 304 -7.50 29.47 -16.64
CA GLN E 304 -8.88 29.95 -16.70
C GLN E 304 -9.63 29.29 -17.87
N GLN E 305 -9.00 29.30 -19.04
CA GLN E 305 -9.48 28.56 -20.21
C GLN E 305 -9.83 27.12 -19.84
N LEU E 306 -8.84 26.40 -19.32
CA LEU E 306 -9.00 25.00 -18.95
C LEU E 306 -10.21 24.80 -18.06
N ARG E 307 -10.22 25.49 -16.91
CA ARG E 307 -11.35 25.42 -15.98
C ARG E 307 -12.67 25.67 -16.70
N GLU E 308 -12.70 26.79 -17.42
CA GLU E 308 -13.88 27.22 -18.16
C GLU E 308 -14.37 26.16 -19.15
N ALA E 309 -13.44 25.38 -19.70
CA ALA E 309 -13.83 24.22 -20.52
C ALA E 309 -14.38 23.10 -19.65
N ALA E 310 -13.59 22.75 -18.63
CA ALA E 310 -13.93 21.67 -17.71
C ALA E 310 -15.35 21.82 -17.16
N THR E 311 -15.75 23.05 -16.84
CA THR E 311 -17.13 23.28 -16.43
C THR E 311 -18.09 22.72 -17.47
N GLU E 312 -17.96 23.19 -18.70
CA GLU E 312 -18.81 22.77 -19.81
C GLU E 312 -18.79 21.27 -19.95
N ALA E 313 -17.59 20.72 -20.03
CA ALA E 313 -17.43 19.28 -20.08
C ALA E 313 -18.29 18.62 -19.01
N GLU E 314 -18.00 18.94 -17.75
CA GLU E 314 -18.73 18.32 -16.65
C GLU E 314 -20.23 18.47 -16.82
N LYS E 315 -20.69 19.66 -17.20
CA LYS E 315 -22.11 19.85 -17.44
C LYS E 315 -22.64 18.88 -18.48
N GLN E 316 -21.91 18.75 -19.59
CA GLN E 316 -22.34 17.85 -20.66
C GLN E 316 -22.36 16.39 -20.16
N LEU E 317 -21.32 16.01 -19.42
CA LEU E 317 -21.29 14.72 -18.72
C LEU E 317 -22.56 14.53 -17.90
N GLN E 318 -22.84 15.49 -17.03
CA GLN E 318 -23.99 15.47 -16.14
C GLN E 318 -25.24 15.25 -16.95
N GLN E 319 -25.46 16.09 -17.95
CA GLN E 319 -26.65 15.93 -18.79
C GLN E 319 -26.69 14.51 -19.32
N TYR E 320 -25.64 14.11 -20.03
CA TYR E 320 -25.61 12.76 -20.58
C TYR E 320 -26.02 11.72 -19.53
N ALA E 321 -25.46 11.86 -18.32
CA ALA E 321 -25.84 11.02 -17.19
C ALA E 321 -27.34 11.08 -16.98
N GLU E 322 -27.89 12.27 -16.71
CA GLU E 322 -29.33 12.41 -16.50
C GLU E 322 -30.10 11.64 -17.57
N SER E 323 -29.77 11.95 -18.83
CA SER E 323 -30.46 11.33 -19.95
C SER E 323 -30.28 9.81 -20.00
N ARG E 324 -29.15 9.31 -19.50
CA ARG E 324 -28.98 7.87 -19.39
C ARG E 324 -29.82 7.32 -18.24
N GLU E 325 -30.00 8.12 -17.20
CA GLU E 325 -30.86 7.76 -16.08
C GLU E 325 -32.27 7.61 -16.58
N LEU E 326 -32.78 8.66 -17.24
CA LEU E 326 -34.15 8.61 -17.78
C LEU E 326 -34.42 7.27 -18.43
N ASP E 327 -33.60 6.95 -19.43
CA ASP E 327 -33.69 5.69 -20.15
C ASP E 327 -34.12 4.54 -19.23
N HIS E 328 -33.45 4.41 -18.10
CA HIS E 328 -33.64 3.27 -17.21
C HIS E 328 -35.06 3.16 -16.64
N LEU E 329 -35.71 4.30 -16.40
CA LEU E 329 -37.04 4.30 -15.80
C LEU E 329 -38.07 4.03 -16.92
N GLY E 330 -39.31 3.75 -16.56
CA GLY E 330 -40.37 3.48 -17.52
C GLY E 330 -40.92 4.73 -18.18
N LEU E 331 -40.66 4.89 -19.48
CA LEU E 331 -40.96 6.12 -20.21
C LEU E 331 -41.58 5.81 -21.57
N ASP E 332 -42.21 6.84 -22.14
CA ASP E 332 -42.46 6.89 -23.57
C ASP E 332 -41.37 7.76 -24.18
N ASP E 333 -40.96 7.41 -25.40
CA ASP E 333 -39.89 8.12 -26.09
C ASP E 333 -40.10 9.64 -26.07
N GLN E 334 -41.30 10.08 -26.43
CA GLN E 334 -41.65 11.49 -26.37
C GLN E 334 -41.52 12.08 -24.97
N GLU E 335 -41.97 11.32 -23.97
CA GLU E 335 -41.85 11.75 -22.58
C GLU E 335 -40.38 11.96 -22.24
N LYS E 336 -39.54 10.99 -22.62
CA LYS E 336 -38.11 11.12 -22.45
C LYS E 336 -37.61 12.37 -23.13
N LYS E 337 -37.98 12.55 -24.40
CA LYS E 337 -37.56 13.71 -25.17
C LYS E 337 -37.89 15.00 -24.41
N ILE E 338 -39.15 15.13 -24.00
CA ILE E 338 -39.57 16.34 -23.26
C ILE E 338 -38.82 16.49 -21.94
N LEU E 339 -38.58 15.38 -21.24
CA LEU E 339 -37.80 15.46 -20.01
C LEU E 339 -36.38 15.97 -20.29
N MET E 340 -35.70 15.37 -21.26
CA MET E 340 -34.35 15.83 -21.65
C MET E 340 -34.41 17.31 -22.03
N ASN E 341 -35.42 17.67 -22.82
CA ASN E 341 -35.66 19.06 -23.16
C ASN E 341 -35.72 19.92 -21.89
N PHE E 342 -36.43 19.42 -20.89
CA PHE E 342 -36.51 20.08 -19.58
C PHE E 342 -35.15 20.16 -18.88
N HIS E 343 -34.32 19.13 -19.02
CA HIS E 343 -32.95 19.17 -18.50
C HIS E 343 -32.17 20.29 -19.18
N GLN E 344 -32.20 20.30 -20.51
CA GLN E 344 -31.51 21.34 -21.27
C GLN E 344 -32.06 22.73 -20.92
N LYS E 345 -33.36 22.83 -20.66
CA LYS E 345 -33.99 24.07 -20.26
C LYS E 345 -33.52 24.54 -18.88
N LYS E 346 -33.57 23.64 -17.90
CA LYS E 346 -33.15 23.99 -16.54
C LYS E 346 -31.65 24.28 -16.48
N ASN E 347 -30.86 23.52 -17.25
CA ASN E 347 -29.41 23.71 -17.30
C ASN E 347 -29.03 24.97 -18.08
N GLU E 348 -29.83 25.29 -19.10
CA GLU E 348 -29.62 26.48 -19.94
C GLU E 348 -28.32 26.39 -20.73
N MET F 1 -26.74 9.15 -10.12
CA MET F 1 -26.05 9.96 -11.17
C MET F 1 -24.65 10.38 -10.70
N PRO F 2 -23.63 10.25 -11.57
CA PRO F 2 -22.26 10.65 -11.24
C PRO F 2 -22.12 12.05 -10.63
N GLY F 3 -21.18 12.18 -9.71
CA GLY F 3 -20.85 13.45 -9.08
C GLY F 3 -19.61 13.30 -8.21
N PRO F 4 -18.99 14.42 -7.82
CA PRO F 4 -17.77 14.34 -7.03
C PRO F 4 -18.08 13.84 -5.63
N GLU F 5 -17.21 13.02 -5.08
CA GLU F 5 -17.41 12.47 -3.75
C GLU F 5 -17.14 13.54 -2.70
N LEU F 6 -18.19 14.27 -2.36
CA LEU F 6 -18.07 15.41 -1.44
C LEU F 6 -17.88 14.99 0.02
N SER F 7 -18.25 13.75 0.34
CA SER F 7 -18.15 13.25 1.71
C SER F 7 -16.73 13.22 2.27
N GLY F 8 -15.71 13.16 1.41
CA GLY F 8 -14.31 13.10 1.85
C GLY F 8 -13.84 11.71 2.19
N TRP F 9 -14.77 10.87 2.66
CA TRP F 9 -14.49 9.49 3.05
C TRP F 9 -13.33 8.89 2.25
N ILE F 10 -13.51 8.79 0.94
CA ILE F 10 -12.52 8.15 0.08
C ILE F 10 -11.18 8.90 0.11
N SER F 11 -11.21 10.22 -0.06
CA SER F 11 -9.99 11.00 0.06
C SER F 11 -9.25 10.60 1.34
N GLU F 12 -9.99 10.65 2.45
CA GLU F 12 -9.47 10.25 3.75
C GLU F 12 -8.88 8.84 3.71
N GLN F 13 -9.59 7.89 3.11
CA GLN F 13 -9.10 6.52 3.01
C GLN F 13 -7.76 6.48 2.28
N LEU F 14 -7.70 7.17 1.14
CA LEU F 14 -6.49 7.18 0.32
C LEU F 14 -5.32 7.85 1.02
N MET F 15 -5.58 8.99 1.64
CA MET F 15 -4.55 9.73 2.34
C MET F 15 -4.07 8.98 3.58
N THR F 16 -4.99 8.31 4.28
CA THR F 16 -4.62 7.41 5.36
C THR F 16 -3.80 6.23 4.85
N GLY F 17 -4.17 5.73 3.68
CA GLY F 17 -3.57 4.53 3.13
C GLY F 17 -4.42 3.30 3.43
N ARG F 18 -5.67 3.53 3.84
CA ARG F 18 -6.63 2.45 4.05
C ARG F 18 -7.05 1.88 2.70
N ILE F 19 -7.01 2.72 1.68
CA ILE F 19 -7.17 2.30 0.30
C ILE F 19 -5.91 2.67 -0.48
N PRO F 20 -5.31 1.70 -1.18
CA PRO F 20 -4.12 2.02 -1.97
C PRO F 20 -4.45 2.91 -3.14
N VAL F 21 -3.71 4.00 -3.30
CA VAL F 21 -4.03 4.98 -4.35
C VAL F 21 -4.22 4.32 -5.71
N SER F 22 -3.38 3.35 -6.01
CA SER F 22 -3.43 2.64 -7.28
C SER F 22 -4.78 1.98 -7.57
N ASP F 23 -5.53 1.62 -6.52
CA ASP F 23 -6.90 1.11 -6.71
C ASP F 23 -7.82 2.11 -7.39
N ILE F 24 -7.48 3.39 -7.35
CA ILE F 24 -8.21 4.43 -8.07
C ILE F 24 -7.40 4.96 -9.25
N PHE F 25 -6.10 5.12 -9.05
CA PHE F 25 -5.24 5.65 -10.09
C PHE F 25 -4.71 4.50 -10.95
N CYS F 26 -5.40 4.24 -12.07
CA CYS F 26 -5.11 3.10 -12.92
C CYS F 26 -4.97 3.53 -14.37
N ASP F 27 -3.74 3.59 -14.86
CA ASP F 27 -3.49 4.06 -16.22
C ASP F 27 -3.80 3.01 -17.28
N ILE F 28 -3.87 1.74 -16.89
CA ILE F 28 -4.30 0.65 -17.80
C ILE F 28 -5.24 -0.32 -17.07
N ARG G 2 54.52 21.76 -34.90
CA ARG G 2 53.53 20.70 -34.50
C ARG G 2 54.13 19.60 -33.61
N VAL G 3 55.41 19.70 -33.27
CA VAL G 3 56.04 18.79 -32.32
C VAL G 3 56.28 19.53 -31.01
N ILE G 4 55.79 18.94 -29.92
CA ILE G 4 55.79 19.59 -28.61
C ILE G 4 56.84 18.95 -27.70
N PRO G 5 57.91 19.70 -27.37
CA PRO G 5 58.93 19.14 -26.48
C PRO G 5 58.44 19.06 -25.04
N VAL G 6 58.60 17.89 -24.41
CA VAL G 6 58.26 17.74 -22.99
C VAL G 6 59.54 17.52 -22.19
N TYR G 7 59.67 18.26 -21.10
CA TYR G 7 60.91 18.27 -20.32
C TYR G 7 60.81 17.35 -19.10
N GLN G 8 61.96 17.02 -18.52
CA GLN G 8 62.05 16.14 -17.36
C GLN G 8 62.98 16.75 -16.31
N VAL G 9 62.46 16.92 -15.10
CA VAL G 9 63.16 17.60 -14.01
C VAL G 9 62.96 16.85 -12.70
N ASN G 10 63.93 16.98 -11.79
CA ASN G 10 63.83 16.38 -10.47
C ASN G 10 62.75 17.08 -9.64
N ASN G 11 62.89 18.39 -9.47
CA ASN G 11 61.90 19.21 -8.79
C ASN G 11 60.91 19.81 -9.79
N LEU G 12 59.70 19.25 -9.80
CA LEU G 12 58.60 19.76 -10.65
C LEU G 12 57.89 20.92 -9.97
N GLU G 13 57.50 20.72 -8.72
CA GLU G 13 56.72 21.69 -7.94
C GLU G 13 57.24 23.14 -8.09
N GLU G 14 58.55 23.31 -8.02
CA GLU G 14 59.18 24.62 -8.19
C GLU G 14 58.92 25.18 -9.59
N ILE G 15 59.21 24.36 -10.60
CA ILE G 15 58.95 24.74 -12.00
C ILE G 15 57.49 25.15 -12.15
N CYS G 16 56.60 24.32 -11.62
CA CYS G 16 55.16 24.60 -11.66
C CYS G 16 54.83 25.94 -11.01
N GLN G 17 55.20 26.13 -9.74
CA GLN G 17 54.89 27.40 -9.07
C GLN G 17 55.48 28.60 -9.82
N LEU G 18 56.70 28.43 -10.33
CA LEU G 18 57.33 29.45 -11.16
C LEU G 18 56.57 29.71 -12.47
N ILE G 19 55.90 28.69 -13.01
CA ILE G 19 55.01 28.89 -14.16
C ILE G 19 53.76 29.66 -13.73
N ILE G 20 53.12 29.18 -12.66
CA ILE G 20 51.94 29.84 -12.09
C ILE G 20 52.23 31.33 -11.89
N GLN G 21 53.38 31.63 -11.28
CA GLN G 21 53.81 33.02 -11.12
C GLN G 21 53.94 33.76 -12.46
N ALA G 22 54.51 33.09 -13.46
CA ALA G 22 54.67 33.68 -14.79
C ALA G 22 53.32 34.02 -15.42
N PHE G 23 52.36 33.10 -15.28
CA PHE G 23 51.00 33.37 -15.74
C PHE G 23 50.34 34.48 -14.93
N GLU G 24 50.53 34.46 -13.61
CA GLU G 24 50.08 35.59 -12.76
C GLU G 24 50.61 36.92 -13.26
N ALA G 25 51.90 36.95 -13.62
CA ALA G 25 52.50 38.14 -14.23
C ALA G 25 51.89 38.41 -15.61
N GLY G 26 51.51 37.35 -16.30
CA GLY G 26 50.78 37.47 -17.57
C GLY G 26 51.70 37.44 -18.76
N VAL G 27 52.69 36.54 -18.71
CA VAL G 27 53.66 36.40 -19.80
C VAL G 27 52.98 35.75 -21.00
N ASP G 28 53.41 36.12 -22.20
CA ASP G 28 52.85 35.57 -23.42
C ASP G 28 53.75 34.46 -23.96
N PHE G 29 53.64 33.27 -23.36
CA PHE G 29 54.26 32.08 -23.93
C PHE G 29 53.61 31.81 -25.28
N GLN G 30 54.33 31.11 -26.15
CA GLN G 30 53.83 30.80 -27.48
C GLN G 30 54.06 29.33 -27.83
N GLU G 31 55.33 28.93 -27.90
CA GLU G 31 55.67 27.56 -28.21
C GLU G 31 55.64 26.69 -26.95
N SER G 32 56.28 27.19 -25.88
CA SER G 32 56.51 26.41 -24.66
C SER G 32 55.29 26.30 -23.73
N ALA G 33 54.28 27.14 -23.96
CA ALA G 33 53.02 27.06 -23.23
C ALA G 33 52.58 25.61 -23.12
N ASP G 34 52.59 24.91 -24.26
CA ASP G 34 52.22 23.50 -24.33
C ASP G 34 53.04 22.68 -23.35
N SER G 35 54.36 22.87 -23.34
CA SER G 35 55.28 22.16 -22.45
C SER G 35 55.01 22.46 -20.98
N PHE G 36 54.81 23.73 -20.65
CA PHE G 36 54.56 24.11 -19.25
C PHE G 36 53.22 23.58 -18.77
N LEU G 37 52.20 23.74 -19.59
CA LEU G 37 50.88 23.21 -19.26
C LEU G 37 50.97 21.68 -19.14
N LEU G 38 51.77 21.06 -20.02
CA LEU G 38 52.13 19.65 -19.90
C LEU G 38 52.71 19.35 -18.54
N MET G 39 53.66 20.16 -18.08
CA MET G 39 54.22 19.98 -16.74
C MET G 39 53.18 20.12 -15.64
N LEU G 40 52.39 21.18 -15.68
CA LEU G 40 51.32 21.38 -14.69
C LEU G 40 50.40 20.15 -14.64
N CYS G 41 49.91 19.77 -15.80
CA CYS G 41 49.02 18.62 -15.94
C CYS G 41 49.68 17.34 -15.44
N LEU G 42 50.95 17.13 -15.79
CA LEU G 42 51.74 16.02 -15.27
C LEU G 42 51.71 16.03 -13.76
N HIS G 43 52.23 17.10 -13.18
CA HIS G 43 52.35 17.24 -11.73
C HIS G 43 51.02 17.01 -11.04
N HIS G 44 49.96 17.67 -11.51
CA HIS G 44 48.67 17.53 -10.85
C HIS G 44 48.01 16.17 -11.09
N ALA G 45 47.74 15.88 -12.35
CA ALA G 45 46.99 14.69 -12.73
C ALA G 45 47.80 13.40 -12.63
N TYR G 46 48.96 13.38 -13.27
CA TYR G 46 49.74 12.14 -13.42
C TYR G 46 50.91 12.04 -12.44
N GLN G 47 50.91 12.90 -11.41
CA GLN G 47 51.81 12.78 -10.27
C GLN G 47 53.30 12.80 -10.64
N GLY G 48 53.62 13.34 -11.81
CA GLY G 48 54.99 13.34 -12.33
C GLY G 48 55.42 12.06 -13.05
N ASP G 49 54.56 11.03 -13.04
CA ASP G 49 54.90 9.76 -13.68
C ASP G 49 54.91 9.93 -15.20
N TYR G 50 56.09 10.11 -15.76
CA TYR G 50 56.23 10.36 -17.20
C TYR G 50 55.81 9.15 -18.03
N LYS G 51 56.19 7.97 -17.57
CA LYS G 51 55.79 6.70 -18.21
C LYS G 51 54.27 6.55 -18.20
N LEU G 52 53.69 6.65 -17.00
CA LEU G 52 52.23 6.56 -16.82
C LEU G 52 51.52 7.58 -17.71
N PHE G 53 51.99 8.83 -17.64
CA PHE G 53 51.47 9.92 -18.46
C PHE G 53 51.53 9.59 -19.95
N LEU G 54 52.70 9.21 -20.44
CA LEU G 54 52.90 8.95 -21.86
C LEU G 54 52.16 7.68 -22.32
N GLU G 55 51.90 6.76 -21.40
CA GLU G 55 51.09 5.58 -21.68
C GLU G 55 49.58 5.84 -21.62
N SER G 56 49.16 6.83 -20.82
CA SER G 56 47.73 7.15 -20.67
C SER G 56 47.04 7.52 -21.98
N GLY G 57 45.72 7.38 -22.00
CA GLY G 57 44.92 7.54 -23.21
C GLY G 57 45.10 8.87 -23.92
N ALA G 58 44.91 9.96 -23.19
CA ALA G 58 45.00 11.32 -23.74
C ALA G 58 46.18 11.48 -24.70
N VAL G 59 47.36 11.12 -24.20
CA VAL G 59 48.60 11.21 -24.97
C VAL G 59 48.47 10.40 -26.27
N LYS G 60 47.99 9.17 -26.17
CA LYS G 60 47.84 8.30 -27.34
C LYS G 60 46.87 8.90 -28.34
N TYR G 61 45.74 9.41 -27.85
CA TYR G 61 44.77 10.08 -28.71
C TYR G 61 45.37 11.30 -29.39
N LEU G 62 46.12 12.11 -28.65
CA LEU G 62 46.71 13.33 -29.21
C LEU G 62 47.80 13.00 -30.24
N GLU G 63 48.66 12.03 -29.91
CA GLU G 63 49.63 11.49 -30.86
C GLU G 63 48.93 10.97 -32.11
N GLY G 64 47.82 10.27 -31.92
CA GLY G 64 46.98 9.81 -33.02
C GLY G 64 46.38 10.95 -33.84
N HIS G 65 46.05 12.05 -33.15
CA HIS G 65 45.51 13.24 -33.79
C HIS G 65 46.56 13.97 -34.63
N GLY G 66 47.74 14.21 -34.05
CA GLY G 66 48.82 14.83 -34.82
C GLY G 66 49.94 15.50 -34.04
N PHE G 67 49.61 16.15 -32.93
CA PHE G 67 50.59 16.86 -32.13
C PHE G 67 51.42 15.87 -31.31
N ARG G 68 52.64 15.59 -31.76
CA ARG G 68 53.50 14.56 -31.16
C ARG G 68 54.53 15.14 -30.20
N PHE G 69 55.01 14.30 -29.27
CA PHE G 69 55.91 14.74 -28.20
C PHE G 69 57.33 14.22 -28.34
N GLU G 70 58.21 14.71 -27.46
CA GLU G 70 59.56 14.16 -27.30
C GLU G 70 60.14 14.58 -25.95
N VAL G 71 60.81 13.62 -25.28
CA VAL G 71 61.38 13.85 -23.95
C VAL G 71 62.66 14.67 -24.03
N LYS G 72 62.88 15.51 -23.02
CA LYS G 72 64.13 16.28 -22.89
C LYS G 72 64.54 16.34 -21.42
N LYS G 73 65.67 15.73 -21.09
CA LYS G 73 66.09 15.56 -19.70
C LYS G 73 66.89 16.76 -19.21
N ARG G 74 66.30 17.54 -18.31
CA ARG G 74 66.94 18.73 -17.74
C ARG G 74 66.78 18.73 -16.22
N ASP G 75 67.71 18.05 -15.54
CA ASP G 75 67.63 17.86 -14.09
C ASP G 75 68.04 19.11 -13.30
N GLY G 76 69.13 19.76 -13.71
CA GLY G 76 69.67 20.90 -12.98
C GLY G 76 69.08 22.22 -13.45
N VAL G 77 67.94 22.60 -12.87
CA VAL G 77 67.26 23.85 -13.20
C VAL G 77 66.62 24.49 -11.98
N LYS G 78 66.80 25.81 -11.82
CA LYS G 78 66.20 26.57 -10.73
C LYS G 78 65.26 27.64 -11.27
N ARG G 79 65.79 28.53 -12.12
CA ARG G 79 64.98 29.56 -12.77
C ARG G 79 64.31 29.01 -14.03
N LEU G 80 63.31 29.73 -14.54
CA LEU G 80 62.52 29.30 -15.69
C LEU G 80 63.18 29.70 -17.01
N GLU G 81 63.75 30.90 -17.04
CA GLU G 81 64.37 31.47 -18.25
C GLU G 81 65.31 30.51 -19.00
N GLU G 82 65.93 29.57 -18.27
CA GLU G 82 66.85 28.60 -18.88
C GLU G 82 66.19 27.43 -19.61
N LEU G 83 64.89 27.21 -19.41
CA LEU G 83 64.16 26.12 -20.08
C LEU G 83 63.53 26.57 -21.43
N LEU G 84 63.99 27.70 -21.96
CA LEU G 84 63.39 28.33 -23.15
C LEU G 84 64.27 28.45 -24.44
N PRO G 85 65.37 27.66 -24.58
CA PRO G 85 66.30 27.88 -25.74
C PRO G 85 65.90 27.41 -27.15
N ALA G 86 66.19 28.22 -28.19
CA ALA G 86 65.85 28.06 -29.66
C ALA G 86 64.63 28.97 -29.94
N VAL G 87 64.82 30.08 -30.63
CA VAL G 87 64.20 31.33 -30.16
C VAL G 87 62.70 31.72 -30.22
N SER G 88 62.18 31.98 -31.40
CA SER G 88 61.01 32.87 -31.51
C SER G 88 61.12 34.28 -30.81
N SER G 89 60.33 34.58 -29.76
CA SER G 89 60.37 35.88 -28.99
C SER G 89 60.97 35.81 -27.56
N GLY G 90 61.73 34.77 -27.36
CA GLY G 90 62.43 34.52 -26.08
C GLY G 90 63.12 35.65 -25.36
N LYS G 91 63.89 36.50 -26.02
CA LYS G 91 64.48 37.64 -25.28
C LYS G 91 63.40 38.62 -24.83
N ASN G 92 62.35 38.77 -25.63
CA ASN G 92 61.25 39.64 -25.23
C ASN G 92 60.54 39.03 -24.01
N ILE G 93 60.14 37.77 -24.16
CA ILE G 93 59.46 37.09 -23.04
C ILE G 93 60.38 37.10 -21.79
N LYS G 94 61.66 36.86 -22.00
CA LYS G 94 62.66 36.90 -20.94
C LYS G 94 62.63 38.23 -20.25
N ARG G 95 62.64 39.32 -21.04
CA ARG G 95 62.50 40.63 -20.41
C ARG G 95 61.32 40.59 -19.44
N THR G 96 60.20 40.04 -19.90
CA THR G 96 59.02 39.97 -19.03
C THR G 96 59.25 39.09 -17.77
N LEU G 97 60.05 38.03 -17.89
CA LEU G 97 60.37 37.19 -16.73
C LEU G 97 61.28 37.91 -15.74
N ALA G 98 62.42 38.40 -16.24
CA ALA G 98 63.35 39.20 -15.47
C ALA G 98 62.66 40.39 -14.81
N ALA G 99 61.66 40.95 -15.49
CA ALA G 99 60.85 42.02 -14.89
C ALA G 99 60.10 41.60 -13.61
N MET G 100 59.76 40.33 -13.49
CA MET G 100 58.99 39.84 -12.33
C MET G 100 59.75 40.01 -11.01
N PRO G 101 59.04 40.37 -9.92
CA PRO G 101 59.66 40.34 -8.60
C PRO G 101 59.82 38.90 -8.08
N GLU G 102 61.04 38.54 -7.67
CA GLU G 102 61.29 37.21 -7.10
C GLU G 102 60.84 37.09 -5.64
N GLU G 103 60.57 38.24 -5.00
CA GLU G 103 60.21 38.26 -3.58
C GLU G 103 58.92 37.52 -3.25
N GLU G 104 57.79 38.02 -3.75
CA GLU G 104 56.48 37.54 -3.35
C GLU G 104 56.12 36.21 -4.03
N THR G 105 55.25 35.44 -3.36
CA THR G 105 54.74 34.18 -3.88
C THR G 105 53.30 33.98 -3.42
N THR G 106 52.47 33.44 -4.33
CA THR G 106 51.07 33.17 -4.02
C THR G 106 50.87 31.70 -3.70
N GLU G 107 50.11 31.42 -2.66
CA GLU G 107 49.83 30.04 -2.26
C GLU G 107 48.81 29.38 -3.21
N ALA G 108 49.32 28.79 -4.29
CA ALA G 108 48.47 28.18 -5.32
C ALA G 108 49.25 27.18 -6.16
N ASN G 109 48.79 25.94 -6.18
CA ASN G 109 49.45 24.85 -6.92
C ASN G 109 48.70 24.51 -8.20
N ALA G 110 49.36 23.73 -9.06
CA ALA G 110 48.83 23.35 -10.38
C ALA G 110 47.31 23.15 -10.36
N GLY G 111 46.86 22.20 -9.55
CA GLY G 111 45.44 21.87 -9.44
C GLY G 111 44.52 23.07 -9.38
N GLN G 112 44.91 24.06 -8.58
CA GLN G 112 44.11 25.27 -8.41
C GLN G 112 44.06 26.07 -9.72
N PHE G 113 45.22 26.22 -10.36
CA PHE G 113 45.31 26.90 -11.65
C PHE G 113 44.50 26.18 -12.73
N LEU G 114 44.56 24.86 -12.72
CA LEU G 114 43.87 24.02 -13.70
C LEU G 114 42.36 24.02 -13.48
N SER G 115 41.93 24.00 -12.22
CA SER G 115 40.51 24.14 -11.90
C SER G 115 40.03 25.54 -12.29
N PHE G 116 40.82 26.55 -11.92
CA PHE G 116 40.51 27.92 -12.31
C PHE G 116 40.39 28.05 -13.83
N ALA G 117 41.27 27.39 -14.56
CA ALA G 117 41.15 27.31 -16.02
C ALA G 117 39.85 26.61 -16.40
N SER G 118 39.62 25.43 -15.82
CA SER G 118 38.41 24.65 -16.09
C SER G 118 37.15 25.52 -15.97
N LEU G 119 37.09 26.32 -14.92
CA LEU G 119 35.98 27.27 -14.74
C LEU G 119 35.56 27.99 -16.03
N PHE G 120 36.55 28.32 -16.88
CA PHE G 120 36.28 29.04 -18.13
C PHE G 120 35.52 28.22 -19.16
N LEU G 121 35.78 26.91 -19.20
CA LEU G 121 35.31 26.05 -20.28
C LEU G 121 33.85 26.28 -20.72
N PRO G 122 32.87 26.00 -19.85
CA PRO G 122 31.47 25.95 -20.29
C PRO G 122 31.07 27.06 -21.26
N LYS G 123 31.13 28.31 -20.83
CA LYS G 123 30.71 29.43 -21.67
C LYS G 123 31.84 29.98 -22.56
N LEU G 124 33.04 29.42 -22.45
CA LEU G 124 34.21 29.93 -23.19
C LEU G 124 33.87 30.34 -24.61
N VAL G 125 33.36 29.38 -25.37
CA VAL G 125 33.15 29.59 -26.81
C VAL G 125 32.05 30.62 -27.13
N VAL G 126 31.24 30.99 -26.15
CA VAL G 126 30.16 31.96 -26.37
C VAL G 126 30.72 33.38 -26.59
N GLY G 127 31.26 33.98 -25.54
CA GLY G 127 31.71 35.37 -25.62
C GLY G 127 32.47 35.80 -24.38
N GLU G 128 33.61 36.46 -24.59
CA GLU G 128 34.51 36.85 -23.50
C GLU G 128 33.73 37.27 -22.24
N LYS G 129 32.89 38.30 -22.38
CA LYS G 129 32.09 38.81 -21.25
C LYS G 129 31.26 37.72 -20.59
N ALA G 130 30.51 36.98 -21.40
CA ALA G 130 29.65 35.91 -20.88
C ALA G 130 30.47 34.88 -20.11
N CYS G 131 31.57 34.44 -20.71
CA CYS G 131 32.47 33.48 -20.10
C CYS G 131 33.03 34.00 -18.78
N LEU G 132 33.51 35.24 -18.78
CA LEU G 132 34.03 35.85 -17.54
C LEU G 132 32.95 35.93 -16.46
N GLU G 133 31.78 36.46 -16.83
CA GLU G 133 30.66 36.53 -15.89
C GLU G 133 30.36 35.15 -15.31
N LYS G 134 30.22 34.17 -16.21
CA LYS G 134 30.04 32.77 -15.82
C LYS G 134 31.10 32.36 -14.80
N VAL G 135 32.38 32.54 -15.16
CA VAL G 135 33.48 32.21 -14.26
C VAL G 135 33.25 32.84 -12.88
N GLN G 136 33.03 34.16 -12.88
CA GLN G 136 32.81 34.88 -11.62
C GLN G 136 31.68 34.26 -10.81
N ARG G 137 30.50 34.13 -11.42
CA ARG G 137 29.35 33.55 -10.73
C ARG G 137 29.63 32.14 -10.21
N GLN G 138 30.35 31.33 -11.01
CA GLN G 138 30.71 29.97 -10.58
C GLN G 138 31.70 29.98 -9.42
N ILE G 139 32.63 30.95 -9.42
CA ILE G 139 33.54 31.11 -8.29
C ILE G 139 32.76 31.52 -7.04
N GLN G 140 31.84 32.49 -7.21
CA GLN G 140 30.98 32.90 -6.09
C GLN G 140 30.16 31.72 -5.57
N VAL G 141 29.65 30.89 -6.48
CA VAL G 141 28.91 29.69 -6.11
C VAL G 141 29.79 28.63 -5.41
N HIS G 142 31.02 28.46 -5.90
CA HIS G 142 31.97 27.52 -5.27
C HIS G 142 32.43 27.98 -3.88
N ALA G 143 32.60 29.30 -3.74
CA ALA G 143 32.92 29.91 -2.44
C ALA G 143 31.72 29.85 -1.51
N GLU G 144 30.52 30.07 -2.05
CA GLU G 144 29.27 29.88 -1.31
C GLU G 144 29.14 28.43 -0.81
N GLN G 145 29.41 27.49 -1.71
CA GLN G 145 29.47 26.07 -1.36
C GLN G 145 30.52 25.82 -0.29
N GLY G 146 31.65 26.50 -0.42
CA GLY G 146 32.83 26.24 0.41
C GLY G 146 33.61 25.09 -0.18
N LEU G 147 33.55 24.96 -1.51
CA LEU G 147 34.23 23.88 -2.21
C LEU G 147 35.70 24.23 -2.44
N ILE G 148 35.95 25.52 -2.66
CA ILE G 148 37.32 26.00 -2.88
C ILE G 148 37.41 27.51 -2.68
N GLN G 149 38.58 27.97 -2.25
CA GLN G 149 38.88 29.40 -2.12
C GLN G 149 40.01 29.72 -3.10
N TYR G 150 39.72 30.58 -4.08
CA TYR G 150 40.72 30.99 -5.07
C TYR G 150 41.41 32.28 -4.63
N PRO G 151 42.66 32.51 -5.11
CA PRO G 151 43.36 33.73 -4.72
C PRO G 151 42.70 34.98 -5.31
N THR G 152 42.42 35.95 -4.45
CA THR G 152 41.79 37.22 -4.86
C THR G 152 42.60 37.98 -5.90
N ALA G 153 43.89 37.65 -6.02
CA ALA G 153 44.73 38.14 -7.11
C ALA G 153 44.20 37.70 -8.48
N TRP G 154 43.78 36.43 -8.56
CA TRP G 154 43.32 35.85 -9.83
C TRP G 154 42.00 36.43 -10.30
N GLN G 155 41.13 36.76 -9.35
CA GLN G 155 39.80 37.31 -9.68
C GLN G 155 39.84 38.70 -10.33
N SER G 156 41.03 39.26 -10.51
CA SER G 156 41.21 40.45 -11.34
C SER G 156 40.73 40.20 -12.76
N VAL G 157 40.24 41.26 -13.41
CA VAL G 157 39.68 41.15 -14.76
C VAL G 157 40.79 40.77 -15.74
N GLY G 158 41.82 41.62 -15.82
CA GLY G 158 42.95 41.40 -16.71
C GLY G 158 43.46 39.97 -16.71
N HIS G 159 43.65 39.43 -15.51
CA HIS G 159 44.07 38.04 -15.33
C HIS G 159 43.11 37.07 -16.02
N MET G 160 41.82 37.23 -15.71
CA MET G 160 40.78 36.39 -16.32
C MET G 160 40.79 36.52 -17.83
N MET G 161 41.03 37.73 -18.34
CA MET G 161 41.13 37.95 -19.77
C MET G 161 42.36 37.27 -20.38
N VAL G 162 43.48 37.33 -19.67
CA VAL G 162 44.71 36.63 -20.10
C VAL G 162 44.47 35.12 -20.15
N ILE G 163 44.03 34.55 -19.02
CA ILE G 163 43.74 33.12 -18.97
C ILE G 163 42.71 32.75 -20.04
N PHE G 164 41.67 33.56 -20.18
CA PHE G 164 40.68 33.36 -21.24
C PHE G 164 41.35 33.29 -22.60
N ARG G 165 42.18 34.29 -22.90
CA ARG G 165 42.90 34.32 -24.17
C ARG G 165 43.71 33.04 -24.35
N LEU G 166 44.39 32.64 -23.28
CA LEU G 166 45.17 31.38 -23.28
C LEU G 166 44.30 30.17 -23.62
N MET G 167 43.17 30.05 -22.93
CA MET G 167 42.24 28.93 -23.16
C MET G 167 41.68 28.95 -24.58
N ARG G 168 41.32 30.14 -25.06
CA ARG G 168 40.82 30.28 -26.42
C ARG G 168 41.90 29.92 -27.46
N THR G 169 43.12 30.42 -27.27
CA THR G 169 44.19 30.19 -28.25
C THR G 169 44.78 28.78 -28.21
N ASN G 170 44.88 28.18 -27.02
CA ASN G 170 45.48 26.85 -26.87
C ASN G 170 44.45 25.71 -26.85
N PHE G 171 44.83 24.58 -27.40
CA PHE G 171 43.97 23.40 -27.55
C PHE G 171 44.28 22.36 -26.46
N LEU G 172 45.56 21.98 -26.43
CA LEU G 172 46.08 20.98 -25.50
C LEU G 172 45.46 21.12 -24.11
N ILE G 173 45.67 22.26 -23.48
CA ILE G 173 45.14 22.52 -22.13
C ILE G 173 43.67 22.12 -22.02
N LYS G 174 42.87 22.52 -23.00
CA LYS G 174 41.45 22.22 -22.97
C LYS G 174 41.27 20.73 -23.10
N PHE G 175 41.97 20.13 -24.07
CA PHE G 175 41.85 18.68 -24.28
C PHE G 175 42.17 17.89 -23.01
N LEU G 176 43.24 18.27 -22.32
CA LEU G 176 43.66 17.60 -21.08
C LEU G 176 42.68 17.88 -19.95
N LEU G 177 42.32 19.15 -19.76
CA LEU G 177 41.32 19.51 -18.76
C LEU G 177 40.07 18.66 -18.94
N ILE G 178 39.50 18.70 -20.14
CA ILE G 178 38.27 17.93 -20.37
C ILE G 178 38.54 16.42 -20.22
N HIS G 179 39.66 15.93 -20.76
CA HIS G 179 39.98 14.51 -20.65
C HIS G 179 40.00 14.05 -19.19
N GLN G 180 40.62 14.87 -18.33
CA GLN G 180 40.62 14.62 -16.90
C GLN G 180 39.20 14.71 -16.34
N GLY G 181 38.48 15.75 -16.74
CA GLY G 181 37.09 15.94 -16.30
C GLY G 181 36.19 14.75 -16.55
N MET G 182 36.26 14.19 -17.77
CA MET G 182 35.39 13.07 -18.15
C MET G 182 36.04 11.69 -17.95
N HIS G 183 37.15 11.44 -18.64
CA HIS G 183 37.68 10.08 -18.77
C HIS G 183 38.22 9.54 -17.43
N MET G 184 39.36 10.06 -16.99
CA MET G 184 39.96 9.61 -15.74
C MET G 184 39.47 10.50 -14.59
N VAL G 185 38.34 10.11 -14.01
CA VAL G 185 37.67 10.89 -12.96
C VAL G 185 37.73 10.15 -11.61
N ALA G 186 38.94 9.77 -11.22
CA ALA G 186 39.20 9.15 -9.92
C ALA G 186 39.82 10.17 -8.97
N GLY G 187 40.02 9.77 -7.71
CA GLY G 187 40.62 10.63 -6.69
C GLY G 187 39.59 11.34 -5.83
N HIS G 188 40.04 11.84 -4.69
CA HIS G 188 39.18 12.50 -3.71
C HIS G 188 39.51 13.99 -3.56
N ASP G 189 40.18 14.55 -4.56
CA ASP G 189 40.63 15.95 -4.51
C ASP G 189 39.51 16.90 -4.91
N ALA G 190 39.54 18.12 -4.35
CA ALA G 190 38.54 19.15 -4.66
C ALA G 190 38.69 19.69 -6.08
N ASN G 191 39.92 20.10 -6.40
CA ASN G 191 40.24 20.61 -7.75
C ASN G 191 39.72 19.69 -8.85
N ASP G 192 39.97 18.39 -8.68
CA ASP G 192 39.47 17.37 -9.60
C ASP G 192 37.95 17.43 -9.72
N ALA G 193 37.27 17.59 -8.59
CA ALA G 193 35.81 17.71 -8.57
C ALA G 193 35.34 18.97 -9.27
N VAL G 194 36.04 20.08 -9.05
CA VAL G 194 35.70 21.35 -9.72
C VAL G 194 35.90 21.21 -11.24
N ILE G 195 37.02 20.62 -11.63
CA ILE G 195 37.31 20.35 -13.04
C ILE G 195 36.20 19.48 -13.63
N SER G 196 35.95 18.33 -13.00
CA SER G 196 34.91 17.40 -13.46
C SER G 196 33.56 18.10 -13.57
N ASN G 197 33.22 18.90 -12.58
CA ASN G 197 32.00 19.70 -12.59
C ASN G 197 31.95 20.67 -13.77
N SER G 198 32.99 21.48 -13.92
CA SER G 198 33.06 22.45 -15.02
C SER G 198 32.96 21.76 -16.39
N VAL G 199 33.73 20.68 -16.55
CA VAL G 199 33.73 19.90 -17.78
C VAL G 199 32.37 19.26 -18.03
N ALA G 200 31.74 18.74 -16.98
CA ALA G 200 30.38 18.24 -17.07
C ALA G 200 29.41 19.34 -17.48
N GLN G 201 29.62 20.55 -16.98
CA GLN G 201 28.83 21.71 -17.38
C GLN G 201 29.09 22.14 -18.84
N ALA G 202 30.31 21.92 -19.32
CA ALA G 202 30.68 22.32 -20.69
C ALA G 202 30.02 21.50 -21.80
N ARG G 203 29.56 20.29 -21.48
CA ARG G 203 29.00 19.38 -22.48
C ARG G 203 28.04 20.08 -23.44
N PHE G 204 28.33 19.94 -24.73
CA PHE G 204 27.53 20.51 -25.81
C PHE G 204 27.55 22.05 -25.91
N SER G 205 28.50 22.68 -25.23
CA SER G 205 28.67 24.12 -25.32
C SER G 205 28.77 24.53 -26.79
N GLY G 206 27.86 25.39 -27.23
CA GLY G 206 27.84 25.87 -28.61
C GLY G 206 26.94 25.08 -29.53
N LEU G 207 26.42 23.94 -29.07
CA LEU G 207 25.56 23.10 -29.90
C LEU G 207 24.13 23.03 -29.38
N LEU G 208 23.89 23.56 -28.18
CA LEU G 208 22.61 23.37 -27.49
C LEU G 208 21.42 23.68 -28.37
N ILE G 209 21.54 24.73 -29.19
CA ILE G 209 20.53 25.08 -30.19
C ILE G 209 20.26 23.89 -31.10
N VAL G 210 21.30 23.48 -31.83
CA VAL G 210 21.19 22.37 -32.76
C VAL G 210 20.58 21.17 -32.04
N LYS G 211 21.18 20.82 -30.91
CA LYS G 211 20.71 19.73 -30.07
C LYS G 211 19.21 19.83 -29.83
N THR G 212 18.73 20.98 -29.35
CA THR G 212 17.30 21.14 -29.06
C THR G 212 16.47 21.03 -30.33
N VAL G 213 16.94 21.65 -31.41
CA VAL G 213 16.24 21.51 -32.69
C VAL G 213 16.07 20.02 -32.98
N LEU G 214 17.14 19.25 -32.84
CA LEU G 214 17.09 17.81 -33.02
C LEU G 214 16.06 17.17 -32.07
N ASP G 215 16.13 17.54 -30.80
CA ASP G 215 15.15 17.10 -29.80
C ASP G 215 13.74 17.29 -30.31
N HIS G 216 13.49 18.44 -30.95
CA HIS G 216 12.16 18.72 -31.49
C HIS G 216 11.85 18.01 -32.80
N ILE G 217 12.87 17.75 -33.60
CA ILE G 217 12.71 16.92 -34.82
C ILE G 217 12.47 15.45 -34.46
N LEU G 218 12.88 15.04 -33.28
CA LEU G 218 12.54 13.71 -32.78
C LEU G 218 11.13 13.71 -32.20
N GLN G 219 10.58 12.51 -32.02
CA GLN G 219 9.25 12.35 -31.47
C GLN G 219 9.15 11.06 -30.65
N LYS G 220 8.72 11.18 -29.40
CA LYS G 220 8.44 10.02 -28.56
C LYS G 220 7.16 9.37 -29.06
N THR G 221 7.04 8.06 -28.81
CA THR G 221 5.79 7.35 -29.07
C THR G 221 5.83 5.96 -28.42
N GLU G 222 4.64 5.37 -28.27
CA GLU G 222 4.50 4.04 -27.65
C GLU G 222 5.54 3.07 -28.17
N ARG G 223 5.78 3.11 -29.48
CA ARG G 223 6.81 2.29 -30.13
C ARG G 223 8.17 3.00 -30.14
N GLY G 224 8.62 3.44 -28.96
CA GLY G 224 9.92 4.08 -28.83
C GLY G 224 9.95 5.47 -29.43
N VAL G 225 11.14 5.93 -29.79
CA VAL G 225 11.30 7.24 -30.40
C VAL G 225 11.36 7.08 -31.91
N ARG G 226 10.98 8.12 -32.63
CA ARG G 226 11.03 8.12 -34.08
C ARG G 226 11.33 9.51 -34.60
N LEU G 227 11.74 9.60 -35.85
CA LEU G 227 11.92 10.88 -36.49
C LEU G 227 10.53 11.45 -36.79
N HIS G 228 10.37 12.75 -36.57
CA HIS G 228 9.05 13.37 -36.67
C HIS G 228 8.53 13.39 -38.10
N PRO G 229 7.29 12.91 -38.31
CA PRO G 229 6.77 12.74 -39.67
C PRO G 229 6.96 13.95 -40.57
N LEU G 230 6.64 15.14 -40.08
CA LEU G 230 6.92 16.38 -40.80
C LEU G 230 8.29 16.36 -41.47
N ALA G 231 9.33 16.06 -40.72
CA ALA G 231 10.69 16.01 -41.25
C ALA G 231 10.84 15.03 -42.42
N ARG G 232 10.10 13.92 -42.38
CA ARG G 232 10.08 12.97 -43.50
C ARG G 232 9.44 13.53 -44.77
N THR G 233 8.80 14.70 -44.68
CA THR G 233 8.24 15.35 -45.86
C THR G 233 9.26 15.41 -47.02
N ALA G 234 8.74 15.48 -48.24
CA ALA G 234 9.59 15.42 -49.42
C ALA G 234 10.53 16.62 -49.55
N LYS G 235 9.97 17.83 -49.53
CA LYS G 235 10.75 19.04 -49.81
C LYS G 235 11.91 19.33 -48.84
N VAL G 236 11.97 18.63 -47.71
CA VAL G 236 13.05 18.80 -46.74
C VAL G 236 14.10 17.68 -46.87
N LYS G 237 13.78 16.68 -47.69
CA LYS G 237 14.59 15.46 -47.76
C LYS G 237 16.10 15.73 -47.85
N ASN G 238 16.52 16.57 -48.80
CA ASN G 238 17.94 16.89 -48.94
C ASN G 238 18.53 17.46 -47.66
N GLU G 239 17.79 18.41 -47.07
CA GLU G 239 18.23 19.03 -45.83
C GLU G 239 18.37 17.96 -44.75
N VAL G 240 17.36 17.08 -44.63
CA VAL G 240 17.45 15.98 -43.66
C VAL G 240 18.67 15.08 -43.96
N ASN G 241 18.96 14.81 -45.23
CA ASN G 241 20.12 13.99 -45.57
C ASN G 241 21.44 14.65 -45.18
N SER G 242 21.63 15.89 -45.65
CA SER G 242 22.82 16.65 -45.28
C SER G 242 22.97 16.72 -43.76
N PHE G 243 21.85 16.96 -43.08
CA PHE G 243 21.87 16.96 -41.62
C PHE G 243 22.34 15.63 -41.06
N LYS G 244 21.75 14.53 -41.55
CA LYS G 244 22.14 13.20 -41.13
C LYS G 244 23.65 13.03 -41.30
N ALA G 245 24.14 13.34 -42.50
CA ALA G 245 25.58 13.24 -42.78
C ALA G 245 26.39 14.04 -41.77
N ALA G 246 26.02 15.31 -41.59
CA ALA G 246 26.71 16.17 -40.62
C ALA G 246 26.74 15.52 -39.23
N LEU G 247 25.57 15.07 -38.79
CA LEU G 247 25.42 14.44 -37.49
C LEU G 247 26.26 13.17 -37.36
N SER G 248 26.40 12.42 -38.45
CA SER G 248 27.31 11.28 -38.47
C SER G 248 28.75 11.77 -38.30
N SER G 249 29.15 12.70 -39.18
CA SER G 249 30.52 13.22 -39.14
C SER G 249 30.87 13.81 -37.76
N LEU G 250 29.86 14.30 -37.05
CA LEU G 250 30.06 14.64 -35.63
C LEU G 250 30.17 13.39 -34.78
N ALA G 251 29.15 12.53 -34.86
CA ALA G 251 29.06 11.33 -34.01
C ALA G 251 30.33 10.50 -34.02
N LYS G 252 30.92 10.32 -35.20
CA LYS G 252 32.21 9.64 -35.33
C LYS G 252 33.25 10.05 -34.25
N HIS G 253 33.20 11.29 -33.78
CA HIS G 253 34.13 11.75 -32.74
C HIS G 253 33.95 11.13 -31.35
N GLY G 254 32.90 10.34 -31.16
CA GLY G 254 32.75 9.54 -29.94
C GLY G 254 32.50 10.38 -28.70
N GLU G 255 33.07 9.94 -27.58
CA GLU G 255 32.81 10.56 -26.27
C GLU G 255 33.14 12.06 -26.21
N TYR G 256 34.04 12.51 -27.09
CA TYR G 256 34.41 13.93 -27.14
C TYR G 256 33.44 14.78 -27.96
N ALA G 257 32.49 14.14 -28.64
CA ALA G 257 31.50 14.86 -29.45
C ALA G 257 30.90 16.10 -28.75
N PRO G 258 30.39 15.94 -27.51
CA PRO G 258 29.83 17.12 -26.83
C PRO G 258 30.78 18.31 -26.72
N PHE G 259 32.08 18.04 -26.75
CA PHE G 259 33.08 19.10 -26.72
C PHE G 259 33.68 19.33 -28.11
N ALA G 260 32.86 19.18 -29.15
CA ALA G 260 33.34 19.30 -30.53
C ALA G 260 33.55 20.75 -30.94
N ARG G 261 32.72 21.64 -30.38
CA ARG G 261 32.76 23.07 -30.71
C ARG G 261 33.84 23.79 -29.91
N LEU G 262 34.04 23.39 -28.65
CA LEU G 262 35.14 23.92 -27.84
C LEU G 262 36.47 23.57 -28.47
N LEU G 263 36.66 22.28 -28.73
CA LEU G 263 37.88 21.77 -29.35
C LEU G 263 37.97 22.14 -30.83
N ASN G 264 36.82 22.45 -31.44
CA ASN G 264 36.73 22.74 -32.87
C ASN G 264 37.22 21.53 -33.67
N LEU G 265 36.47 20.44 -33.58
CA LEU G 265 36.81 19.20 -34.28
C LEU G 265 36.48 19.34 -35.77
N SER G 266 36.61 18.25 -36.53
CA SER G 266 36.44 18.30 -37.99
C SER G 266 35.03 18.73 -38.44
N GLY G 267 34.05 17.85 -38.27
CA GLY G 267 32.71 18.06 -38.81
C GLY G 267 31.89 19.17 -38.15
N VAL G 268 32.28 19.56 -36.94
CA VAL G 268 31.51 20.48 -36.11
C VAL G 268 31.05 21.76 -36.83
N ASN G 269 31.86 22.26 -37.75
CA ASN G 269 31.52 23.45 -38.52
C ASN G 269 30.26 23.31 -39.38
N ASN G 270 29.92 22.08 -39.75
CA ASN G 270 28.73 21.82 -40.58
C ASN G 270 27.43 21.62 -39.80
N LEU G 271 27.42 21.98 -38.51
CA LEU G 271 26.21 21.89 -37.70
C LEU G 271 25.89 23.23 -37.04
N GLU G 272 25.20 24.09 -37.79
CA GLU G 272 24.63 25.32 -37.24
C GLU G 272 23.20 25.42 -37.70
N HIS G 273 22.31 25.86 -36.82
CA HIS G 273 20.88 25.94 -37.13
C HIS G 273 20.59 26.68 -38.45
N GLY G 274 21.35 27.74 -38.72
CA GLY G 274 21.23 28.51 -39.96
C GLY G 274 21.44 27.69 -41.22
N LEU G 275 22.25 26.64 -41.11
CA LEU G 275 22.47 25.71 -42.22
C LEU G 275 21.25 24.82 -42.47
N PHE G 276 20.33 24.75 -41.51
CA PHE G 276 19.16 23.89 -41.61
C PHE G 276 17.86 24.67 -41.33
N PRO G 277 17.53 25.61 -42.21
CA PRO G 277 16.40 26.52 -42.00
C PRO G 277 15.05 25.81 -41.94
N GLN G 278 14.75 24.93 -42.89
CA GLN G 278 13.46 24.23 -42.89
C GLN G 278 13.29 23.46 -41.60
N LEU G 279 14.30 22.65 -41.26
CA LEU G 279 14.25 21.85 -40.06
C LEU G 279 14.11 22.73 -38.83
N SER G 280 14.96 23.74 -38.72
CA SER G 280 14.86 24.71 -37.64
C SER G 280 13.41 25.21 -37.50
N ALA G 281 12.89 25.71 -38.62
CA ALA G 281 11.53 26.23 -38.69
C ALA G 281 10.52 25.21 -38.19
N ILE G 282 10.59 24.00 -38.72
CA ILE G 282 9.68 22.93 -38.29
C ILE G 282 9.78 22.78 -36.77
N ALA G 283 11.01 22.54 -36.29
CA ALA G 283 11.23 22.36 -34.86
C ALA G 283 10.58 23.48 -34.05
N LEU G 284 10.89 24.72 -34.43
CA LEU G 284 10.28 25.87 -33.77
C LEU G 284 8.76 25.80 -33.82
N GLY G 285 8.22 25.41 -34.96
CA GLY G 285 6.78 25.23 -35.11
C GLY G 285 6.24 24.23 -34.11
N VAL G 286 6.86 23.06 -34.04
CA VAL G 286 6.49 22.03 -33.08
C VAL G 286 6.54 22.60 -31.66
N ALA G 287 7.68 23.18 -31.30
CA ALA G 287 7.83 23.78 -29.99
C ALA G 287 6.66 24.72 -29.69
N THR G 288 6.47 25.69 -30.57
CA THR G 288 5.41 26.69 -30.41
C THR G 288 4.05 26.03 -30.28
N ALA G 289 3.80 24.99 -31.06
CA ALA G 289 2.56 24.23 -30.96
C ALA G 289 2.42 23.57 -29.58
N HIS G 290 3.50 23.01 -29.06
CA HIS G 290 3.47 22.41 -27.72
C HIS G 290 3.36 23.46 -26.62
N GLY G 291 3.80 24.68 -26.91
CA GLY G 291 3.64 25.79 -25.97
C GLY G 291 4.95 26.47 -25.67
N SER G 292 6.00 25.67 -25.47
CA SER G 292 7.34 26.21 -25.24
C SER G 292 7.86 26.90 -26.50
N THR G 293 8.82 27.80 -26.31
CA THR G 293 9.50 28.42 -27.44
C THR G 293 10.96 28.00 -27.45
N LEU G 294 11.56 28.04 -28.63
CA LEU G 294 12.88 27.50 -28.85
C LEU G 294 13.88 28.65 -28.89
N ALA G 295 14.94 28.53 -28.09
CA ALA G 295 15.91 29.62 -27.94
C ALA G 295 16.91 29.66 -29.08
N GLY G 296 17.36 30.87 -29.42
CA GLY G 296 18.44 31.06 -30.40
C GLY G 296 18.16 30.54 -31.80
N VAL G 297 16.91 30.66 -32.24
CA VAL G 297 16.53 30.20 -33.58
C VAL G 297 15.68 31.26 -34.29
N ASN G 298 16.35 32.27 -34.82
CA ASN G 298 15.71 33.24 -35.69
C ASN G 298 15.34 32.57 -37.00
N VAL G 299 14.07 32.72 -37.40
CA VAL G 299 13.53 32.02 -38.56
C VAL G 299 13.37 32.97 -39.75
N GLY G 300 13.61 32.44 -40.95
CA GLY G 300 13.51 33.23 -42.17
C GLY G 300 12.08 33.56 -42.54
N GLU G 301 11.91 34.72 -43.16
CA GLU G 301 10.57 35.27 -43.50
C GLU G 301 9.85 34.34 -44.48
N GLN G 302 10.61 33.69 -45.36
CA GLN G 302 10.05 32.68 -46.29
C GLN G 302 9.62 31.43 -45.52
N TYR G 303 10.31 31.14 -44.42
CA TYR G 303 10.04 29.94 -43.64
C TYR G 303 8.96 30.18 -42.57
N GLN G 304 8.69 31.44 -42.27
CA GLN G 304 7.60 31.81 -41.35
C GLN G 304 6.33 31.02 -41.69
N GLN G 305 5.96 31.03 -42.98
CA GLN G 305 4.88 30.21 -43.51
C GLN G 305 5.02 28.77 -43.04
N LEU G 306 6.16 28.16 -43.38
CA LEU G 306 6.44 26.77 -43.04
C LEU G 306 6.20 26.50 -41.55
N ARG G 307 6.92 27.24 -40.70
CA ARG G 307 6.76 27.12 -39.25
C ARG G 307 5.29 27.22 -38.85
N GLU G 308 4.67 28.30 -39.31
CA GLU G 308 3.27 28.60 -39.02
C GLU G 308 2.34 27.45 -39.43
N ALA G 309 2.68 26.72 -40.49
CA ALA G 309 1.95 25.50 -40.84
C ALA G 309 2.27 24.38 -39.87
N ALA G 310 3.57 24.14 -39.68
CA ALA G 310 4.07 23.09 -38.81
C ALA G 310 3.42 23.13 -37.43
N THR G 311 3.24 24.34 -36.88
CA THR G 311 2.51 24.46 -35.63
C THR G 311 1.15 23.77 -35.72
N GLU G 312 0.36 24.21 -36.70
CA GLU G 312 -0.98 23.67 -36.90
C GLU G 312 -0.93 22.17 -37.06
N ALA G 313 -0.07 21.72 -37.97
CA ALA G 313 0.14 20.30 -38.17
C ALA G 313 0.32 19.60 -36.83
N GLU G 314 1.37 20.00 -36.11
CA GLU G 314 1.67 19.37 -34.83
C GLU G 314 0.47 19.39 -33.90
N LYS G 315 -0.23 20.52 -33.81
CA LYS G 315 -1.44 20.57 -32.98
C LYS G 315 -2.44 19.51 -33.40
N GLN G 316 -2.67 19.39 -34.70
CA GLN G 316 -3.63 18.42 -35.20
C GLN G 316 -3.19 16.99 -34.90
N LEU G 317 -1.89 16.73 -35.10
CA LEU G 317 -1.27 15.48 -34.67
C LEU G 317 -1.60 15.20 -33.21
N GLN G 318 -1.27 16.17 -32.35
CA GLN G 318 -1.49 16.08 -30.92
C GLN G 318 -2.92 15.71 -30.63
N GLN G 319 -3.85 16.50 -31.17
CA GLN G 319 -5.26 16.20 -30.96
C GLN G 319 -5.55 14.76 -31.37
N TYR G 320 -5.25 14.43 -32.62
CA TYR G 320 -5.50 13.07 -33.08
C TYR G 320 -4.96 12.04 -32.08
N ALA G 321 -3.74 12.26 -31.60
CA ALA G 321 -3.13 11.43 -30.56
C ALA G 321 -4.06 11.35 -29.36
N GLU G 322 -4.36 12.49 -28.73
CA GLU G 322 -5.28 12.52 -27.58
C GLU G 322 -6.50 11.64 -27.84
N SER G 323 -7.17 11.93 -28.96
CA SER G 323 -8.40 11.22 -29.31
C SER G 323 -8.16 9.72 -29.54
N ARG G 324 -6.97 9.34 -29.99
CA ARG G 324 -6.63 7.92 -30.09
C ARG G 324 -6.38 7.33 -28.69
N GLU G 325 -5.85 8.16 -27.80
CA GLU G 325 -5.64 7.75 -26.41
C GLU G 325 -6.98 7.46 -25.77
N LEU G 326 -7.89 8.43 -25.86
CA LEU G 326 -9.23 8.25 -25.27
C LEU G 326 -9.77 6.86 -25.60
N ASP G 327 -9.85 6.58 -26.89
CA ASP G 327 -10.31 5.29 -27.39
C ASP G 327 -9.87 4.14 -26.49
N HIS G 328 -8.58 4.11 -26.16
CA HIS G 328 -8.00 2.99 -25.42
C HIS G 328 -8.58 2.77 -24.04
N LEU G 329 -8.98 3.85 -23.36
CA LEU G 329 -9.49 3.75 -22.01
C LEU G 329 -10.98 3.35 -22.09
N GLY G 330 -11.58 2.99 -20.95
CA GLY G 330 -12.99 2.60 -20.89
C GLY G 330 -13.95 3.77 -20.92
N LEU G 331 -14.69 3.91 -22.01
CA LEU G 331 -15.52 5.06 -22.29
C LEU G 331 -16.88 4.66 -22.83
N ASP G 332 -17.82 5.59 -22.76
CA ASP G 332 -19.01 5.58 -23.58
C ASP G 332 -18.77 6.52 -24.76
N ASP G 333 -19.31 6.17 -25.91
CA ASP G 333 -19.10 6.94 -27.14
C ASP G 333 -19.36 8.42 -26.92
N GLN G 334 -20.50 8.74 -26.31
CA GLN G 334 -20.83 10.12 -25.97
C GLN G 334 -19.80 10.76 -25.06
N GLU G 335 -19.34 10.01 -24.05
CA GLU G 335 -18.32 10.50 -23.14
C GLU G 335 -17.05 10.85 -23.93
N LYS G 336 -16.66 9.94 -24.81
CA LYS G 336 -15.53 10.21 -25.70
C LYS G 336 -15.79 11.49 -26.49
N LYS G 337 -16.96 11.57 -27.12
CA LYS G 337 -17.29 12.74 -27.92
C LYS G 337 -17.11 14.02 -27.11
N ILE G 338 -17.71 14.05 -25.92
CA ILE G 338 -17.60 15.24 -25.07
C ILE G 338 -16.15 15.50 -24.67
N LEU G 339 -15.40 14.44 -24.38
CA LEU G 339 -13.99 14.65 -24.05
C LEU G 339 -13.22 15.27 -25.22
N MET G 340 -13.36 14.69 -26.41
CA MET G 340 -12.74 15.26 -27.61
C MET G 340 -13.18 16.72 -27.79
N ASN G 341 -14.47 16.95 -27.63
CA ASN G 341 -15.01 18.31 -27.65
C ASN G 341 -14.24 19.19 -26.68
N PHE G 342 -13.98 18.67 -25.48
CA PHE G 342 -13.19 19.37 -24.47
C PHE G 342 -11.74 19.61 -24.92
N HIS G 343 -11.17 18.64 -25.65
CA HIS G 343 -9.84 18.83 -26.23
C HIS G 343 -9.87 19.99 -27.21
N GLN G 344 -10.82 19.94 -28.14
CA GLN G 344 -10.96 21.01 -29.13
C GLN G 344 -11.21 22.36 -28.45
N LYS G 345 -11.98 22.34 -27.35
CA LYS G 345 -12.24 23.56 -26.58
C LYS G 345 -10.99 24.11 -25.90
N LYS G 346 -10.26 23.24 -25.20
CA LYS G 346 -9.04 23.68 -24.51
C LYS G 346 -7.96 24.10 -25.52
N ASN G 347 -7.87 23.39 -26.64
CA ASN G 347 -6.89 23.71 -27.68
C ASN G 347 -7.29 24.96 -28.47
N GLU G 348 -8.60 25.18 -28.62
CA GLU G 348 -9.14 26.35 -29.33
C GLU G 348 -8.77 26.33 -30.81
N MET H 1 1.98 9.49 -24.63
CA MET H 1 1.52 10.28 -25.81
C MET H 1 2.71 10.92 -26.53
N PRO H 2 2.73 10.84 -27.88
CA PRO H 2 3.80 11.44 -28.67
C PRO H 2 4.12 12.89 -28.32
N GLY H 3 5.41 13.22 -28.38
CA GLY H 3 5.92 14.55 -28.07
C GLY H 3 7.41 14.60 -28.32
N PRO H 4 7.99 15.81 -28.40
CA PRO H 4 9.42 15.91 -28.65
C PRO H 4 10.21 15.45 -27.43
N GLU H 5 11.30 14.75 -27.67
CA GLU H 5 12.11 14.22 -26.58
C GLU H 5 12.95 15.33 -25.97
N LEU H 6 12.38 15.98 -24.98
CA LEU H 6 13.00 17.13 -24.33
C LEU H 6 14.16 16.75 -23.40
N SER H 7 14.19 15.49 -22.97
CA SER H 7 15.23 15.02 -22.06
C SER H 7 16.67 15.11 -22.62
N GLY H 8 16.81 15.11 -23.94
CA GLY H 8 18.13 15.17 -24.58
C GLY H 8 18.80 13.82 -24.71
N TRP H 9 18.51 12.92 -23.77
CA TRP H 9 19.09 11.58 -23.74
C TRP H 9 19.42 11.06 -25.14
N ILE H 10 18.40 10.92 -25.98
CA ILE H 10 18.59 10.35 -27.32
C ILE H 10 19.51 11.21 -28.17
N SER H 11 19.28 12.52 -28.21
CA SER H 11 20.18 13.42 -28.93
C SER H 11 21.63 13.11 -28.53
N GLU H 12 21.85 13.12 -27.21
CA GLU H 12 23.14 12.78 -26.63
C GLU H 12 23.66 11.42 -27.13
N GLN H 13 22.79 10.42 -27.12
CA GLN H 13 23.19 9.08 -27.60
C GLN H 13 23.66 9.14 -29.05
N LEU H 14 22.87 9.82 -29.89
CA LEU H 14 23.18 9.92 -31.31
C LEU H 14 24.46 10.70 -31.57
N MET H 15 24.61 11.82 -30.88
CA MET H 15 25.79 12.67 -31.04
C MET H 15 27.05 11.99 -30.50
N THR H 16 26.90 11.26 -29.38
CA THR H 16 27.99 10.41 -28.89
C THR H 16 28.32 9.30 -29.89
N GLY H 17 27.29 8.75 -30.51
CA GLY H 17 27.43 7.59 -31.38
C GLY H 17 27.12 6.30 -30.63
N ARG H 18 26.48 6.43 -29.48
CA ARG H 18 26.03 5.27 -28.72
C ARG H 18 24.83 4.64 -29.43
N ILE H 19 24.09 5.46 -30.16
CA ILE H 19 23.05 4.99 -31.07
C ILE H 19 23.41 5.47 -32.49
N PRO H 20 23.43 4.54 -33.46
CA PRO H 20 23.75 4.94 -34.83
C PRO H 20 22.61 5.77 -35.42
N VAL H 21 22.95 6.92 -35.99
CA VAL H 21 21.93 7.86 -36.49
C VAL H 21 20.90 7.14 -37.37
N SER H 22 21.38 6.24 -38.22
CA SER H 22 20.55 5.50 -39.15
C SER H 22 19.42 4.71 -38.46
N ASP H 23 19.63 4.31 -37.20
CA ASP H 23 18.58 3.66 -36.43
C ASP H 23 17.34 4.54 -36.25
N ILE H 24 17.49 5.86 -36.40
CA ILE H 24 16.34 6.76 -36.37
C ILE H 24 16.12 7.45 -37.73
N PHE H 25 17.19 7.71 -38.48
CA PHE H 25 17.08 8.30 -39.82
C PHE H 25 16.95 7.18 -40.85
N CYS H 26 15.71 6.87 -41.20
CA CYS H 26 15.38 5.73 -42.06
C CYS H 26 14.49 6.16 -43.22
N ASP H 27 15.07 6.24 -44.41
CA ASP H 27 14.33 6.73 -45.56
C ASP H 27 13.37 5.67 -46.15
N ILE H 28 13.59 4.40 -45.83
CA ILE H 28 12.66 3.33 -46.22
C ILE H 28 12.46 2.36 -45.06
#